data_1W24
# 
_entry.id   1W24 
# 
_audit_conform.dict_name       mmcif_pdbx.dic 
_audit_conform.dict_version    5.391 
_audit_conform.dict_location   http://mmcif.pdb.org/dictionaries/ascii/mmcif_pdbx.dic 
# 
loop_
_database_2.database_id 
_database_2.database_code 
_database_2.pdbx_database_accession 
_database_2.pdbx_DOI 
PDB   1W24         pdb_00001w24 10.2210/pdb1w24/pdb 
PDBE  EBI-20246    ?            ?                   
WWPDB D_1290020246 ?            ?                   
# 
loop_
_pdbx_audit_revision_history.ordinal 
_pdbx_audit_revision_history.data_content_type 
_pdbx_audit_revision_history.major_revision 
_pdbx_audit_revision_history.minor_revision 
_pdbx_audit_revision_history.revision_date 
1 'Structure model' 1 0 2005-03-23 
2 'Structure model' 1 1 2011-05-08 
3 'Structure model' 1 2 2011-07-13 
4 'Structure model' 1 3 2017-06-28 
5 'Structure model' 1 4 2024-05-08 
# 
_pdbx_audit_revision_details.ordinal             1 
_pdbx_audit_revision_details.revision_ordinal    1 
_pdbx_audit_revision_details.data_content_type   'Structure model' 
_pdbx_audit_revision_details.provider            repository 
_pdbx_audit_revision_details.type                'Initial release' 
_pdbx_audit_revision_details.description         ? 
_pdbx_audit_revision_details.details             ? 
# 
loop_
_pdbx_audit_revision_group.ordinal 
_pdbx_audit_revision_group.revision_ordinal 
_pdbx_audit_revision_group.data_content_type 
_pdbx_audit_revision_group.group 
1 2 'Structure model' 'Version format compliance' 
2 3 'Structure model' 'Version format compliance' 
3 4 'Structure model' 'Data collection'           
4 5 'Structure model' 'Data collection'           
5 5 'Structure model' 'Database references'       
6 5 'Structure model' Other                       
# 
loop_
_pdbx_audit_revision_category.ordinal 
_pdbx_audit_revision_category.revision_ordinal 
_pdbx_audit_revision_category.data_content_type 
_pdbx_audit_revision_category.category 
1 4 'Structure model' diffrn_source        
2 5 'Structure model' chem_comp_atom       
3 5 'Structure model' chem_comp_bond       
4 5 'Structure model' database_2           
5 5 'Structure model' pdbx_database_status 
# 
loop_
_pdbx_audit_revision_item.ordinal 
_pdbx_audit_revision_item.revision_ordinal 
_pdbx_audit_revision_item.data_content_type 
_pdbx_audit_revision_item.item 
1 4 'Structure model' '_diffrn_source.type'                  
2 5 'Structure model' '_database_2.pdbx_DOI'                 
3 5 'Structure model' '_database_2.pdbx_database_accession'  
4 5 'Structure model' '_pdbx_database_status.status_code_sf' 
# 
_pdbx_database_status.status_code                     REL 
_pdbx_database_status.entry_id                        1W24 
_pdbx_database_status.deposit_site                    PDBE 
_pdbx_database_status.process_site                    PDBE 
_pdbx_database_status.SG_entry                        . 
_pdbx_database_status.recvd_initial_deposition_date   2004-06-26 
_pdbx_database_status.pdb_format_compatible           Y 
_pdbx_database_status.status_code_sf                  REL 
_pdbx_database_status.status_code_mr                  ? 
_pdbx_database_status.status_code_cs                  ? 
_pdbx_database_status.methods_development_category    ? 
_pdbx_database_status.status_code_nmr_data            ? 
# 
loop_
_audit_author.name 
_audit_author.pdbx_ordinal 
'Wang, D.' 1 
'Guo, M.'  2 
'Teng, M.' 3 
'Niu, L.'  4 
# 
_citation.id                        primary 
_citation.title                     
;Crystal Structure of Human Vacuolar Protein Sorting Protein 29 Reveals a Phosphodiesterase/Nuclease-Like Fold and Two Protein-Protein Interaction Sites.
;
_citation.journal_abbrev            J.Biol.Chem. 
_citation.journal_volume            280 
_citation.page_first                22962 
_citation.page_last                 ? 
_citation.year                      2005 
_citation.journal_id_ASTM           JBCHA3 
_citation.country                   US 
_citation.journal_id_ISSN           0021-9258 
_citation.journal_id_CSD            0071 
_citation.book_publisher            ? 
_citation.pdbx_database_id_PubMed   15788412 
_citation.pdbx_database_id_DOI      10.1074/JBC.M500464200 
# 
loop_
_citation_author.citation_id 
_citation_author.name 
_citation_author.ordinal 
_citation_author.identifier_ORCID 
primary 'Wang, D.'  1  ? 
primary 'Guo, M.'   2  ? 
primary 'Liang, Z.' 3  ? 
primary 'Fan, J.'   4  ? 
primary 'Zhu, Z.'   5  ? 
primary 'Zang, J.'  6  ? 
primary 'Zhu, Z.'   7  ? 
primary 'Li, X.'    8  ? 
primary 'Teng, M.'  9  ? 
primary 'Niu, L.'   10 ? 
primary 'Dong, Y.'  11 ? 
primary 'Liu, P.'   12 ? 
# 
loop_
_entity.id 
_entity.type 
_entity.src_method 
_entity.pdbx_description 
_entity.formula_weight 
_entity.pdbx_number_of_molecules 
_entity.pdbx_ec 
_entity.pdbx_mutation 
_entity.pdbx_fragment 
_entity.details 
1 polymer man 'VACUOLAR PROTEIN SORTING PROTEIN 29' 20531.705 1  ? ? ? ? 
2 water   nat water                                 18.015    48 ? ? ? ? 
# 
_entity_name_com.entity_id   1 
_entity_name_com.name        'VESICLE PROTEIN SORTING 29' 
# 
_entity_poly.entity_id                      1 
_entity_poly.type                           'polypeptide(L)' 
_entity_poly.nstd_linkage                   no 
_entity_poly.nstd_monomer                   no 
_entity_poly.pdbx_seq_one_letter_code       
;MLVLVLGDLHIPHRCNSLPAKFKKLLVPGKIQHILCTGNLCTKESYDYLKTLAGDVHIVRGDFDENLNYPEQKVVTVGQF
KIGLIHGHQVIPWGDMASLALLQRQFDVDILISGHTHKFEAFEHENKFYINPGSATGAYNALETNIIPSFVLMDIQASTV
VTYVYQLIGDDVKVERIEYKKP
;
_entity_poly.pdbx_seq_one_letter_code_can   
;MLVLVLGDLHIPHRCNSLPAKFKKLLVPGKIQHILCTGNLCTKESYDYLKTLAGDVHIVRGDFDENLNYPEQKVVTVGQF
KIGLIHGHQVIPWGDMASLALLQRQFDVDILISGHTHKFEAFEHENKFYINPGSATGAYNALETNIIPSFVLMDIQASTV
VTYVYQLIGDDVKVERIEYKKP
;
_entity_poly.pdbx_strand_id                 A 
_entity_poly.pdbx_target_identifier         ? 
# 
_pdbx_entity_nonpoly.entity_id   2 
_pdbx_entity_nonpoly.name        water 
_pdbx_entity_nonpoly.comp_id     HOH 
# 
loop_
_entity_poly_seq.entity_id 
_entity_poly_seq.num 
_entity_poly_seq.mon_id 
_entity_poly_seq.hetero 
1 1   MET n 
1 2   LEU n 
1 3   VAL n 
1 4   LEU n 
1 5   VAL n 
1 6   LEU n 
1 7   GLY n 
1 8   ASP n 
1 9   LEU n 
1 10  HIS n 
1 11  ILE n 
1 12  PRO n 
1 13  HIS n 
1 14  ARG n 
1 15  CYS n 
1 16  ASN n 
1 17  SER n 
1 18  LEU n 
1 19  PRO n 
1 20  ALA n 
1 21  LYS n 
1 22  PHE n 
1 23  LYS n 
1 24  LYS n 
1 25  LEU n 
1 26  LEU n 
1 27  VAL n 
1 28  PRO n 
1 29  GLY n 
1 30  LYS n 
1 31  ILE n 
1 32  GLN n 
1 33  HIS n 
1 34  ILE n 
1 35  LEU n 
1 36  CYS n 
1 37  THR n 
1 38  GLY n 
1 39  ASN n 
1 40  LEU n 
1 41  CYS n 
1 42  THR n 
1 43  LYS n 
1 44  GLU n 
1 45  SER n 
1 46  TYR n 
1 47  ASP n 
1 48  TYR n 
1 49  LEU n 
1 50  LYS n 
1 51  THR n 
1 52  LEU n 
1 53  ALA n 
1 54  GLY n 
1 55  ASP n 
1 56  VAL n 
1 57  HIS n 
1 58  ILE n 
1 59  VAL n 
1 60  ARG n 
1 61  GLY n 
1 62  ASP n 
1 63  PHE n 
1 64  ASP n 
1 65  GLU n 
1 66  ASN n 
1 67  LEU n 
1 68  ASN n 
1 69  TYR n 
1 70  PRO n 
1 71  GLU n 
1 72  GLN n 
1 73  LYS n 
1 74  VAL n 
1 75  VAL n 
1 76  THR n 
1 77  VAL n 
1 78  GLY n 
1 79  GLN n 
1 80  PHE n 
1 81  LYS n 
1 82  ILE n 
1 83  GLY n 
1 84  LEU n 
1 85  ILE n 
1 86  HIS n 
1 87  GLY n 
1 88  HIS n 
1 89  GLN n 
1 90  VAL n 
1 91  ILE n 
1 92  PRO n 
1 93  TRP n 
1 94  GLY n 
1 95  ASP n 
1 96  MET n 
1 97  ALA n 
1 98  SER n 
1 99  LEU n 
1 100 ALA n 
1 101 LEU n 
1 102 LEU n 
1 103 GLN n 
1 104 ARG n 
1 105 GLN n 
1 106 PHE n 
1 107 ASP n 
1 108 VAL n 
1 109 ASP n 
1 110 ILE n 
1 111 LEU n 
1 112 ILE n 
1 113 SER n 
1 114 GLY n 
1 115 HIS n 
1 116 THR n 
1 117 HIS n 
1 118 LYS n 
1 119 PHE n 
1 120 GLU n 
1 121 ALA n 
1 122 PHE n 
1 123 GLU n 
1 124 HIS n 
1 125 GLU n 
1 126 ASN n 
1 127 LYS n 
1 128 PHE n 
1 129 TYR n 
1 130 ILE n 
1 131 ASN n 
1 132 PRO n 
1 133 GLY n 
1 134 SER n 
1 135 ALA n 
1 136 THR n 
1 137 GLY n 
1 138 ALA n 
1 139 TYR n 
1 140 ASN n 
1 141 ALA n 
1 142 LEU n 
1 143 GLU n 
1 144 THR n 
1 145 ASN n 
1 146 ILE n 
1 147 ILE n 
1 148 PRO n 
1 149 SER n 
1 150 PHE n 
1 151 VAL n 
1 152 LEU n 
1 153 MET n 
1 154 ASP n 
1 155 ILE n 
1 156 GLN n 
1 157 ALA n 
1 158 SER n 
1 159 THR n 
1 160 VAL n 
1 161 VAL n 
1 162 THR n 
1 163 TYR n 
1 164 VAL n 
1 165 TYR n 
1 166 GLN n 
1 167 LEU n 
1 168 ILE n 
1 169 GLY n 
1 170 ASP n 
1 171 ASP n 
1 172 VAL n 
1 173 LYS n 
1 174 VAL n 
1 175 GLU n 
1 176 ARG n 
1 177 ILE n 
1 178 GLU n 
1 179 TYR n 
1 180 LYS n 
1 181 LYS n 
1 182 PRO n 
# 
_entity_src_gen.entity_id                          1 
_entity_src_gen.pdbx_src_id                        1 
_entity_src_gen.pdbx_alt_source_flag               sample 
_entity_src_gen.pdbx_seq_type                      ? 
_entity_src_gen.pdbx_beg_seq_num                   ? 
_entity_src_gen.pdbx_end_seq_num                   ? 
_entity_src_gen.gene_src_common_name               HUMAN 
_entity_src_gen.gene_src_genus                     ? 
_entity_src_gen.pdbx_gene_src_gene                 ? 
_entity_src_gen.gene_src_species                   ? 
_entity_src_gen.gene_src_strain                    ? 
_entity_src_gen.gene_src_tissue                    ? 
_entity_src_gen.gene_src_tissue_fraction           ? 
_entity_src_gen.gene_src_details                   ? 
_entity_src_gen.pdbx_gene_src_fragment             ? 
_entity_src_gen.pdbx_gene_src_scientific_name      'HOMO SAPIENS' 
_entity_src_gen.pdbx_gene_src_ncbi_taxonomy_id     9606 
_entity_src_gen.pdbx_gene_src_variant              ? 
_entity_src_gen.pdbx_gene_src_cell_line            ? 
_entity_src_gen.pdbx_gene_src_atcc                 ? 
_entity_src_gen.pdbx_gene_src_organ                BRAIN 
_entity_src_gen.pdbx_gene_src_organelle            ? 
_entity_src_gen.pdbx_gene_src_cell                 ? 
_entity_src_gen.pdbx_gene_src_cellular_location    ? 
_entity_src_gen.host_org_common_name               ? 
_entity_src_gen.pdbx_host_org_scientific_name      'ESCHERICHIA COLI' 
_entity_src_gen.pdbx_host_org_ncbi_taxonomy_id     469008 
_entity_src_gen.host_org_genus                     ? 
_entity_src_gen.pdbx_host_org_gene                 ? 
_entity_src_gen.pdbx_host_org_organ                ? 
_entity_src_gen.host_org_species                   ? 
_entity_src_gen.pdbx_host_org_tissue               ? 
_entity_src_gen.pdbx_host_org_tissue_fraction      ? 
_entity_src_gen.pdbx_host_org_strain               'BL21(DE3)' 
_entity_src_gen.pdbx_host_org_variant              ? 
_entity_src_gen.pdbx_host_org_cell_line            ? 
_entity_src_gen.pdbx_host_org_atcc                 ? 
_entity_src_gen.pdbx_host_org_culture_collection   ? 
_entity_src_gen.pdbx_host_org_cell                 ? 
_entity_src_gen.pdbx_host_org_organelle            ? 
_entity_src_gen.pdbx_host_org_cellular_location    ? 
_entity_src_gen.pdbx_host_org_vector_type          ? 
_entity_src_gen.pdbx_host_org_vector               PET22B 
_entity_src_gen.host_org_details                   ? 
_entity_src_gen.expression_system_id               ? 
_entity_src_gen.plasmid_name                       ? 
_entity_src_gen.plasmid_details                    ? 
_entity_src_gen.pdbx_description                   ? 
# 
loop_
_chem_comp.id 
_chem_comp.type 
_chem_comp.mon_nstd_flag 
_chem_comp.name 
_chem_comp.pdbx_synonyms 
_chem_comp.formula 
_chem_comp.formula_weight 
ALA 'L-peptide linking' y ALANINE         ? 'C3 H7 N O2'     89.093  
ARG 'L-peptide linking' y ARGININE        ? 'C6 H15 N4 O2 1' 175.209 
ASN 'L-peptide linking' y ASPARAGINE      ? 'C4 H8 N2 O3'    132.118 
ASP 'L-peptide linking' y 'ASPARTIC ACID' ? 'C4 H7 N O4'     133.103 
CYS 'L-peptide linking' y CYSTEINE        ? 'C3 H7 N O2 S'   121.158 
GLN 'L-peptide linking' y GLUTAMINE       ? 'C5 H10 N2 O3'   146.144 
GLU 'L-peptide linking' y 'GLUTAMIC ACID' ? 'C5 H9 N O4'     147.129 
GLY 'peptide linking'   y GLYCINE         ? 'C2 H5 N O2'     75.067  
HIS 'L-peptide linking' y HISTIDINE       ? 'C6 H10 N3 O2 1' 156.162 
HOH non-polymer         . WATER           ? 'H2 O'           18.015  
ILE 'L-peptide linking' y ISOLEUCINE      ? 'C6 H13 N O2'    131.173 
LEU 'L-peptide linking' y LEUCINE         ? 'C6 H13 N O2'    131.173 
LYS 'L-peptide linking' y LYSINE          ? 'C6 H15 N2 O2 1' 147.195 
MET 'L-peptide linking' y METHIONINE      ? 'C5 H11 N O2 S'  149.211 
PHE 'L-peptide linking' y PHENYLALANINE   ? 'C9 H11 N O2'    165.189 
PRO 'L-peptide linking' y PROLINE         ? 'C5 H9 N O2'     115.130 
SER 'L-peptide linking' y SERINE          ? 'C3 H7 N O3'     105.093 
THR 'L-peptide linking' y THREONINE       ? 'C4 H9 N O3'     119.119 
TRP 'L-peptide linking' y TRYPTOPHAN      ? 'C11 H12 N2 O2'  204.225 
TYR 'L-peptide linking' y TYROSINE        ? 'C9 H11 N O3'    181.189 
VAL 'L-peptide linking' y VALINE          ? 'C5 H11 N O2'    117.146 
# 
loop_
_pdbx_poly_seq_scheme.asym_id 
_pdbx_poly_seq_scheme.entity_id 
_pdbx_poly_seq_scheme.seq_id 
_pdbx_poly_seq_scheme.mon_id 
_pdbx_poly_seq_scheme.ndb_seq_num 
_pdbx_poly_seq_scheme.pdb_seq_num 
_pdbx_poly_seq_scheme.auth_seq_num 
_pdbx_poly_seq_scheme.pdb_mon_id 
_pdbx_poly_seq_scheme.auth_mon_id 
_pdbx_poly_seq_scheme.pdb_strand_id 
_pdbx_poly_seq_scheme.pdb_ins_code 
_pdbx_poly_seq_scheme.hetero 
A 1 1   MET 1   1   1   MET MET A . n 
A 1 2   LEU 2   2   2   LEU LEU A . n 
A 1 3   VAL 3   3   3   VAL VAL A . n 
A 1 4   LEU 4   4   4   LEU LEU A . n 
A 1 5   VAL 5   5   5   VAL VAL A . n 
A 1 6   LEU 6   6   6   LEU LEU A . n 
A 1 7   GLY 7   7   7   GLY GLY A . n 
A 1 8   ASP 8   8   8   ASP ASP A . n 
A 1 9   LEU 9   9   9   LEU LEU A . n 
A 1 10  HIS 10  10  10  HIS HIS A . n 
A 1 11  ILE 11  11  11  ILE ILE A . n 
A 1 12  PRO 12  12  12  PRO PRO A . n 
A 1 13  HIS 13  13  13  HIS HIS A . n 
A 1 14  ARG 14  14  14  ARG ARG A . n 
A 1 15  CYS 15  15  15  CYS CYS A . n 
A 1 16  ASN 16  16  16  ASN ASN A . n 
A 1 17  SER 17  17  17  SER SER A . n 
A 1 18  LEU 18  18  18  LEU LEU A . n 
A 1 19  PRO 19  19  19  PRO PRO A . n 
A 1 20  ALA 20  20  20  ALA ALA A . n 
A 1 21  LYS 21  21  21  LYS LYS A . n 
A 1 22  PHE 22  22  22  PHE PHE A . n 
A 1 23  LYS 23  23  23  LYS LYS A . n 
A 1 24  LYS 24  24  24  LYS LYS A . n 
A 1 25  LEU 25  25  25  LEU LEU A . n 
A 1 26  LEU 26  26  26  LEU LEU A . n 
A 1 27  VAL 27  27  27  VAL VAL A . n 
A 1 28  PRO 28  28  28  PRO PRO A . n 
A 1 29  GLY 29  29  29  GLY GLY A . n 
A 1 30  LYS 30  30  30  LYS LYS A . n 
A 1 31  ILE 31  31  31  ILE ILE A . n 
A 1 32  GLN 32  32  32  GLN GLN A . n 
A 1 33  HIS 33  33  33  HIS HIS A . n 
A 1 34  ILE 34  34  34  ILE ILE A . n 
A 1 35  LEU 35  35  35  LEU LEU A . n 
A 1 36  CYS 36  36  36  CYS CYS A . n 
A 1 37  THR 37  37  37  THR THR A . n 
A 1 38  GLY 38  38  38  GLY GLY A . n 
A 1 39  ASN 39  39  39  ASN ASN A . n 
A 1 40  LEU 40  40  40  LEU LEU A . n 
A 1 41  CYS 41  41  41  CYS CYS A . n 
A 1 42  THR 42  42  42  THR THR A . n 
A 1 43  LYS 43  43  43  LYS LYS A . n 
A 1 44  GLU 44  44  44  GLU GLU A . n 
A 1 45  SER 45  45  45  SER SER A . n 
A 1 46  TYR 46  46  46  TYR TYR A . n 
A 1 47  ASP 47  47  47  ASP ASP A . n 
A 1 48  TYR 48  48  48  TYR TYR A . n 
A 1 49  LEU 49  49  49  LEU LEU A . n 
A 1 50  LYS 50  50  50  LYS LYS A . n 
A 1 51  THR 51  51  51  THR THR A . n 
A 1 52  LEU 52  52  52  LEU LEU A . n 
A 1 53  ALA 53  53  53  ALA ALA A . n 
A 1 54  GLY 54  54  54  GLY GLY A . n 
A 1 55  ASP 55  55  55  ASP ASP A . n 
A 1 56  VAL 56  56  56  VAL VAL A . n 
A 1 57  HIS 57  57  57  HIS HIS A . n 
A 1 58  ILE 58  58  58  ILE ILE A . n 
A 1 59  VAL 59  59  59  VAL VAL A . n 
A 1 60  ARG 60  60  60  ARG ARG A . n 
A 1 61  GLY 61  61  61  GLY GLY A . n 
A 1 62  ASP 62  62  62  ASP ASP A . n 
A 1 63  PHE 63  63  63  PHE PHE A . n 
A 1 64  ASP 64  64  64  ASP ASP A . n 
A 1 65  GLU 65  65  65  GLU GLU A . n 
A 1 66  ASN 66  66  66  ASN ASN A . n 
A 1 67  LEU 67  67  67  LEU LEU A . n 
A 1 68  ASN 68  68  68  ASN ASN A . n 
A 1 69  TYR 69  69  69  TYR TYR A . n 
A 1 70  PRO 70  70  70  PRO PRO A . n 
A 1 71  GLU 71  71  71  GLU GLU A . n 
A 1 72  GLN 72  72  72  GLN GLN A . n 
A 1 73  LYS 73  73  73  LYS LYS A . n 
A 1 74  VAL 74  74  74  VAL VAL A . n 
A 1 75  VAL 75  75  75  VAL VAL A . n 
A 1 76  THR 76  76  76  THR THR A . n 
A 1 77  VAL 77  77  77  VAL VAL A . n 
A 1 78  GLY 78  78  78  GLY GLY A . n 
A 1 79  GLN 79  79  79  GLN GLN A . n 
A 1 80  PHE 80  80  80  PHE PHE A . n 
A 1 81  LYS 81  81  81  LYS LYS A . n 
A 1 82  ILE 82  82  82  ILE ILE A . n 
A 1 83  GLY 83  83  83  GLY GLY A . n 
A 1 84  LEU 84  84  84  LEU LEU A . n 
A 1 85  ILE 85  85  85  ILE ILE A . n 
A 1 86  HIS 86  86  86  HIS HIS A . n 
A 1 87  GLY 87  87  87  GLY GLY A . n 
A 1 88  HIS 88  88  88  HIS HIS A . n 
A 1 89  GLN 89  89  89  GLN GLN A . n 
A 1 90  VAL 90  90  90  VAL VAL A . n 
A 1 91  ILE 91  91  91  ILE ILE A . n 
A 1 92  PRO 92  92  92  PRO PRO A . n 
A 1 93  TRP 93  93  ?   ?   ?   A . n 
A 1 94  GLY 94  94  ?   ?   ?   A . n 
A 1 95  ASP 95  95  95  ASP ASP A . n 
A 1 96  MET 96  96  96  MET MET A . n 
A 1 97  ALA 97  97  97  ALA ALA A . n 
A 1 98  SER 98  98  98  SER SER A . n 
A 1 99  LEU 99  99  99  LEU LEU A . n 
A 1 100 ALA 100 100 100 ALA ALA A . n 
A 1 101 LEU 101 101 101 LEU LEU A . n 
A 1 102 LEU 102 102 102 LEU LEU A . n 
A 1 103 GLN 103 103 103 GLN GLN A . n 
A 1 104 ARG 104 104 104 ARG ARG A . n 
A 1 105 GLN 105 105 105 GLN GLN A . n 
A 1 106 PHE 106 106 106 PHE PHE A . n 
A 1 107 ASP 107 107 107 ASP ASP A . n 
A 1 108 VAL 108 108 108 VAL VAL A . n 
A 1 109 ASP 109 109 109 ASP ASP A . n 
A 1 110 ILE 110 110 110 ILE ILE A . n 
A 1 111 LEU 111 111 111 LEU LEU A . n 
A 1 112 ILE 112 112 112 ILE ILE A . n 
A 1 113 SER 113 113 113 SER SER A . n 
A 1 114 GLY 114 114 114 GLY GLY A . n 
A 1 115 HIS 115 115 115 HIS HIS A . n 
A 1 116 THR 116 116 116 THR THR A . n 
A 1 117 HIS 117 117 117 HIS HIS A . n 
A 1 118 LYS 118 118 118 LYS LYS A . n 
A 1 119 PHE 119 119 119 PHE PHE A . n 
A 1 120 GLU 120 120 120 GLU GLU A . n 
A 1 121 ALA 121 121 121 ALA ALA A . n 
A 1 122 PHE 122 122 122 PHE PHE A . n 
A 1 123 GLU 123 123 123 GLU GLU A . n 
A 1 124 HIS 124 124 124 HIS HIS A . n 
A 1 125 GLU 125 125 125 GLU GLU A . n 
A 1 126 ASN 126 126 126 ASN ASN A . n 
A 1 127 LYS 127 127 127 LYS LYS A . n 
A 1 128 PHE 128 128 128 PHE PHE A . n 
A 1 129 TYR 129 129 129 TYR TYR A . n 
A 1 130 ILE 130 130 130 ILE ILE A . n 
A 1 131 ASN 131 131 131 ASN ASN A . n 
A 1 132 PRO 132 132 132 PRO PRO A . n 
A 1 133 GLY 133 133 133 GLY GLY A . n 
A 1 134 SER 134 134 134 SER SER A . n 
A 1 135 ALA 135 135 135 ALA ALA A . n 
A 1 136 THR 136 136 136 THR THR A . n 
A 1 137 GLY 137 137 137 GLY GLY A . n 
A 1 138 ALA 138 138 138 ALA ALA A . n 
A 1 139 TYR 139 139 139 TYR TYR A . n 
A 1 140 ASN 140 140 140 ASN ASN A . n 
A 1 141 ALA 141 141 141 ALA ALA A . n 
A 1 142 LEU 142 142 142 LEU LEU A . n 
A 1 143 GLU 143 143 143 GLU GLU A . n 
A 1 144 THR 144 144 144 THR THR A . n 
A 1 145 ASN 145 145 145 ASN ASN A . n 
A 1 146 ILE 146 146 146 ILE ILE A . n 
A 1 147 ILE 147 147 147 ILE ILE A . n 
A 1 148 PRO 148 148 148 PRO PRO A . n 
A 1 149 SER 149 149 149 SER SER A . n 
A 1 150 PHE 150 150 150 PHE PHE A . n 
A 1 151 VAL 151 151 151 VAL VAL A . n 
A 1 152 LEU 152 152 152 LEU LEU A . n 
A 1 153 MET 153 153 153 MET MET A . n 
A 1 154 ASP 154 154 154 ASP ASP A . n 
A 1 155 ILE 155 155 155 ILE ILE A . n 
A 1 156 GLN 156 156 156 GLN GLN A . n 
A 1 157 ALA 157 157 157 ALA ALA A . n 
A 1 158 SER 158 158 158 SER SER A . n 
A 1 159 THR 159 159 159 THR THR A . n 
A 1 160 VAL 160 160 160 VAL VAL A . n 
A 1 161 VAL 161 161 161 VAL VAL A . n 
A 1 162 THR 162 162 162 THR THR A . n 
A 1 163 TYR 163 163 163 TYR TYR A . n 
A 1 164 VAL 164 164 164 VAL VAL A . n 
A 1 165 TYR 165 165 165 TYR TYR A . n 
A 1 166 GLN 166 166 166 GLN GLN A . n 
A 1 167 LEU 167 167 167 LEU LEU A . n 
A 1 168 ILE 168 168 168 ILE ILE A . n 
A 1 169 GLY 169 169 169 GLY GLY A . n 
A 1 170 ASP 170 170 170 ASP ASP A . n 
A 1 171 ASP 171 171 171 ASP ASP A . n 
A 1 172 VAL 172 172 172 VAL VAL A . n 
A 1 173 LYS 173 173 173 LYS LYS A . n 
A 1 174 VAL 174 174 174 VAL VAL A . n 
A 1 175 GLU 175 175 175 GLU GLU A . n 
A 1 176 ARG 176 176 176 ARG ARG A . n 
A 1 177 ILE 177 177 177 ILE ILE A . n 
A 1 178 GLU 178 178 178 GLU GLU A . n 
A 1 179 TYR 179 179 179 TYR TYR A . n 
A 1 180 LYS 180 180 180 LYS LYS A . n 
A 1 181 LYS 181 181 181 LYS LYS A . n 
A 1 182 PRO 182 182 182 PRO PRO A . n 
# 
loop_
_pdbx_nonpoly_scheme.asym_id 
_pdbx_nonpoly_scheme.entity_id 
_pdbx_nonpoly_scheme.mon_id 
_pdbx_nonpoly_scheme.ndb_seq_num 
_pdbx_nonpoly_scheme.pdb_seq_num 
_pdbx_nonpoly_scheme.auth_seq_num 
_pdbx_nonpoly_scheme.pdb_mon_id 
_pdbx_nonpoly_scheme.auth_mon_id 
_pdbx_nonpoly_scheme.pdb_strand_id 
_pdbx_nonpoly_scheme.pdb_ins_code 
B 2 HOH 1  2001 2001 HOH HOH A . 
B 2 HOH 2  2002 2002 HOH HOH A . 
B 2 HOH 3  2003 2003 HOH HOH A . 
B 2 HOH 4  2004 2004 HOH HOH A . 
B 2 HOH 5  2005 2005 HOH HOH A . 
B 2 HOH 6  2006 2006 HOH HOH A . 
B 2 HOH 7  2007 2007 HOH HOH A . 
B 2 HOH 8  2008 2008 HOH HOH A . 
B 2 HOH 9  2009 2009 HOH HOH A . 
B 2 HOH 10 2010 2010 HOH HOH A . 
B 2 HOH 11 2011 2011 HOH HOH A . 
B 2 HOH 12 2012 2012 HOH HOH A . 
B 2 HOH 13 2013 2013 HOH HOH A . 
B 2 HOH 14 2014 2014 HOH HOH A . 
B 2 HOH 15 2015 2015 HOH HOH A . 
B 2 HOH 16 2016 2016 HOH HOH A . 
B 2 HOH 17 2017 2017 HOH HOH A . 
B 2 HOH 18 2018 2018 HOH HOH A . 
B 2 HOH 19 2019 2019 HOH HOH A . 
B 2 HOH 20 2020 2020 HOH HOH A . 
B 2 HOH 21 2021 2021 HOH HOH A . 
B 2 HOH 22 2022 2022 HOH HOH A . 
B 2 HOH 23 2023 2023 HOH HOH A . 
B 2 HOH 24 2024 2024 HOH HOH A . 
B 2 HOH 25 2025 2025 HOH HOH A . 
B 2 HOH 26 2026 2026 HOH HOH A . 
B 2 HOH 27 2027 2027 HOH HOH A . 
B 2 HOH 28 2028 2028 HOH HOH A . 
B 2 HOH 29 2029 2029 HOH HOH A . 
B 2 HOH 30 2030 2030 HOH HOH A . 
B 2 HOH 31 2031 2031 HOH HOH A . 
B 2 HOH 32 2032 2032 HOH HOH A . 
B 2 HOH 33 2033 2033 HOH HOH A . 
B 2 HOH 34 2034 2034 HOH HOH A . 
B 2 HOH 35 2035 2035 HOH HOH A . 
B 2 HOH 36 2036 2036 HOH HOH A . 
B 2 HOH 37 2037 2037 HOH HOH A . 
B 2 HOH 38 2038 2038 HOH HOH A . 
B 2 HOH 39 2039 2039 HOH HOH A . 
B 2 HOH 40 2040 2040 HOH HOH A . 
B 2 HOH 41 2041 2041 HOH HOH A . 
B 2 HOH 42 2042 2042 HOH HOH A . 
B 2 HOH 43 2043 2043 HOH HOH A . 
B 2 HOH 44 2044 2044 HOH HOH A . 
B 2 HOH 45 2045 2045 HOH HOH A . 
B 2 HOH 46 2046 2046 HOH HOH A . 
B 2 HOH 47 2047 2047 HOH HOH A . 
B 2 HOH 48 2048 2048 HOH HOH A . 
# 
loop_
_pdbx_unobs_or_zero_occ_atoms.id 
_pdbx_unobs_or_zero_occ_atoms.PDB_model_num 
_pdbx_unobs_or_zero_occ_atoms.polymer_flag 
_pdbx_unobs_or_zero_occ_atoms.occupancy_flag 
_pdbx_unobs_or_zero_occ_atoms.auth_asym_id 
_pdbx_unobs_or_zero_occ_atoms.auth_comp_id 
_pdbx_unobs_or_zero_occ_atoms.auth_seq_id 
_pdbx_unobs_or_zero_occ_atoms.PDB_ins_code 
_pdbx_unobs_or_zero_occ_atoms.auth_atom_id 
_pdbx_unobs_or_zero_occ_atoms.label_alt_id 
_pdbx_unobs_or_zero_occ_atoms.label_asym_id 
_pdbx_unobs_or_zero_occ_atoms.label_comp_id 
_pdbx_unobs_or_zero_occ_atoms.label_seq_id 
_pdbx_unobs_or_zero_occ_atoms.label_atom_id 
1 1 Y 1 A PRO 92 ? CB ? A PRO 92 CB 
2 1 Y 1 A PRO 92 ? CG ? A PRO 92 CG 
3 1 Y 1 A PRO 92 ? CD ? A PRO 92 CD 
# 
loop_
_software.name 
_software.classification 
_software.version 
_software.citation_id 
_software.pdbx_ordinal 
REFMAC   refinement       5.1.24 ? 1 
AUTOMAR  'data reduction' .      ? 2 
MARSCALE 'data scaling'   .      ? 3 
# 
_cell.entry_id           1W24 
_cell.length_a           53.871 
_cell.length_b           53.871 
_cell.length_c           124.200 
_cell.angle_alpha        90.00 
_cell.angle_beta         90.00 
_cell.angle_gamma        90.00 
_cell.Z_PDB              8 
_cell.pdbx_unique_axis   ? 
# 
_symmetry.entry_id                         1W24 
_symmetry.space_group_name_H-M             'P 43 21 2' 
_symmetry.pdbx_full_space_group_name_H-M   ? 
_symmetry.cell_setting                     ? 
_symmetry.Int_Tables_number                96 
# 
_exptl.entry_id          1W24 
_exptl.method            'X-RAY DIFFRACTION' 
_exptl.crystals_number   1 
# 
_exptl_crystal.id                    1 
_exptl_crystal.density_meas          ? 
_exptl_crystal.density_Matthews      2.19 
_exptl_crystal.density_percent_sol   46 
_exptl_crystal.description           ? 
# 
_exptl_crystal_grow.crystal_id      1 
_exptl_crystal_grow.method          ? 
_exptl_crystal_grow.temp            ? 
_exptl_crystal_grow.temp_details    ? 
_exptl_crystal_grow.pH              7.50 
_exptl_crystal_grow.pdbx_pH_range   ? 
_exptl_crystal_grow.pdbx_details    '25%PEG4000, 10%ETHYENE GLYCOL, 100MM HEPES PH7.5, pH 7.50' 
# 
_diffrn.id                     1 
_diffrn.ambient_temp           100.0 
_diffrn.ambient_temp_details   ? 
_diffrn.crystal_id             1 
# 
_diffrn_detector.diffrn_id              1 
_diffrn_detector.detector               'IMAGE PLATE' 
_diffrn_detector.type                   MARRESEARCH 
_diffrn_detector.pdbx_collection_date   2004-06-18 
_diffrn_detector.details                ? 
# 
_diffrn_radiation.diffrn_id                        1 
_diffrn_radiation.wavelength_id                    1 
_diffrn_radiation.pdbx_monochromatic_or_laue_m_l   M 
_diffrn_radiation.monochromator                    ? 
_diffrn_radiation.pdbx_diffrn_protocol             MAD 
_diffrn_radiation.pdbx_scattering_type             x-ray 
# 
_diffrn_radiation_wavelength.id           1 
_diffrn_radiation_wavelength.wavelength   1.5418 
_diffrn_radiation_wavelength.wt           1.0 
# 
_diffrn_source.diffrn_id                   1 
_diffrn_source.source                      'ROTATING ANODE' 
_diffrn_source.type                        'RIGAKU MICROMAX-007' 
_diffrn_source.pdbx_synchrotron_site       ? 
_diffrn_source.pdbx_synchrotron_beamline   ? 
_diffrn_source.pdbx_wavelength             1.5418 
_diffrn_source.pdbx_wavelength_list        ? 
# 
_reflns.pdbx_diffrn_id               1 
_reflns.pdbx_ordinal                 1 
_reflns.entry_id                     1W24 
_reflns.observed_criterion_sigma_I   3.000 
_reflns.observed_criterion_sigma_F   ? 
_reflns.d_resolution_low             30.000 
_reflns.d_resolution_high            2.100 
_reflns.number_obs                   10937 
_reflns.number_all                   ? 
_reflns.percent_possible_obs         96.5 
_reflns.pdbx_Rmerge_I_obs            0.07000 
_reflns.pdbx_Rsym_value              ? 
_reflns.pdbx_netI_over_sigmaI        4.6000 
_reflns.B_iso_Wilson_estimate        ? 
_reflns.pdbx_redundancy              4.500 
# 
_reflns_shell.pdbx_diffrn_id         1 
_reflns_shell.pdbx_ordinal           1 
_reflns_shell.d_res_high             2.10 
_reflns_shell.d_res_low              2.18 
_reflns_shell.percent_possible_all   95.5 
_reflns_shell.Rmerge_I_obs           0.35000 
_reflns_shell.pdbx_Rsym_value        ? 
_reflns_shell.meanI_over_sigI_obs    1.500 
_reflns_shell.pdbx_redundancy        5.05 
# 
_refine.pdbx_refine_id                           'X-RAY DIFFRACTION' 
_refine.entry_id                                 1W24 
_refine.pdbx_diffrn_id                           1 
_refine.pdbx_TLS_residual_ADP_flag               ? 
_refine.ls_number_reflns_obs                     10289 
_refine.ls_number_reflns_all                     ? 
_refine.pdbx_ls_sigma_I                          ? 
_refine.pdbx_ls_sigma_F                          ? 
_refine.pdbx_data_cutoff_high_absF               ? 
_refine.pdbx_data_cutoff_low_absF                ? 
_refine.pdbx_data_cutoff_high_rms_absF           ? 
_refine.ls_d_res_low                             14.94 
_refine.ls_d_res_high                            2.10 
_refine.ls_percent_reflns_obs                    97.0 
_refine.ls_R_factor_obs                          0.219 
_refine.ls_R_factor_all                          ? 
_refine.ls_R_factor_R_work                       0.218 
_refine.ls_R_factor_R_free                       0.244 
_refine.ls_R_factor_R_free_error                 ? 
_refine.ls_R_factor_R_free_error_details         ? 
_refine.ls_percent_reflns_R_free                 5.300 
_refine.ls_number_reflns_R_free                  573 
_refine.ls_number_parameters                     ? 
_refine.ls_number_restraints                     ? 
_refine.occupancy_min                            ? 
_refine.occupancy_max                            ? 
_refine.correlation_coeff_Fo_to_Fc               0.947 
_refine.correlation_coeff_Fo_to_Fc_free          0.937 
_refine.B_iso_mean                               36.23 
_refine.aniso_B[1][1]                            0.02000 
_refine.aniso_B[2][2]                            0.02000 
_refine.aniso_B[3][3]                            -0.04000 
_refine.aniso_B[1][2]                            0.00000 
_refine.aniso_B[1][3]                            0.00000 
_refine.aniso_B[2][3]                            0.00000 
_refine.solvent_model_details                    'BABINET MODEL WITH MASK' 
_refine.solvent_model_param_ksol                 ? 
_refine.solvent_model_param_bsol                 ? 
_refine.pdbx_solvent_vdw_probe_radii             1.40 
_refine.pdbx_solvent_ion_probe_radii             0.80 
_refine.pdbx_solvent_shrinkage_radii             0.80 
_refine.pdbx_ls_cross_valid_method               THROUGHOUT 
_refine.details                                  ? 
_refine.pdbx_starting_model                      ? 
_refine.pdbx_method_to_determine_struct          MAD 
_refine.pdbx_isotropic_thermal_model             ? 
_refine.pdbx_stereochemistry_target_values       'MAXIMUM LIKELIHOOD' 
_refine.pdbx_stereochem_target_val_spec_case     ? 
_refine.pdbx_R_Free_selection_details            RANDOM 
_refine.pdbx_overall_ESU_R                       0.274 
_refine.pdbx_overall_ESU_R_Free                  0.200 
_refine.overall_SU_ML                            0.134 
_refine.pdbx_overall_phase_error                 ? 
_refine.overall_SU_B                             ? 
_refine.overall_SU_R_Cruickshank_DPI             ? 
_refine.pdbx_overall_SU_R_free_Cruickshank_DPI   ? 
_refine.pdbx_overall_SU_R_Blow_DPI               ? 
_refine.pdbx_overall_SU_R_free_Blow_DPI          ? 
# 
_refine_hist.pdbx_refine_id                   'X-RAY DIFFRACTION' 
_refine_hist.cycle_id                         LAST 
_refine_hist.pdbx_number_atoms_protein        1426 
_refine_hist.pdbx_number_atoms_nucleic_acid   0 
_refine_hist.pdbx_number_atoms_ligand         0 
_refine_hist.number_atoms_solvent             48 
_refine_hist.number_atoms_total               1474 
_refine_hist.d_res_high                       2.10 
_refine_hist.d_res_low                        14.94 
# 
loop_
_refine_ls_restr.type 
_refine_ls_restr.dev_ideal 
_refine_ls_restr.dev_ideal_target 
_refine_ls_restr.weight 
_refine_ls_restr.number 
_refine_ls_restr.pdbx_refine_id 
_refine_ls_restr.pdbx_restraint_function 
r_bond_refined_d             0.009 0.021 ? 1456 'X-RAY DIFFRACTION' ? 
r_bond_other_d               ?     ?     ? ?    'X-RAY DIFFRACTION' ? 
r_angle_refined_deg          1.774 1.957 ? 1971 'X-RAY DIFFRACTION' ? 
r_angle_other_deg            ?     ?     ? ?    'X-RAY DIFFRACTION' ? 
r_dihedral_angle_1_deg       6.905 5.000 ? 178  'X-RAY DIFFRACTION' ? 
r_dihedral_angle_2_deg       ?     ?     ? ?    'X-RAY DIFFRACTION' ? 
r_dihedral_angle_3_deg       ?     ?     ? ?    'X-RAY DIFFRACTION' ? 
r_dihedral_angle_4_deg       ?     ?     ? ?    'X-RAY DIFFRACTION' ? 
r_chiral_restr               0.133 0.200 ? 227  'X-RAY DIFFRACTION' ? 
r_gen_planes_refined         0.007 0.020 ? 1082 'X-RAY DIFFRACTION' ? 
r_gen_planes_other           ?     ?     ? ?    'X-RAY DIFFRACTION' ? 
r_nbd_refined                0.249 0.300 ? 587  'X-RAY DIFFRACTION' ? 
r_nbd_other                  ?     ?     ? ?    'X-RAY DIFFRACTION' ? 
r_nbtor_refined              ?     ?     ? ?    'X-RAY DIFFRACTION' ? 
r_nbtor_other                ?     ?     ? ?    'X-RAY DIFFRACTION' ? 
r_xyhbond_nbd_refined        0.242 0.500 ? 120  'X-RAY DIFFRACTION' ? 
r_xyhbond_nbd_other          ?     ?     ? ?    'X-RAY DIFFRACTION' ? 
r_metal_ion_refined          ?     ?     ? ?    'X-RAY DIFFRACTION' ? 
r_metal_ion_other            ?     ?     ? ?    'X-RAY DIFFRACTION' ? 
r_symmetry_vdw_refined       0.255 0.300 ? 26   'X-RAY DIFFRACTION' ? 
r_symmetry_vdw_other         ?     ?     ? ?    'X-RAY DIFFRACTION' ? 
r_symmetry_hbond_refined     0.233 0.500 ? 7    'X-RAY DIFFRACTION' ? 
r_symmetry_hbond_other       ?     ?     ? ?    'X-RAY DIFFRACTION' ? 
r_symmetry_metal_ion_refined ?     ?     ? ?    'X-RAY DIFFRACTION' ? 
r_symmetry_metal_ion_other   ?     ?     ? ?    'X-RAY DIFFRACTION' ? 
r_mcbond_it                  1.662 2.000 ? 893  'X-RAY DIFFRACTION' ? 
r_mcbond_other               ?     ?     ? ?    'X-RAY DIFFRACTION' ? 
r_mcangle_it                 2.854 3.000 ? 1448 'X-RAY DIFFRACTION' ? 
r_mcangle_other              ?     ?     ? ?    'X-RAY DIFFRACTION' ? 
r_scbond_it                  1.806 2.000 ? 563  'X-RAY DIFFRACTION' ? 
r_scbond_other               ?     ?     ? ?    'X-RAY DIFFRACTION' ? 
r_scangle_it                 2.880 3.000 ? 523  'X-RAY DIFFRACTION' ? 
r_scangle_other              ?     ?     ? ?    'X-RAY DIFFRACTION' ? 
r_long_range_B_refined       ?     ?     ? ?    'X-RAY DIFFRACTION' ? 
r_long_range_B_other         ?     ?     ? ?    'X-RAY DIFFRACTION' ? 
r_rigid_bond_restr           ?     ?     ? ?    'X-RAY DIFFRACTION' ? 
r_sphericity_free            ?     ?     ? ?    'X-RAY DIFFRACTION' ? 
r_sphericity_bonded          ?     ?     ? ?    'X-RAY DIFFRACTION' ? 
# 
_refine_ls_shell.pdbx_refine_id                   'X-RAY DIFFRACTION' 
_refine_ls_shell.pdbx_total_number_of_bins_used   15 
_refine_ls_shell.d_res_high                       2.10 
_refine_ls_shell.d_res_low                        2.18 
_refine_ls_shell.number_reflns_R_work             959 
_refine_ls_shell.R_factor_R_work                  0.2830 
_refine_ls_shell.percent_reflns_obs               ? 
_refine_ls_shell.R_factor_R_free                  0.3090 
_refine_ls_shell.R_factor_R_free_error            ? 
_refine_ls_shell.percent_reflns_R_free            ? 
_refine_ls_shell.number_reflns_R_free             57 
_refine_ls_shell.number_reflns_all                ? 
_refine_ls_shell.R_factor_all                     ? 
# 
_struct.entry_id                  1W24 
_struct.title                     'Crystal Structure Of human Vps29' 
_struct.pdbx_model_details        ? 
_struct.pdbx_CASP_flag            ? 
_struct.pdbx_model_type_details   ? 
# 
_struct_keywords.entry_id        1W24 
_struct_keywords.pdbx_keywords   'CYTOPLASMIC PROTEIN' 
_struct_keywords.text            'CYTOPLASMIC PROTEIN, VACUOLAR PROTEIN SORTING PROTEIN, ALPHA-BETA-BETA-ALPHA SANDWICH' 
# 
loop_
_struct_asym.id 
_struct_asym.pdbx_blank_PDB_chainid_flag 
_struct_asym.pdbx_modified 
_struct_asym.entity_id 
_struct_asym.details 
A N N 1 ? 
B N N 2 ? 
# 
_struct_ref.id                         1 
_struct_ref.db_name                    UNP 
_struct_ref.db_code                    VP29_HUMAN 
_struct_ref.entity_id                  1 
_struct_ref.pdbx_seq_one_letter_code   ? 
_struct_ref.pdbx_align_begin           ? 
_struct_ref.pdbx_db_accession          Q9UBQ0 
_struct_ref.pdbx_db_isoform            ? 
# 
_struct_ref_seq.align_id                      1 
_struct_ref_seq.ref_id                        1 
_struct_ref_seq.pdbx_PDB_id_code              1W24 
_struct_ref_seq.pdbx_strand_id                A 
_struct_ref_seq.seq_align_beg                 1 
_struct_ref_seq.pdbx_seq_align_beg_ins_code   ? 
_struct_ref_seq.seq_align_end                 182 
_struct_ref_seq.pdbx_seq_align_end_ins_code   ? 
_struct_ref_seq.pdbx_db_accession             Q9UBQ0 
_struct_ref_seq.db_align_beg                  1 
_struct_ref_seq.pdbx_db_align_beg_ins_code    ? 
_struct_ref_seq.db_align_end                  182 
_struct_ref_seq.pdbx_db_align_end_ins_code    ? 
_struct_ref_seq.pdbx_auth_seq_align_beg       1 
_struct_ref_seq.pdbx_auth_seq_align_end       182 
# 
_pdbx_struct_assembly.id                   1 
_pdbx_struct_assembly.details              author_and_software_defined_assembly 
_pdbx_struct_assembly.method_details       PQS 
_pdbx_struct_assembly.oligomeric_details   monomeric 
_pdbx_struct_assembly.oligomeric_count     1 
# 
_pdbx_struct_assembly_gen.assembly_id       1 
_pdbx_struct_assembly_gen.oper_expression   1 
_pdbx_struct_assembly_gen.asym_id_list      A,B 
# 
_pdbx_struct_oper_list.id                   1 
_pdbx_struct_oper_list.type                 'identity operation' 
_pdbx_struct_oper_list.name                 1_555 
_pdbx_struct_oper_list.symmetry_operation   x,y,z 
_pdbx_struct_oper_list.matrix[1][1]         1.0000000000 
_pdbx_struct_oper_list.matrix[1][2]         0.0000000000 
_pdbx_struct_oper_list.matrix[1][3]         0.0000000000 
_pdbx_struct_oper_list.vector[1]            0.0000000000 
_pdbx_struct_oper_list.matrix[2][1]         0.0000000000 
_pdbx_struct_oper_list.matrix[2][2]         1.0000000000 
_pdbx_struct_oper_list.matrix[2][3]         0.0000000000 
_pdbx_struct_oper_list.vector[2]            0.0000000000 
_pdbx_struct_oper_list.matrix[3][1]         0.0000000000 
_pdbx_struct_oper_list.matrix[3][2]         0.0000000000 
_pdbx_struct_oper_list.matrix[3][3]         1.0000000000 
_pdbx_struct_oper_list.vector[3]            0.0000000000 
# 
_struct_biol.id   1 
# 
loop_
_struct_conf.conf_type_id 
_struct_conf.id 
_struct_conf.pdbx_PDB_helix_id 
_struct_conf.beg_label_comp_id 
_struct_conf.beg_label_asym_id 
_struct_conf.beg_label_seq_id 
_struct_conf.pdbx_beg_PDB_ins_code 
_struct_conf.end_label_comp_id 
_struct_conf.end_label_asym_id 
_struct_conf.end_label_seq_id 
_struct_conf.pdbx_end_PDB_ins_code 
_struct_conf.beg_auth_comp_id 
_struct_conf.beg_auth_asym_id 
_struct_conf.beg_auth_seq_id 
_struct_conf.end_auth_comp_id 
_struct_conf.end_auth_asym_id 
_struct_conf.end_auth_seq_id 
_struct_conf.pdbx_PDB_helix_class 
_struct_conf.details 
_struct_conf.pdbx_PDB_helix_length 
HELX_P HELX_P1 1 PRO A 19 ? LEU A 26  ? PRO A 19 LEU A 26  1 ? 8  
HELX_P HELX_P2 2 THR A 42 ? ALA A 53  ? THR A 42 ALA A 53  1 ? 12 
HELX_P HELX_P3 3 ASP A 95 ? ASP A 107 ? ASP A 95 ASP A 107 1 ? 13 
# 
_struct_conf_type.id          HELX_P 
_struct_conf_type.criteria    ? 
_struct_conf_type.reference   ? 
# 
loop_
_struct_mon_prot_cis.pdbx_id 
_struct_mon_prot_cis.label_comp_id 
_struct_mon_prot_cis.label_seq_id 
_struct_mon_prot_cis.label_asym_id 
_struct_mon_prot_cis.label_alt_id 
_struct_mon_prot_cis.pdbx_PDB_ins_code 
_struct_mon_prot_cis.auth_comp_id 
_struct_mon_prot_cis.auth_seq_id 
_struct_mon_prot_cis.auth_asym_id 
_struct_mon_prot_cis.pdbx_label_comp_id_2 
_struct_mon_prot_cis.pdbx_label_seq_id_2 
_struct_mon_prot_cis.pdbx_label_asym_id_2 
_struct_mon_prot_cis.pdbx_PDB_ins_code_2 
_struct_mon_prot_cis.pdbx_auth_comp_id_2 
_struct_mon_prot_cis.pdbx_auth_seq_id_2 
_struct_mon_prot_cis.pdbx_auth_asym_id_2 
_struct_mon_prot_cis.pdbx_PDB_model_num 
_struct_mon_prot_cis.pdbx_omega_angle 
1 ILE 11 A . ? ILE 11 A PRO 12 A ? PRO 12 A 1 -2.21 
2 LEU 40 A . ? LEU 40 A CYS 41 A ? CYS 41 A 1 5.16  
# 
loop_
_struct_sheet.id 
_struct_sheet.type 
_struct_sheet.number_strands 
_struct_sheet.details 
AA ? 6 ? 
AB ? 5 ? 
# 
loop_
_struct_sheet_order.sheet_id 
_struct_sheet_order.range_id_1 
_struct_sheet_order.range_id_2 
_struct_sheet_order.offset 
_struct_sheet_order.sense 
AA 1 2 ? parallel      
AA 2 3 ? parallel      
AA 3 4 ? anti-parallel 
AA 4 5 ? anti-parallel 
AA 5 6 ? anti-parallel 
AB 1 2 ? anti-parallel 
AB 2 3 ? parallel      
AB 3 4 ? parallel      
AB 4 5 ? anti-parallel 
# 
loop_
_struct_sheet_range.sheet_id 
_struct_sheet_range.id 
_struct_sheet_range.beg_label_comp_id 
_struct_sheet_range.beg_label_asym_id 
_struct_sheet_range.beg_label_seq_id 
_struct_sheet_range.pdbx_beg_PDB_ins_code 
_struct_sheet_range.end_label_comp_id 
_struct_sheet_range.end_label_asym_id 
_struct_sheet_range.end_label_seq_id 
_struct_sheet_range.pdbx_end_PDB_ins_code 
_struct_sheet_range.beg_auth_comp_id 
_struct_sheet_range.beg_auth_asym_id 
_struct_sheet_range.beg_auth_seq_id 
_struct_sheet_range.end_auth_comp_id 
_struct_sheet_range.end_auth_asym_id 
_struct_sheet_range.end_auth_seq_id 
AA 1 ASP A 55  ? ILE A 58  ? ASP A 55  ILE A 58  
AA 2 HIS A 33  ? CYS A 36  ? HIS A 33  CYS A 36  
AA 3 LEU A 2   ? LEU A 6   ? LEU A 2   LEU A 6   
AA 4 SER A 149 ? GLN A 156 ? SER A 149 GLN A 156 
AA 5 THR A 159 ? ILE A 168 ? THR A 159 ILE A 168 
AA 6 ASP A 171 ? LYS A 180 ? ASP A 171 LYS A 180 
AB 1 GLN A 72  ? VAL A 77  ? GLN A 72  VAL A 77  
AB 2 PHE A 80  ? ILE A 85  ? PHE A 80  ILE A 85  
AB 3 ILE A 110 ? SER A 113 ? ILE A 110 SER A 113 
AB 4 LYS A 127 ? ASN A 131 ? LYS A 127 ASN A 131 
AB 5 GLU A 120 ? HIS A 124 ? GLU A 120 HIS A 124 
# 
loop_
_pdbx_struct_sheet_hbond.sheet_id 
_pdbx_struct_sheet_hbond.range_id_1 
_pdbx_struct_sheet_hbond.range_id_2 
_pdbx_struct_sheet_hbond.range_1_label_atom_id 
_pdbx_struct_sheet_hbond.range_1_label_comp_id 
_pdbx_struct_sheet_hbond.range_1_label_asym_id 
_pdbx_struct_sheet_hbond.range_1_label_seq_id 
_pdbx_struct_sheet_hbond.range_1_PDB_ins_code 
_pdbx_struct_sheet_hbond.range_1_auth_atom_id 
_pdbx_struct_sheet_hbond.range_1_auth_comp_id 
_pdbx_struct_sheet_hbond.range_1_auth_asym_id 
_pdbx_struct_sheet_hbond.range_1_auth_seq_id 
_pdbx_struct_sheet_hbond.range_2_label_atom_id 
_pdbx_struct_sheet_hbond.range_2_label_comp_id 
_pdbx_struct_sheet_hbond.range_2_label_asym_id 
_pdbx_struct_sheet_hbond.range_2_label_seq_id 
_pdbx_struct_sheet_hbond.range_2_PDB_ins_code 
_pdbx_struct_sheet_hbond.range_2_auth_atom_id 
_pdbx_struct_sheet_hbond.range_2_auth_comp_id 
_pdbx_struct_sheet_hbond.range_2_auth_asym_id 
_pdbx_struct_sheet_hbond.range_2_auth_seq_id 
AA 1 2 N HIS A 57  ? N HIS A 57  O ILE A 34  ? O ILE A 34  
AA 2 3 N LEU A 35  ? N LEU A 35  O LEU A 4   ? O LEU A 4   
AA 3 4 N VAL A 5   ? N VAL A 5   O VAL A 151 ? O VAL A 151 
AA 4 5 N GLN A 156 ? N GLN A 156 O THR A 159 ? O THR A 159 
AA 5 6 N ILE A 168 ? N ILE A 168 O ASP A 171 ? O ASP A 171 
AB 1 2 N VAL A 77  ? N VAL A 77  O PHE A 80  ? O PHE A 80  
AB 2 3 N GLY A 83  ? N GLY A 83  O ILE A 110 ? O ILE A 110 
AB 3 4 N LEU A 111 ? N LEU A 111 O PHE A 128 ? O PHE A 128 
AB 4 5 N ASN A 131 ? N ASN A 131 O GLU A 120 ? O GLU A 120 
# 
_pdbx_validate_close_contact.id               1 
_pdbx_validate_close_contact.PDB_model_num    1 
_pdbx_validate_close_contact.auth_atom_id_1   NZ 
_pdbx_validate_close_contact.auth_asym_id_1   A 
_pdbx_validate_close_contact.auth_comp_id_1   LYS 
_pdbx_validate_close_contact.auth_seq_id_1    118 
_pdbx_validate_close_contact.PDB_ins_code_1   ? 
_pdbx_validate_close_contact.label_alt_id_1   ? 
_pdbx_validate_close_contact.auth_atom_id_2   O 
_pdbx_validate_close_contact.auth_asym_id_2   A 
_pdbx_validate_close_contact.auth_comp_id_2   HOH 
_pdbx_validate_close_contact.auth_seq_id_2    2027 
_pdbx_validate_close_contact.PDB_ins_code_2   ? 
_pdbx_validate_close_contact.label_alt_id_2   ? 
_pdbx_validate_close_contact.dist             1.61 
# 
loop_
_pdbx_validate_rmsd_angle.id 
_pdbx_validate_rmsd_angle.PDB_model_num 
_pdbx_validate_rmsd_angle.auth_atom_id_1 
_pdbx_validate_rmsd_angle.auth_asym_id_1 
_pdbx_validate_rmsd_angle.auth_comp_id_1 
_pdbx_validate_rmsd_angle.auth_seq_id_1 
_pdbx_validate_rmsd_angle.PDB_ins_code_1 
_pdbx_validate_rmsd_angle.label_alt_id_1 
_pdbx_validate_rmsd_angle.auth_atom_id_2 
_pdbx_validate_rmsd_angle.auth_asym_id_2 
_pdbx_validate_rmsd_angle.auth_comp_id_2 
_pdbx_validate_rmsd_angle.auth_seq_id_2 
_pdbx_validate_rmsd_angle.PDB_ins_code_2 
_pdbx_validate_rmsd_angle.label_alt_id_2 
_pdbx_validate_rmsd_angle.auth_atom_id_3 
_pdbx_validate_rmsd_angle.auth_asym_id_3 
_pdbx_validate_rmsd_angle.auth_comp_id_3 
_pdbx_validate_rmsd_angle.auth_seq_id_3 
_pdbx_validate_rmsd_angle.PDB_ins_code_3 
_pdbx_validate_rmsd_angle.label_alt_id_3 
_pdbx_validate_rmsd_angle.angle_value 
_pdbx_validate_rmsd_angle.angle_target_value 
_pdbx_validate_rmsd_angle.angle_deviation 
_pdbx_validate_rmsd_angle.angle_standard_deviation 
_pdbx_validate_rmsd_angle.linker_flag 
1 1 CB A ASP 8   ? ? CG A ASP 8   ? ? OD2 A ASP 8   ? ? 124.06 118.30 5.76 0.90 N 
2 1 CB A ASP 55  ? ? CG A ASP 55  ? ? OD2 A ASP 55  ? ? 123.77 118.30 5.47 0.90 N 
3 1 CB A ASP 109 ? ? CG A ASP 109 ? ? OD2 A ASP 109 ? ? 124.31 118.30 6.01 0.90 N 
4 1 CB A ASP 154 ? ? CG A ASP 154 ? ? OD2 A ASP 154 ? ? 124.10 118.30 5.80 0.90 N 
# 
loop_
_pdbx_validate_torsion.id 
_pdbx_validate_torsion.PDB_model_num 
_pdbx_validate_torsion.auth_comp_id 
_pdbx_validate_torsion.auth_asym_id 
_pdbx_validate_torsion.auth_seq_id 
_pdbx_validate_torsion.PDB_ins_code 
_pdbx_validate_torsion.label_alt_id 
_pdbx_validate_torsion.phi 
_pdbx_validate_torsion.psi 
1 1 HIS A 115 ? ? 81.86  -38.40  
2 1 ALA A 141 ? ? 51.71  -124.54 
3 1 THR A 144 ? ? -99.72 -71.93  
4 1 ALA A 157 ? ? 64.18  -121.47 
# 
_pdbx_struct_special_symmetry.id              1 
_pdbx_struct_special_symmetry.PDB_model_num   1 
_pdbx_struct_special_symmetry.auth_asym_id    A 
_pdbx_struct_special_symmetry.auth_comp_id    HOH 
_pdbx_struct_special_symmetry.auth_seq_id     2018 
_pdbx_struct_special_symmetry.PDB_ins_code    ? 
_pdbx_struct_special_symmetry.label_asym_id   B 
_pdbx_struct_special_symmetry.label_comp_id   HOH 
_pdbx_struct_special_symmetry.label_seq_id    . 
# 
_pdbx_entry_details.entry_id                 1W24 
_pdbx_entry_details.compound_details         'FUNCTION: POSSIBLE ROLE IN VESICULAR PROTEIN SORTING' 
_pdbx_entry_details.source_details           ? 
_pdbx_entry_details.nonpolymer_details       ? 
_pdbx_entry_details.sequence_details         ? 
_pdbx_entry_details.has_ligand_of_interest   ? 
# 
loop_
_pdbx_unobs_or_zero_occ_residues.id 
_pdbx_unobs_or_zero_occ_residues.PDB_model_num 
_pdbx_unobs_or_zero_occ_residues.polymer_flag 
_pdbx_unobs_or_zero_occ_residues.occupancy_flag 
_pdbx_unobs_or_zero_occ_residues.auth_asym_id 
_pdbx_unobs_or_zero_occ_residues.auth_comp_id 
_pdbx_unobs_or_zero_occ_residues.auth_seq_id 
_pdbx_unobs_or_zero_occ_residues.PDB_ins_code 
_pdbx_unobs_or_zero_occ_residues.label_asym_id 
_pdbx_unobs_or_zero_occ_residues.label_comp_id 
_pdbx_unobs_or_zero_occ_residues.label_seq_id 
1 1 Y 1 A TRP 93 ? A TRP 93 
2 1 Y 1 A GLY 94 ? A GLY 94 
# 
loop_
_chem_comp_atom.comp_id 
_chem_comp_atom.atom_id 
_chem_comp_atom.type_symbol 
_chem_comp_atom.pdbx_aromatic_flag 
_chem_comp_atom.pdbx_stereo_config 
_chem_comp_atom.pdbx_ordinal 
ALA N    N N N 1   
ALA CA   C N S 2   
ALA C    C N N 3   
ALA O    O N N 4   
ALA CB   C N N 5   
ALA OXT  O N N 6   
ALA H    H N N 7   
ALA H2   H N N 8   
ALA HA   H N N 9   
ALA HB1  H N N 10  
ALA HB2  H N N 11  
ALA HB3  H N N 12  
ALA HXT  H N N 13  
ARG N    N N N 14  
ARG CA   C N S 15  
ARG C    C N N 16  
ARG O    O N N 17  
ARG CB   C N N 18  
ARG CG   C N N 19  
ARG CD   C N N 20  
ARG NE   N N N 21  
ARG CZ   C N N 22  
ARG NH1  N N N 23  
ARG NH2  N N N 24  
ARG OXT  O N N 25  
ARG H    H N N 26  
ARG H2   H N N 27  
ARG HA   H N N 28  
ARG HB2  H N N 29  
ARG HB3  H N N 30  
ARG HG2  H N N 31  
ARG HG3  H N N 32  
ARG HD2  H N N 33  
ARG HD3  H N N 34  
ARG HE   H N N 35  
ARG HH11 H N N 36  
ARG HH12 H N N 37  
ARG HH21 H N N 38  
ARG HH22 H N N 39  
ARG HXT  H N N 40  
ASN N    N N N 41  
ASN CA   C N S 42  
ASN C    C N N 43  
ASN O    O N N 44  
ASN CB   C N N 45  
ASN CG   C N N 46  
ASN OD1  O N N 47  
ASN ND2  N N N 48  
ASN OXT  O N N 49  
ASN H    H N N 50  
ASN H2   H N N 51  
ASN HA   H N N 52  
ASN HB2  H N N 53  
ASN HB3  H N N 54  
ASN HD21 H N N 55  
ASN HD22 H N N 56  
ASN HXT  H N N 57  
ASP N    N N N 58  
ASP CA   C N S 59  
ASP C    C N N 60  
ASP O    O N N 61  
ASP CB   C N N 62  
ASP CG   C N N 63  
ASP OD1  O N N 64  
ASP OD2  O N N 65  
ASP OXT  O N N 66  
ASP H    H N N 67  
ASP H2   H N N 68  
ASP HA   H N N 69  
ASP HB2  H N N 70  
ASP HB3  H N N 71  
ASP HD2  H N N 72  
ASP HXT  H N N 73  
CYS N    N N N 74  
CYS CA   C N R 75  
CYS C    C N N 76  
CYS O    O N N 77  
CYS CB   C N N 78  
CYS SG   S N N 79  
CYS OXT  O N N 80  
CYS H    H N N 81  
CYS H2   H N N 82  
CYS HA   H N N 83  
CYS HB2  H N N 84  
CYS HB3  H N N 85  
CYS HG   H N N 86  
CYS HXT  H N N 87  
GLN N    N N N 88  
GLN CA   C N S 89  
GLN C    C N N 90  
GLN O    O N N 91  
GLN CB   C N N 92  
GLN CG   C N N 93  
GLN CD   C N N 94  
GLN OE1  O N N 95  
GLN NE2  N N N 96  
GLN OXT  O N N 97  
GLN H    H N N 98  
GLN H2   H N N 99  
GLN HA   H N N 100 
GLN HB2  H N N 101 
GLN HB3  H N N 102 
GLN HG2  H N N 103 
GLN HG3  H N N 104 
GLN HE21 H N N 105 
GLN HE22 H N N 106 
GLN HXT  H N N 107 
GLU N    N N N 108 
GLU CA   C N S 109 
GLU C    C N N 110 
GLU O    O N N 111 
GLU CB   C N N 112 
GLU CG   C N N 113 
GLU CD   C N N 114 
GLU OE1  O N N 115 
GLU OE2  O N N 116 
GLU OXT  O N N 117 
GLU H    H N N 118 
GLU H2   H N N 119 
GLU HA   H N N 120 
GLU HB2  H N N 121 
GLU HB3  H N N 122 
GLU HG2  H N N 123 
GLU HG3  H N N 124 
GLU HE2  H N N 125 
GLU HXT  H N N 126 
GLY N    N N N 127 
GLY CA   C N N 128 
GLY C    C N N 129 
GLY O    O N N 130 
GLY OXT  O N N 131 
GLY H    H N N 132 
GLY H2   H N N 133 
GLY HA2  H N N 134 
GLY HA3  H N N 135 
GLY HXT  H N N 136 
HIS N    N N N 137 
HIS CA   C N S 138 
HIS C    C N N 139 
HIS O    O N N 140 
HIS CB   C N N 141 
HIS CG   C Y N 142 
HIS ND1  N Y N 143 
HIS CD2  C Y N 144 
HIS CE1  C Y N 145 
HIS NE2  N Y N 146 
HIS OXT  O N N 147 
HIS H    H N N 148 
HIS H2   H N N 149 
HIS HA   H N N 150 
HIS HB2  H N N 151 
HIS HB3  H N N 152 
HIS HD1  H N N 153 
HIS HD2  H N N 154 
HIS HE1  H N N 155 
HIS HE2  H N N 156 
HIS HXT  H N N 157 
HOH O    O N N 158 
HOH H1   H N N 159 
HOH H2   H N N 160 
ILE N    N N N 161 
ILE CA   C N S 162 
ILE C    C N N 163 
ILE O    O N N 164 
ILE CB   C N S 165 
ILE CG1  C N N 166 
ILE CG2  C N N 167 
ILE CD1  C N N 168 
ILE OXT  O N N 169 
ILE H    H N N 170 
ILE H2   H N N 171 
ILE HA   H N N 172 
ILE HB   H N N 173 
ILE HG12 H N N 174 
ILE HG13 H N N 175 
ILE HG21 H N N 176 
ILE HG22 H N N 177 
ILE HG23 H N N 178 
ILE HD11 H N N 179 
ILE HD12 H N N 180 
ILE HD13 H N N 181 
ILE HXT  H N N 182 
LEU N    N N N 183 
LEU CA   C N S 184 
LEU C    C N N 185 
LEU O    O N N 186 
LEU CB   C N N 187 
LEU CG   C N N 188 
LEU CD1  C N N 189 
LEU CD2  C N N 190 
LEU OXT  O N N 191 
LEU H    H N N 192 
LEU H2   H N N 193 
LEU HA   H N N 194 
LEU HB2  H N N 195 
LEU HB3  H N N 196 
LEU HG   H N N 197 
LEU HD11 H N N 198 
LEU HD12 H N N 199 
LEU HD13 H N N 200 
LEU HD21 H N N 201 
LEU HD22 H N N 202 
LEU HD23 H N N 203 
LEU HXT  H N N 204 
LYS N    N N N 205 
LYS CA   C N S 206 
LYS C    C N N 207 
LYS O    O N N 208 
LYS CB   C N N 209 
LYS CG   C N N 210 
LYS CD   C N N 211 
LYS CE   C N N 212 
LYS NZ   N N N 213 
LYS OXT  O N N 214 
LYS H    H N N 215 
LYS H2   H N N 216 
LYS HA   H N N 217 
LYS HB2  H N N 218 
LYS HB3  H N N 219 
LYS HG2  H N N 220 
LYS HG3  H N N 221 
LYS HD2  H N N 222 
LYS HD3  H N N 223 
LYS HE2  H N N 224 
LYS HE3  H N N 225 
LYS HZ1  H N N 226 
LYS HZ2  H N N 227 
LYS HZ3  H N N 228 
LYS HXT  H N N 229 
MET N    N N N 230 
MET CA   C N S 231 
MET C    C N N 232 
MET O    O N N 233 
MET CB   C N N 234 
MET CG   C N N 235 
MET SD   S N N 236 
MET CE   C N N 237 
MET OXT  O N N 238 
MET H    H N N 239 
MET H2   H N N 240 
MET HA   H N N 241 
MET HB2  H N N 242 
MET HB3  H N N 243 
MET HG2  H N N 244 
MET HG3  H N N 245 
MET HE1  H N N 246 
MET HE2  H N N 247 
MET HE3  H N N 248 
MET HXT  H N N 249 
PHE N    N N N 250 
PHE CA   C N S 251 
PHE C    C N N 252 
PHE O    O N N 253 
PHE CB   C N N 254 
PHE CG   C Y N 255 
PHE CD1  C Y N 256 
PHE CD2  C Y N 257 
PHE CE1  C Y N 258 
PHE CE2  C Y N 259 
PHE CZ   C Y N 260 
PHE OXT  O N N 261 
PHE H    H N N 262 
PHE H2   H N N 263 
PHE HA   H N N 264 
PHE HB2  H N N 265 
PHE HB3  H N N 266 
PHE HD1  H N N 267 
PHE HD2  H N N 268 
PHE HE1  H N N 269 
PHE HE2  H N N 270 
PHE HZ   H N N 271 
PHE HXT  H N N 272 
PRO N    N N N 273 
PRO CA   C N S 274 
PRO C    C N N 275 
PRO O    O N N 276 
PRO CB   C N N 277 
PRO CG   C N N 278 
PRO CD   C N N 279 
PRO OXT  O N N 280 
PRO H    H N N 281 
PRO HA   H N N 282 
PRO HB2  H N N 283 
PRO HB3  H N N 284 
PRO HG2  H N N 285 
PRO HG3  H N N 286 
PRO HD2  H N N 287 
PRO HD3  H N N 288 
PRO HXT  H N N 289 
SER N    N N N 290 
SER CA   C N S 291 
SER C    C N N 292 
SER O    O N N 293 
SER CB   C N N 294 
SER OG   O N N 295 
SER OXT  O N N 296 
SER H    H N N 297 
SER H2   H N N 298 
SER HA   H N N 299 
SER HB2  H N N 300 
SER HB3  H N N 301 
SER HG   H N N 302 
SER HXT  H N N 303 
THR N    N N N 304 
THR CA   C N S 305 
THR C    C N N 306 
THR O    O N N 307 
THR CB   C N R 308 
THR OG1  O N N 309 
THR CG2  C N N 310 
THR OXT  O N N 311 
THR H    H N N 312 
THR H2   H N N 313 
THR HA   H N N 314 
THR HB   H N N 315 
THR HG1  H N N 316 
THR HG21 H N N 317 
THR HG22 H N N 318 
THR HG23 H N N 319 
THR HXT  H N N 320 
TRP N    N N N 321 
TRP CA   C N S 322 
TRP C    C N N 323 
TRP O    O N N 324 
TRP CB   C N N 325 
TRP CG   C Y N 326 
TRP CD1  C Y N 327 
TRP CD2  C Y N 328 
TRP NE1  N Y N 329 
TRP CE2  C Y N 330 
TRP CE3  C Y N 331 
TRP CZ2  C Y N 332 
TRP CZ3  C Y N 333 
TRP CH2  C Y N 334 
TRP OXT  O N N 335 
TRP H    H N N 336 
TRP H2   H N N 337 
TRP HA   H N N 338 
TRP HB2  H N N 339 
TRP HB3  H N N 340 
TRP HD1  H N N 341 
TRP HE1  H N N 342 
TRP HE3  H N N 343 
TRP HZ2  H N N 344 
TRP HZ3  H N N 345 
TRP HH2  H N N 346 
TRP HXT  H N N 347 
TYR N    N N N 348 
TYR CA   C N S 349 
TYR C    C N N 350 
TYR O    O N N 351 
TYR CB   C N N 352 
TYR CG   C Y N 353 
TYR CD1  C Y N 354 
TYR CD2  C Y N 355 
TYR CE1  C Y N 356 
TYR CE2  C Y N 357 
TYR CZ   C Y N 358 
TYR OH   O N N 359 
TYR OXT  O N N 360 
TYR H    H N N 361 
TYR H2   H N N 362 
TYR HA   H N N 363 
TYR HB2  H N N 364 
TYR HB3  H N N 365 
TYR HD1  H N N 366 
TYR HD2  H N N 367 
TYR HE1  H N N 368 
TYR HE2  H N N 369 
TYR HH   H N N 370 
TYR HXT  H N N 371 
VAL N    N N N 372 
VAL CA   C N S 373 
VAL C    C N N 374 
VAL O    O N N 375 
VAL CB   C N N 376 
VAL CG1  C N N 377 
VAL CG2  C N N 378 
VAL OXT  O N N 379 
VAL H    H N N 380 
VAL H2   H N N 381 
VAL HA   H N N 382 
VAL HB   H N N 383 
VAL HG11 H N N 384 
VAL HG12 H N N 385 
VAL HG13 H N N 386 
VAL HG21 H N N 387 
VAL HG22 H N N 388 
VAL HG23 H N N 389 
VAL HXT  H N N 390 
# 
loop_
_chem_comp_bond.comp_id 
_chem_comp_bond.atom_id_1 
_chem_comp_bond.atom_id_2 
_chem_comp_bond.value_order 
_chem_comp_bond.pdbx_aromatic_flag 
_chem_comp_bond.pdbx_stereo_config 
_chem_comp_bond.pdbx_ordinal 
ALA N   CA   sing N N 1   
ALA N   H    sing N N 2   
ALA N   H2   sing N N 3   
ALA CA  C    sing N N 4   
ALA CA  CB   sing N N 5   
ALA CA  HA   sing N N 6   
ALA C   O    doub N N 7   
ALA C   OXT  sing N N 8   
ALA CB  HB1  sing N N 9   
ALA CB  HB2  sing N N 10  
ALA CB  HB3  sing N N 11  
ALA OXT HXT  sing N N 12  
ARG N   CA   sing N N 13  
ARG N   H    sing N N 14  
ARG N   H2   sing N N 15  
ARG CA  C    sing N N 16  
ARG CA  CB   sing N N 17  
ARG CA  HA   sing N N 18  
ARG C   O    doub N N 19  
ARG C   OXT  sing N N 20  
ARG CB  CG   sing N N 21  
ARG CB  HB2  sing N N 22  
ARG CB  HB3  sing N N 23  
ARG CG  CD   sing N N 24  
ARG CG  HG2  sing N N 25  
ARG CG  HG3  sing N N 26  
ARG CD  NE   sing N N 27  
ARG CD  HD2  sing N N 28  
ARG CD  HD3  sing N N 29  
ARG NE  CZ   sing N N 30  
ARG NE  HE   sing N N 31  
ARG CZ  NH1  sing N N 32  
ARG CZ  NH2  doub N N 33  
ARG NH1 HH11 sing N N 34  
ARG NH1 HH12 sing N N 35  
ARG NH2 HH21 sing N N 36  
ARG NH2 HH22 sing N N 37  
ARG OXT HXT  sing N N 38  
ASN N   CA   sing N N 39  
ASN N   H    sing N N 40  
ASN N   H2   sing N N 41  
ASN CA  C    sing N N 42  
ASN CA  CB   sing N N 43  
ASN CA  HA   sing N N 44  
ASN C   O    doub N N 45  
ASN C   OXT  sing N N 46  
ASN CB  CG   sing N N 47  
ASN CB  HB2  sing N N 48  
ASN CB  HB3  sing N N 49  
ASN CG  OD1  doub N N 50  
ASN CG  ND2  sing N N 51  
ASN ND2 HD21 sing N N 52  
ASN ND2 HD22 sing N N 53  
ASN OXT HXT  sing N N 54  
ASP N   CA   sing N N 55  
ASP N   H    sing N N 56  
ASP N   H2   sing N N 57  
ASP CA  C    sing N N 58  
ASP CA  CB   sing N N 59  
ASP CA  HA   sing N N 60  
ASP C   O    doub N N 61  
ASP C   OXT  sing N N 62  
ASP CB  CG   sing N N 63  
ASP CB  HB2  sing N N 64  
ASP CB  HB3  sing N N 65  
ASP CG  OD1  doub N N 66  
ASP CG  OD2  sing N N 67  
ASP OD2 HD2  sing N N 68  
ASP OXT HXT  sing N N 69  
CYS N   CA   sing N N 70  
CYS N   H    sing N N 71  
CYS N   H2   sing N N 72  
CYS CA  C    sing N N 73  
CYS CA  CB   sing N N 74  
CYS CA  HA   sing N N 75  
CYS C   O    doub N N 76  
CYS C   OXT  sing N N 77  
CYS CB  SG   sing N N 78  
CYS CB  HB2  sing N N 79  
CYS CB  HB3  sing N N 80  
CYS SG  HG   sing N N 81  
CYS OXT HXT  sing N N 82  
GLN N   CA   sing N N 83  
GLN N   H    sing N N 84  
GLN N   H2   sing N N 85  
GLN CA  C    sing N N 86  
GLN CA  CB   sing N N 87  
GLN CA  HA   sing N N 88  
GLN C   O    doub N N 89  
GLN C   OXT  sing N N 90  
GLN CB  CG   sing N N 91  
GLN CB  HB2  sing N N 92  
GLN CB  HB3  sing N N 93  
GLN CG  CD   sing N N 94  
GLN CG  HG2  sing N N 95  
GLN CG  HG3  sing N N 96  
GLN CD  OE1  doub N N 97  
GLN CD  NE2  sing N N 98  
GLN NE2 HE21 sing N N 99  
GLN NE2 HE22 sing N N 100 
GLN OXT HXT  sing N N 101 
GLU N   CA   sing N N 102 
GLU N   H    sing N N 103 
GLU N   H2   sing N N 104 
GLU CA  C    sing N N 105 
GLU CA  CB   sing N N 106 
GLU CA  HA   sing N N 107 
GLU C   O    doub N N 108 
GLU C   OXT  sing N N 109 
GLU CB  CG   sing N N 110 
GLU CB  HB2  sing N N 111 
GLU CB  HB3  sing N N 112 
GLU CG  CD   sing N N 113 
GLU CG  HG2  sing N N 114 
GLU CG  HG3  sing N N 115 
GLU CD  OE1  doub N N 116 
GLU CD  OE2  sing N N 117 
GLU OE2 HE2  sing N N 118 
GLU OXT HXT  sing N N 119 
GLY N   CA   sing N N 120 
GLY N   H    sing N N 121 
GLY N   H2   sing N N 122 
GLY CA  C    sing N N 123 
GLY CA  HA2  sing N N 124 
GLY CA  HA3  sing N N 125 
GLY C   O    doub N N 126 
GLY C   OXT  sing N N 127 
GLY OXT HXT  sing N N 128 
HIS N   CA   sing N N 129 
HIS N   H    sing N N 130 
HIS N   H2   sing N N 131 
HIS CA  C    sing N N 132 
HIS CA  CB   sing N N 133 
HIS CA  HA   sing N N 134 
HIS C   O    doub N N 135 
HIS C   OXT  sing N N 136 
HIS CB  CG   sing N N 137 
HIS CB  HB2  sing N N 138 
HIS CB  HB3  sing N N 139 
HIS CG  ND1  sing Y N 140 
HIS CG  CD2  doub Y N 141 
HIS ND1 CE1  doub Y N 142 
HIS ND1 HD1  sing N N 143 
HIS CD2 NE2  sing Y N 144 
HIS CD2 HD2  sing N N 145 
HIS CE1 NE2  sing Y N 146 
HIS CE1 HE1  sing N N 147 
HIS NE2 HE2  sing N N 148 
HIS OXT HXT  sing N N 149 
HOH O   H1   sing N N 150 
HOH O   H2   sing N N 151 
ILE N   CA   sing N N 152 
ILE N   H    sing N N 153 
ILE N   H2   sing N N 154 
ILE CA  C    sing N N 155 
ILE CA  CB   sing N N 156 
ILE CA  HA   sing N N 157 
ILE C   O    doub N N 158 
ILE C   OXT  sing N N 159 
ILE CB  CG1  sing N N 160 
ILE CB  CG2  sing N N 161 
ILE CB  HB   sing N N 162 
ILE CG1 CD1  sing N N 163 
ILE CG1 HG12 sing N N 164 
ILE CG1 HG13 sing N N 165 
ILE CG2 HG21 sing N N 166 
ILE CG2 HG22 sing N N 167 
ILE CG2 HG23 sing N N 168 
ILE CD1 HD11 sing N N 169 
ILE CD1 HD12 sing N N 170 
ILE CD1 HD13 sing N N 171 
ILE OXT HXT  sing N N 172 
LEU N   CA   sing N N 173 
LEU N   H    sing N N 174 
LEU N   H2   sing N N 175 
LEU CA  C    sing N N 176 
LEU CA  CB   sing N N 177 
LEU CA  HA   sing N N 178 
LEU C   O    doub N N 179 
LEU C   OXT  sing N N 180 
LEU CB  CG   sing N N 181 
LEU CB  HB2  sing N N 182 
LEU CB  HB3  sing N N 183 
LEU CG  CD1  sing N N 184 
LEU CG  CD2  sing N N 185 
LEU CG  HG   sing N N 186 
LEU CD1 HD11 sing N N 187 
LEU CD1 HD12 sing N N 188 
LEU CD1 HD13 sing N N 189 
LEU CD2 HD21 sing N N 190 
LEU CD2 HD22 sing N N 191 
LEU CD2 HD23 sing N N 192 
LEU OXT HXT  sing N N 193 
LYS N   CA   sing N N 194 
LYS N   H    sing N N 195 
LYS N   H2   sing N N 196 
LYS CA  C    sing N N 197 
LYS CA  CB   sing N N 198 
LYS CA  HA   sing N N 199 
LYS C   O    doub N N 200 
LYS C   OXT  sing N N 201 
LYS CB  CG   sing N N 202 
LYS CB  HB2  sing N N 203 
LYS CB  HB3  sing N N 204 
LYS CG  CD   sing N N 205 
LYS CG  HG2  sing N N 206 
LYS CG  HG3  sing N N 207 
LYS CD  CE   sing N N 208 
LYS CD  HD2  sing N N 209 
LYS CD  HD3  sing N N 210 
LYS CE  NZ   sing N N 211 
LYS CE  HE2  sing N N 212 
LYS CE  HE3  sing N N 213 
LYS NZ  HZ1  sing N N 214 
LYS NZ  HZ2  sing N N 215 
LYS NZ  HZ3  sing N N 216 
LYS OXT HXT  sing N N 217 
MET N   CA   sing N N 218 
MET N   H    sing N N 219 
MET N   H2   sing N N 220 
MET CA  C    sing N N 221 
MET CA  CB   sing N N 222 
MET CA  HA   sing N N 223 
MET C   O    doub N N 224 
MET C   OXT  sing N N 225 
MET CB  CG   sing N N 226 
MET CB  HB2  sing N N 227 
MET CB  HB3  sing N N 228 
MET CG  SD   sing N N 229 
MET CG  HG2  sing N N 230 
MET CG  HG3  sing N N 231 
MET SD  CE   sing N N 232 
MET CE  HE1  sing N N 233 
MET CE  HE2  sing N N 234 
MET CE  HE3  sing N N 235 
MET OXT HXT  sing N N 236 
PHE N   CA   sing N N 237 
PHE N   H    sing N N 238 
PHE N   H2   sing N N 239 
PHE CA  C    sing N N 240 
PHE CA  CB   sing N N 241 
PHE CA  HA   sing N N 242 
PHE C   O    doub N N 243 
PHE C   OXT  sing N N 244 
PHE CB  CG   sing N N 245 
PHE CB  HB2  sing N N 246 
PHE CB  HB3  sing N N 247 
PHE CG  CD1  doub Y N 248 
PHE CG  CD2  sing Y N 249 
PHE CD1 CE1  sing Y N 250 
PHE CD1 HD1  sing N N 251 
PHE CD2 CE2  doub Y N 252 
PHE CD2 HD2  sing N N 253 
PHE CE1 CZ   doub Y N 254 
PHE CE1 HE1  sing N N 255 
PHE CE2 CZ   sing Y N 256 
PHE CE2 HE2  sing N N 257 
PHE CZ  HZ   sing N N 258 
PHE OXT HXT  sing N N 259 
PRO N   CA   sing N N 260 
PRO N   CD   sing N N 261 
PRO N   H    sing N N 262 
PRO CA  C    sing N N 263 
PRO CA  CB   sing N N 264 
PRO CA  HA   sing N N 265 
PRO C   O    doub N N 266 
PRO C   OXT  sing N N 267 
PRO CB  CG   sing N N 268 
PRO CB  HB2  sing N N 269 
PRO CB  HB3  sing N N 270 
PRO CG  CD   sing N N 271 
PRO CG  HG2  sing N N 272 
PRO CG  HG3  sing N N 273 
PRO CD  HD2  sing N N 274 
PRO CD  HD3  sing N N 275 
PRO OXT HXT  sing N N 276 
SER N   CA   sing N N 277 
SER N   H    sing N N 278 
SER N   H2   sing N N 279 
SER CA  C    sing N N 280 
SER CA  CB   sing N N 281 
SER CA  HA   sing N N 282 
SER C   O    doub N N 283 
SER C   OXT  sing N N 284 
SER CB  OG   sing N N 285 
SER CB  HB2  sing N N 286 
SER CB  HB3  sing N N 287 
SER OG  HG   sing N N 288 
SER OXT HXT  sing N N 289 
THR N   CA   sing N N 290 
THR N   H    sing N N 291 
THR N   H2   sing N N 292 
THR CA  C    sing N N 293 
THR CA  CB   sing N N 294 
THR CA  HA   sing N N 295 
THR C   O    doub N N 296 
THR C   OXT  sing N N 297 
THR CB  OG1  sing N N 298 
THR CB  CG2  sing N N 299 
THR CB  HB   sing N N 300 
THR OG1 HG1  sing N N 301 
THR CG2 HG21 sing N N 302 
THR CG2 HG22 sing N N 303 
THR CG2 HG23 sing N N 304 
THR OXT HXT  sing N N 305 
TRP N   CA   sing N N 306 
TRP N   H    sing N N 307 
TRP N   H2   sing N N 308 
TRP CA  C    sing N N 309 
TRP CA  CB   sing N N 310 
TRP CA  HA   sing N N 311 
TRP C   O    doub N N 312 
TRP C   OXT  sing N N 313 
TRP CB  CG   sing N N 314 
TRP CB  HB2  sing N N 315 
TRP CB  HB3  sing N N 316 
TRP CG  CD1  doub Y N 317 
TRP CG  CD2  sing Y N 318 
TRP CD1 NE1  sing Y N 319 
TRP CD1 HD1  sing N N 320 
TRP CD2 CE2  doub Y N 321 
TRP CD2 CE3  sing Y N 322 
TRP NE1 CE2  sing Y N 323 
TRP NE1 HE1  sing N N 324 
TRP CE2 CZ2  sing Y N 325 
TRP CE3 CZ3  doub Y N 326 
TRP CE3 HE3  sing N N 327 
TRP CZ2 CH2  doub Y N 328 
TRP CZ2 HZ2  sing N N 329 
TRP CZ3 CH2  sing Y N 330 
TRP CZ3 HZ3  sing N N 331 
TRP CH2 HH2  sing N N 332 
TRP OXT HXT  sing N N 333 
TYR N   CA   sing N N 334 
TYR N   H    sing N N 335 
TYR N   H2   sing N N 336 
TYR CA  C    sing N N 337 
TYR CA  CB   sing N N 338 
TYR CA  HA   sing N N 339 
TYR C   O    doub N N 340 
TYR C   OXT  sing N N 341 
TYR CB  CG   sing N N 342 
TYR CB  HB2  sing N N 343 
TYR CB  HB3  sing N N 344 
TYR CG  CD1  doub Y N 345 
TYR CG  CD2  sing Y N 346 
TYR CD1 CE1  sing Y N 347 
TYR CD1 HD1  sing N N 348 
TYR CD2 CE2  doub Y N 349 
TYR CD2 HD2  sing N N 350 
TYR CE1 CZ   doub Y N 351 
TYR CE1 HE1  sing N N 352 
TYR CE2 CZ   sing Y N 353 
TYR CE2 HE2  sing N N 354 
TYR CZ  OH   sing N N 355 
TYR OH  HH   sing N N 356 
TYR OXT HXT  sing N N 357 
VAL N   CA   sing N N 358 
VAL N   H    sing N N 359 
VAL N   H2   sing N N 360 
VAL CA  C    sing N N 361 
VAL CA  CB   sing N N 362 
VAL CA  HA   sing N N 363 
VAL C   O    doub N N 364 
VAL C   OXT  sing N N 365 
VAL CB  CG1  sing N N 366 
VAL CB  CG2  sing N N 367 
VAL CB  HB   sing N N 368 
VAL CG1 HG11 sing N N 369 
VAL CG1 HG12 sing N N 370 
VAL CG1 HG13 sing N N 371 
VAL CG2 HG21 sing N N 372 
VAL CG2 HG22 sing N N 373 
VAL CG2 HG23 sing N N 374 
VAL OXT HXT  sing N N 375 
# 
_atom_sites.entry_id                    1W24 
_atom_sites.fract_transf_matrix[1][1]   0.01149501 
_atom_sites.fract_transf_matrix[1][2]   -0.00058967 
_atom_sites.fract_transf_matrix[1][3]   0.01456372 
_atom_sites.fract_transf_matrix[2][1]   -0.01446072 
_atom_sites.fract_transf_matrix[2][2]   0.00186328 
_atom_sites.fract_transf_matrix[2][3]   0.01148916 
_atom_sites.fract_transf_matrix[3][1]   -0.00079241 
_atom_sites.fract_transf_matrix[3][2]   -0.00800725 
_atom_sites.fract_transf_matrix[3][3]   0.00030124 
_atom_sites.fract_transf_vector[1]      0.328580 
_atom_sites.fract_transf_vector[2]      0.065619 
_atom_sites.fract_transf_vector[3]      0.111612 
# 
loop_
_atom_type.symbol 
C 
N 
O 
S 
# 
loop_
_atom_site.group_PDB 
_atom_site.id 
_atom_site.type_symbol 
_atom_site.label_atom_id 
_atom_site.label_alt_id 
_atom_site.label_comp_id 
_atom_site.label_asym_id 
_atom_site.label_entity_id 
_atom_site.label_seq_id 
_atom_site.pdbx_PDB_ins_code 
_atom_site.Cartn_x 
_atom_site.Cartn_y 
_atom_site.Cartn_z 
_atom_site.occupancy 
_atom_site.B_iso_or_equiv 
_atom_site.pdbx_formal_charge 
_atom_site.auth_seq_id 
_atom_site.auth_comp_id 
_atom_site.auth_asym_id 
_atom_site.auth_atom_id 
_atom_site.pdbx_PDB_model_num 
ATOM   1    N N   . MET A 1 1   ? -9.009  -13.897 3.025   1.00 36.90 ? 1    MET A N   1 
ATOM   2    C CA  . MET A 1 1   ? -8.503  -13.777 1.619   1.00 36.78 ? 1    MET A CA  1 
ATOM   3    C C   . MET A 1 1   ? -7.348  -12.797 1.532   1.00 32.42 ? 1    MET A C   1 
ATOM   4    O O   . MET A 1 1   ? -7.277  -11.919 2.373   1.00 29.39 ? 1    MET A O   1 
ATOM   5    C CB  . MET A 1 1   ? -9.602  -13.303 0.663   1.00 42.51 ? 1    MET A CB  1 
ATOM   6    C CG  . MET A 1 1   ? -10.232 -11.979 1.042   1.00 47.42 ? 1    MET A CG  1 
ATOM   7    S SD  . MET A 1 1   ? -11.999 -12.333 1.004   1.00 56.68 ? 1    MET A SD  1 
ATOM   8    C CE  . MET A 1 1   ? -12.205 -12.738 -0.746  1.00 55.58 ? 1    MET A CE  1 
ATOM   9    N N   . LEU A 1 2   ? -6.488  -12.970 0.525   1.00 31.29 ? 2    LEU A N   1 
ATOM   10   C CA  . LEU A 1 2   ? -5.262  -12.212 0.315   1.00 30.37 ? 2    LEU A CA  1 
ATOM   11   C C   . LEU A 1 2   ? -5.490  -10.876 -0.364  1.00 28.60 ? 2    LEU A C   1 
ATOM   12   O O   . LEU A 1 2   ? -6.102  -10.812 -1.441  1.00 26.53 ? 2    LEU A O   1 
ATOM   13   C CB  . LEU A 1 2   ? -4.300  -12.993 -0.566  1.00 30.57 ? 2    LEU A CB  1 
ATOM   14   C CG  . LEU A 1 2   ? -3.823  -14.205 0.219   1.00 33.21 ? 2    LEU A CG  1 
ATOM   15   C CD1 . LEU A 1 2   ? -2.681  -14.849 -0.561  1.00 33.70 ? 2    LEU A CD1 1 
ATOM   16   C CD2 . LEU A 1 2   ? -3.413  -13.770 1.612   1.00 32.17 ? 2    LEU A CD2 1 
ATOM   17   N N   . VAL A 1 3   ? -4.967  -9.836  0.277   1.00 26.14 ? 3    VAL A N   1 
ATOM   18   C CA  . VAL A 1 3   ? -5.019  -8.495  -0.280  1.00 25.32 ? 3    VAL A CA  1 
ATOM   19   C C   . VAL A 1 3   ? -3.604  -7.964  -0.388  1.00 24.74 ? 3    VAL A C   1 
ATOM   20   O O   . VAL A 1 3   ? -2.886  -7.921  0.611   1.00 25.33 ? 3    VAL A O   1 
ATOM   21   C CB  . VAL A 1 3   ? -5.810  -7.543  0.607   1.00 24.99 ? 3    VAL A CB  1 
ATOM   22   C CG1 . VAL A 1 3   ? -5.757  -6.128  0.023   1.00 25.99 ? 3    VAL A CG1 1 
ATOM   23   C CG2 . VAL A 1 3   ? -7.237  -8.020  0.748   1.00 24.93 ? 3    VAL A CG2 1 
ATOM   24   N N   . LEU A 1 4   ? -3.195  -7.576  -1.597  1.00 23.49 ? 4    LEU A N   1 
ATOM   25   C CA  . LEU A 1 4   ? -1.848  -7.046  -1.790  1.00 23.07 ? 4    LEU A CA  1 
ATOM   26   C C   . LEU A 1 4   ? -1.976  -5.540  -1.645  1.00 24.71 ? 4    LEU A C   1 
ATOM   27   O O   . LEU A 1 4   ? -2.887  -4.953  -2.213  1.00 25.96 ? 4    LEU A O   1 
ATOM   28   C CB  . LEU A 1 4   ? -1.346  -7.372  -3.195  1.00 23.77 ? 4    LEU A CB  1 
ATOM   29   C CG  . LEU A 1 4   ? -0.029  -6.743  -3.638  1.00 24.74 ? 4    LEU A CG  1 
ATOM   30   C CD1 . LEU A 1 4   ? 1.130   -7.133  -2.701  1.00 24.15 ? 4    LEU A CD1 1 
ATOM   31   C CD2 . LEU A 1 4   ? 0.270   -7.166  -5.070  1.00 25.26 ? 4    LEU A CD2 1 
ATOM   32   N N   . VAL A 1 5   ? -1.105  -4.917  -0.859  1.00 25.54 ? 5    VAL A N   1 
ATOM   33   C CA  . VAL A 1 5   ? -1.078  -3.457  -0.759  1.00 24.04 ? 5    VAL A CA  1 
ATOM   34   C C   . VAL A 1 5   ? 0.298   -2.918  -1.121  1.00 25.24 ? 5    VAL A C   1 
ATOM   35   O O   . VAL A 1 5   ? 1.298   -3.329  -0.534  1.00 23.09 ? 5    VAL A O   1 
ATOM   36   C CB  . VAL A 1 5   ? -1.391  -3.025  0.670   1.00 21.89 ? 5    VAL A CB  1 
ATOM   37   C CG1 . VAL A 1 5   ? -1.420  -1.513  0.802   1.00 22.19 ? 5    VAL A CG1 1 
ATOM   38   C CG2 . VAL A 1 5   ? -2.694  -3.651  1.130   1.00 21.52 ? 5    VAL A CG2 1 
ATOM   39   N N   . LEU A 1 6   ? 0.338   -2.002  -2.085  1.00 25.29 ? 6    LEU A N   1 
ATOM   40   C CA  . LEU A 1 6   ? 1.589   -1.404  -2.525  1.00 26.20 ? 6    LEU A CA  1 
ATOM   41   C C   . LEU A 1 6   ? 1.380   -0.072  -3.226  1.00 26.60 ? 6    LEU A C   1 
ATOM   42   O O   . LEU A 1 6   ? 0.262   0.309   -3.580  1.00 26.09 ? 6    LEU A O   1 
ATOM   43   C CB  . LEU A 1 6   ? 2.367   -2.301  -3.497  1.00 26.87 ? 6    LEU A CB  1 
ATOM   44   C CG  . LEU A 1 6   ? 1.761   -3.054  -4.685  1.00 28.40 ? 6    LEU A CG  1 
ATOM   45   C CD1 . LEU A 1 6   ? 0.332   -2.666  -5.146  1.00 26.03 ? 6    LEU A CD1 1 
ATOM   46   C CD2 . LEU A 1 6   ? 2.717   -3.210  -5.852  1.00 27.60 ? 6    LEU A CD2 1 
ATOM   47   N N   . GLY A 1 7   ? 2.483   0.632   -3.446  1.00 25.96 ? 7    GLY A N   1 
ATOM   48   C CA  . GLY A 1 7   ? 2.408   1.833   -4.254  1.00 25.67 ? 7    GLY A CA  1 
ATOM   49   C C   . GLY A 1 7   ? 3.738   2.545   -4.345  1.00 25.26 ? 7    GLY A C   1 
ATOM   50   O O   . GLY A 1 7   ? 4.765   1.953   -4.015  1.00 22.26 ? 7    GLY A O   1 
ATOM   51   N N   . ASP A 1 8   ? 3.695   3.809   -4.776  1.00 26.16 ? 8    ASP A N   1 
ATOM   52   C CA  . ASP A 1 8   ? 4.883   4.632   -4.931  1.00 26.43 ? 8    ASP A CA  1 
ATOM   53   C C   . ASP A 1 8   ? 5.981   3.882   -5.683  1.00 27.39 ? 8    ASP A C   1 
ATOM   54   O O   . ASP A 1 8   ? 7.134   3.907   -5.266  1.00 27.35 ? 8    ASP A O   1 
ATOM   55   C CB  . ASP A 1 8   ? 5.375   5.018   -3.539  1.00 25.97 ? 8    ASP A CB  1 
ATOM   56   C CG  . ASP A 1 8   ? 4.453   6.012   -2.883  1.00 25.29 ? 8    ASP A CG  1 
ATOM   57   O OD1 . ASP A 1 8   ? 3.971   6.884   -3.636  1.00 25.41 ? 8    ASP A OD1 1 
ATOM   58   O OD2 . ASP A 1 8   ? 4.126   5.973   -1.674  1.00 24.08 ? 8    ASP A OD2 1 
ATOM   59   N N   . LEU A 1 9   ? 5.616   3.190   -6.759  1.00 29.41 ? 9    LEU A N   1 
ATOM   60   C CA  . LEU A 1 9   ? 6.611   2.484   -7.565  1.00 31.22 ? 9    LEU A CA  1 
ATOM   61   C C   . LEU A 1 9   ? 7.467   3.447   -8.390  1.00 31.32 ? 9    LEU A C   1 
ATOM   62   O O   . LEU A 1 9   ? 8.653   3.192   -8.584  1.00 31.67 ? 9    LEU A O   1 
ATOM   63   C CB  . LEU A 1 9   ? 5.961   1.473   -8.510  1.00 32.70 ? 9    LEU A CB  1 
ATOM   64   C CG  . LEU A 1 9   ? 4.804   0.525   -8.153  1.00 34.74 ? 9    LEU A CG  1 
ATOM   65   C CD1 . LEU A 1 9   ? 5.002   -0.755  -8.957  1.00 35.28 ? 9    LEU A CD1 1 
ATOM   66   C CD2 . LEU A 1 9   ? 4.624   0.182   -6.686  1.00 33.66 ? 9    LEU A CD2 1 
ATOM   67   N N   . HIS A 1 10  ? 6.862   4.513   -8.910  1.00 30.12 ? 10   HIS A N   1 
ATOM   68   C CA  . HIS A 1 10  ? 7.585   5.534   -9.684  1.00 30.39 ? 10   HIS A CA  1 
ATOM   69   C C   . HIS A 1 10  ? 8.385   4.946   -10.847 1.00 31.70 ? 10   HIS A C   1 
ATOM   70   O O   . HIS A 1 10  ? 9.567   5.255   -11.038 1.00 29.48 ? 10   HIS A O   1 
ATOM   71   C CB  . HIS A 1 10  ? 8.494   6.369   -8.785  1.00 28.79 ? 10   HIS A CB  1 
ATOM   72   C CG  . HIS A 1 10  ? 7.758   7.255   -7.831  1.00 29.46 ? 10   HIS A CG  1 
ATOM   73   N ND1 . HIS A 1 10  ? 7.133   8.418   -8.228  1.00 30.52 ? 10   HIS A ND1 1 
ATOM   74   C CD2 . HIS A 1 10  ? 7.548   7.155   -6.497  1.00 29.63 ? 10   HIS A CD2 1 
ATOM   75   C CE1 . HIS A 1 10  ? 6.567   8.996   -7.183  1.00 29.32 ? 10   HIS A CE1 1 
ATOM   76   N NE2 . HIS A 1 10  ? 6.798   8.245   -6.122  1.00 29.71 ? 10   HIS A NE2 1 
ATOM   77   N N   . ILE A 1 11  ? 7.736   4.051   -11.591 1.00 33.28 ? 11   ILE A N   1 
ATOM   78   C CA  . ILE A 1 11  ? 8.286   3.524   -12.834 1.00 32.01 ? 11   ILE A CA  1 
ATOM   79   C C   . ILE A 1 11  ? 7.655   4.356   -13.949 1.00 33.16 ? 11   ILE A C   1 
ATOM   80   O O   . ILE A 1 11  ? 6.457   4.615   -13.902 1.00 33.04 ? 11   ILE A O   1 
ATOM   81   C CB  . ILE A 1 11  ? 7.951   2.022   -12.953 1.00 30.77 ? 11   ILE A CB  1 
ATOM   82   C CG1 . ILE A 1 11  ? 8.748   1.219   -11.932 1.00 31.45 ? 11   ILE A CG1 1 
ATOM   83   C CG2 . ILE A 1 11  ? 8.385   1.447   -14.283 1.00 29.90 ? 11   ILE A CG2 1 
ATOM   84   C CD1 . ILE A 1 11  ? 8.171   -0.189  -11.668 1.00 31.47 ? 11   ILE A CD1 1 
ATOM   85   N N   . PRO A 1 12  ? 8.428   4.806   -14.936 1.00 34.65 ? 12   PRO A N   1 
ATOM   86   C CA  . PRO A 1 12  ? 9.880   4.596   -15.012 1.00 35.00 ? 12   PRO A CA  1 
ATOM   87   C C   . PRO A 1 12  ? 10.732  5.785   -14.550 1.00 36.12 ? 12   PRO A C   1 
ATOM   88   O O   . PRO A 1 12  ? 11.951  5.705   -14.696 1.00 34.78 ? 12   PRO A O   1 
ATOM   89   C CB  . PRO A 1 12  ? 10.098  4.438   -16.521 1.00 34.47 ? 12   PRO A CB  1 
ATOM   90   C CG  . PRO A 1 12  ? 9.065   5.352   -17.126 1.00 35.46 ? 12   PRO A CG  1 
ATOM   91   C CD  . PRO A 1 12  ? 7.923   5.507   -16.133 1.00 34.91 ? 12   PRO A CD  1 
ATOM   92   N N   . HIS A 1 13  ? 10.138  6.863   -14.044 1.00 37.12 ? 13   HIS A N   1 
ATOM   93   C CA  . HIS A 1 13  ? 10.929  8.065   -13.754 1.00 38.34 ? 13   HIS A CA  1 
ATOM   94   C C   . HIS A 1 13  ? 12.028  7.875   -12.686 1.00 38.28 ? 13   HIS A C   1 
ATOM   95   O O   . HIS A 1 13  ? 13.159  8.321   -12.907 1.00 37.98 ? 13   HIS A O   1 
ATOM   96   C CB  . HIS A 1 13  ? 10.053  9.311   -13.509 1.00 38.75 ? 13   HIS A CB  1 
ATOM   97   C CG  . HIS A 1 13  ? 10.820  10.599  -13.549 1.00 40.97 ? 13   HIS A CG  1 
ATOM   98   N ND1 . HIS A 1 13  ? 11.183  11.284  -12.407 1.00 41.61 ? 13   HIS A ND1 1 
ATOM   99   C CD2 . HIS A 1 13  ? 11.356  11.290  -14.587 1.00 41.22 ? 13   HIS A CD2 1 
ATOM   100  C CE1 . HIS A 1 13  ? 11.890  12.351  -12.743 1.00 41.31 ? 13   HIS A CE1 1 
ATOM   101  N NE2 . HIS A 1 13  ? 12.004  12.381  -14.059 1.00 40.68 ? 13   HIS A NE2 1 
ATOM   102  N N   . ARG A 1 14  ? 11.742  7.188   -11.573 1.00 35.67 ? 14   ARG A N   1 
ATOM   103  C CA  . ARG A 1 14  ? 12.725  7.029   -10.495 1.00 34.18 ? 14   ARG A CA  1 
ATOM   104  C C   . ARG A 1 14  ? 13.275  5.609   -10.438 1.00 36.50 ? 14   ARG A C   1 
ATOM   105  O O   . ARG A 1 14  ? 14.340  5.391   -9.867  1.00 38.08 ? 14   ARG A O   1 
ATOM   106  C CB  . ARG A 1 14  ? 12.168  7.396   -9.100  1.00 31.33 ? 14   ARG A CB  1 
ATOM   107  C CG  . ARG A 1 14  ? 11.258  8.636   -9.079  1.00 28.12 ? 14   ARG A CG  1 
ATOM   108  C CD  . ARG A 1 14  ? 10.853  9.134   -7.708  1.00 27.82 ? 14   ARG A CD  1 
ATOM   109  N NE  . ARG A 1 14  ? 9.999   10.323  -7.758  1.00 25.20 ? 14   ARG A NE  1 
ATOM   110  C CZ  . ARG A 1 14  ? 9.503   10.934  -6.680  1.00 28.10 ? 14   ARG A CZ  1 
ATOM   111  N NH1 . ARG A 1 14  ? 9.749   10.459  -5.458  1.00 25.35 ? 14   ARG A NH1 1 
ATOM   112  N NH2 . ARG A 1 14  ? 8.704   11.998  -6.823  1.00 27.36 ? 14   ARG A NH2 1 
ATOM   113  N N   . CYS A 1 15  ? 12.544  4.636   -10.977 1.00 37.37 ? 15   CYS A N   1 
ATOM   114  C CA  . CYS A 1 15  ? 12.990  3.244   -10.919 1.00 39.23 ? 15   CYS A CA  1 
ATOM   115  C C   . CYS A 1 15  ? 12.531  2.576   -12.179 1.00 38.76 ? 15   CYS A C   1 
ATOM   116  O O   . CYS A 1 15  ? 11.597  3.048   -12.814 1.00 37.89 ? 15   CYS A O   1 
ATOM   117  C CB  . CYS A 1 15  ? 12.404  2.447   -9.751  1.00 39.79 ? 15   CYS A CB  1 
ATOM   118  S SG  . CYS A 1 15  ? 12.592  3.197   -8.124  1.00 42.08 ? 15   CYS A SG  1 
ATOM   119  N N   . ASN A 1 16  ? 13.181  1.475   -12.538 1.00 41.64 ? 16   ASN A N   1 
ATOM   120  C CA  . ASN A 1 16  ? 12.754  0.768   -13.739 1.00 44.00 ? 16   ASN A CA  1 
ATOM   121  C C   . ASN A 1 16  ? 11.930  -0.486  -13.448 1.00 42.90 ? 16   ASN A C   1 
ATOM   122  O O   . ASN A 1 16  ? 11.177  -0.937  -14.305 1.00 42.85 ? 16   ASN A O   1 
ATOM   123  C CB  . ASN A 1 16  ? 13.959  0.452   -14.642 1.00 47.36 ? 16   ASN A CB  1 
ATOM   124  C CG  . ASN A 1 16  ? 14.808  -0.700  -14.117 1.00 49.90 ? 16   ASN A CG  1 
ATOM   125  O OD1 . ASN A 1 16  ? 15.405  -0.609  -13.042 1.00 51.77 ? 16   ASN A OD1 1 
ATOM   126  N ND2 . ASN A 1 16  ? 14.870  -1.792  -14.882 1.00 52.08 ? 16   ASN A ND2 1 
ATOM   127  N N   . SER A 1 17  ? 12.084  -1.064  -12.260 1.00 42.61 ? 17   SER A N   1 
ATOM   128  C CA  . SER A 1 17  ? 11.379  -2.307  -11.961 1.00 42.96 ? 17   SER A CA  1 
ATOM   129  C C   . SER A 1 17  ? 11.210  -2.586  -10.469 1.00 41.55 ? 17   SER A C   1 
ATOM   130  O O   . SER A 1 17  ? 11.919  -1.999  -9.651  1.00 40.27 ? 17   SER A O   1 
ATOM   131  C CB  . SER A 1 17  ? 12.113  -3.486  -12.610 1.00 44.00 ? 17   SER A CB  1 
ATOM   132  O OG  . SER A 1 17  ? 11.993  -4.630  -11.782 1.00 45.48 ? 17   SER A OG  1 
ATOM   133  N N   . LEU A 1 18  ? 10.284  -3.478  -10.117 1.00 41.30 ? 18   LEU A N   1 
ATOM   134  C CA  . LEU A 1 18  ? 10.239  -4.027  -8.762  1.00 40.87 ? 18   LEU A CA  1 
ATOM   135  C C   . LEU A 1 18  ? 11.509  -4.861  -8.662  1.00 40.87 ? 18   LEU A C   1 
ATOM   136  O O   . LEU A 1 18  ? 11.970  -5.357  -9.687  1.00 41.13 ? 18   LEU A O   1 
ATOM   137  C CB  . LEU A 1 18  ? 9.038   -4.951  -8.574  1.00 42.08 ? 18   LEU A CB  1 
ATOM   138  C CG  . LEU A 1 18  ? 7.630   -4.368  -8.417  1.00 42.75 ? 18   LEU A CG  1 
ATOM   139  C CD1 . LEU A 1 18  ? 6.721   -5.416  -7.824  1.00 44.17 ? 18   LEU A CD1 1 
ATOM   140  C CD2 . LEU A 1 18  ? 7.637   -3.168  -7.540  1.00 42.70 ? 18   LEU A CD2 1 
ATOM   141  N N   . PRO A 1 19  ? 12.100  -4.974  -7.475  1.00 39.59 ? 19   PRO A N   1 
ATOM   142  C CA  . PRO A 1 19  ? 13.223  -5.885  -7.245  1.00 40.21 ? 19   PRO A CA  1 
ATOM   143  C C   . PRO A 1 19  ? 12.835  -7.272  -7.711  1.00 42.03 ? 19   PRO A C   1 
ATOM   144  O O   . PRO A 1 19  ? 11.652  -7.624  -7.598  1.00 43.15 ? 19   PRO A O   1 
ATOM   145  C CB  . PRO A 1 19  ? 13.360  -5.916  -5.722  1.00 39.65 ? 19   PRO A CB  1 
ATOM   146  C CG  . PRO A 1 19  ? 12.667  -4.683  -5.205  1.00 38.90 ? 19   PRO A CG  1 
ATOM   147  C CD  . PRO A 1 19  ? 11.758  -4.187  -6.281  1.00 38.70 ? 19   PRO A CD  1 
ATOM   148  N N   . ALA A 1 20  ? 13.798  -8.046  -8.207  1.00 41.96 ? 20   ALA A N   1 
ATOM   149  C CA  . ALA A 1 20  ? 13.478  -9.327  -8.826  1.00 42.30 ? 20   ALA A CA  1 
ATOM   150  C C   . ALA A 1 20  ? 12.833  -10.292 -7.826  1.00 41.79 ? 20   ALA A C   1 
ATOM   151  O O   . ALA A 1 20  ? 11.899  -11.012 -8.177  1.00 42.46 ? 20   ALA A O   1 
ATOM   152  C CB  . ALA A 1 20  ? 14.718  -9.946  -9.457  1.00 43.10 ? 20   ALA A CB  1 
ATOM   153  N N   . LYS A 1 21  ? 13.336  -10.290 -6.596  1.00 40.82 ? 21   LYS A N   1 
ATOM   154  C CA  . LYS A 1 21  ? 12.838  -11.182 -5.558  1.00 42.12 ? 21   LYS A CA  1 
ATOM   155  C C   . LYS A 1 21  ? 11.390  -10.882 -5.151  1.00 41.49 ? 21   LYS A C   1 
ATOM   156  O O   . LYS A 1 21  ? 10.686  -11.800 -4.737  1.00 41.04 ? 21   LYS A O   1 
ATOM   157  C CB  . LYS A 1 21  ? 13.762  -11.169 -4.340  1.00 43.94 ? 21   LYS A CB  1 
ATOM   158  C CG  . LYS A 1 21  ? 15.129  -11.863 -4.523  1.00 46.37 ? 21   LYS A CG  1 
ATOM   159  C CD  . LYS A 1 21  ? 15.757  -12.240 -3.164  1.00 47.14 ? 21   LYS A CD  1 
ATOM   160  C CE  . LYS A 1 21  ? 17.018  -13.121 -3.268  1.00 48.43 ? 21   LYS A CE  1 
ATOM   161  N NZ  . LYS A 1 21  ? 17.793  -13.156 -1.967  1.00 49.12 ? 21   LYS A NZ  1 
ATOM   162  N N   . PHE A 1 22  ? 10.954  -9.621  -5.264  1.00 39.74 ? 22   PHE A N   1 
ATOM   163  C CA  . PHE A 1 22  ? 9.542   -9.248  -5.141  1.00 37.84 ? 22   PHE A CA  1 
ATOM   164  C C   . PHE A 1 22  ? 8.732   -9.879  -6.288  1.00 38.54 ? 22   PHE A C   1 
ATOM   165  O O   . PHE A 1 22  ? 7.692   -10.512 -6.084  1.00 36.21 ? 22   PHE A O   1 
ATOM   166  C CB  . PHE A 1 22  ? 9.388   -7.713  -5.128  1.00 34.98 ? 22   PHE A CB  1 
ATOM   167  C CG  . PHE A 1 22  ? 9.698   -7.081  -3.792  1.00 32.26 ? 22   PHE A CG  1 
ATOM   168  C CD1 . PHE A 1 22  ? 10.291  -7.819  -2.785  1.00 32.01 ? 22   PHE A CD1 1 
ATOM   169  C CD2 . PHE A 1 22  ? 9.370   -5.765  -3.532  1.00 29.66 ? 22   PHE A CD2 1 
ATOM   170  C CE1 . PHE A 1 22  ? 10.528  -7.259  -1.529  1.00 32.43 ? 22   PHE A CE1 1 
ATOM   171  C CE2 . PHE A 1 22  ? 9.615   -5.202  -2.307  1.00 27.65 ? 22   PHE A CE2 1 
ATOM   172  C CZ  . PHE A 1 22  ? 10.214  -5.922  -1.300  1.00 28.85 ? 22   PHE A CZ  1 
ATOM   173  N N   . LYS A 1 23  ? 9.214   -9.703  -7.510  1.00 39.20 ? 23   LYS A N   1 
ATOM   174  C CA  . LYS A 1 23  ? 8.549   -10.286 -8.671  1.00 42.28 ? 23   LYS A CA  1 
ATOM   175  C C   . LYS A 1 23  ? 8.420   -11.809 -8.598  1.00 41.14 ? 23   LYS A C   1 
ATOM   176  O O   . LYS A 1 23  ? 7.446   -12.382 -9.094  1.00 39.51 ? 23   LYS A O   1 
ATOM   177  C CB  . LYS A 1 23  ? 9.277   -9.884  -9.960  1.00 44.52 ? 23   LYS A CB  1 
ATOM   178  C CG  . LYS A 1 23  ? 8.791   -8.560  -10.534 1.00 46.27 ? 23   LYS A CG  1 
ATOM   179  C CD  . LYS A 1 23  ? 9.936   -7.760  -11.113 1.00 48.30 ? 23   LYS A CD  1 
ATOM   180  C CE  . LYS A 1 23  ? 9.738   -7.542  -12.609 1.00 50.27 ? 23   LYS A CE  1 
ATOM   181  N NZ  . LYS A 1 23  ? 8.299   -7.649  -12.989 1.00 50.49 ? 23   LYS A NZ  1 
ATOM   182  N N   . LYS A 1 24  ? 9.415   -12.441 -7.987  1.00 40.86 ? 24   LYS A N   1 
ATOM   183  C CA  . LYS A 1 24  ? 9.392   -13.878 -7.761  1.00 44.63 ? 24   LYS A CA  1 
ATOM   184  C C   . LYS A 1 24  ? 8.203   -14.268 -6.874  1.00 43.20 ? 24   LYS A C   1 
ATOM   185  O O   . LYS A 1 24  ? 7.507   -15.243 -7.170  1.00 42.89 ? 24   LYS A O   1 
ATOM   186  C CB  . LYS A 1 24  ? 10.703  -14.331 -7.113  1.00 47.14 ? 24   LYS A CB  1 
ATOM   187  C CG  . LYS A 1 24  ? 11.196  -15.706 -7.550  1.00 51.16 ? 24   LYS A CG  1 
ATOM   188  C CD  . LYS A 1 24  ? 12.624  -15.950 -7.053  1.00 53.91 ? 24   LYS A CD  1 
ATOM   189  C CE  . LYS A 1 24  ? 13.033  -17.422 -7.203  1.00 57.15 ? 24   LYS A CE  1 
ATOM   190  N NZ  . LYS A 1 24  ? 14.520  -17.636 -7.092  1.00 59.11 ? 24   LYS A NZ  1 
ATOM   191  N N   . LEU A 1 25  ? 7.957   -13.465 -5.837  1.00 40.85 ? 25   LEU A N   1 
ATOM   192  C CA  . LEU A 1 25  ? 6.928   -13.716 -4.828  1.00 40.81 ? 25   LEU A CA  1 
ATOM   193  C C   . LEU A 1 25  ? 5.540   -13.458 -5.378  1.00 40.27 ? 25   LEU A C   1 
ATOM   194  O O   . LEU A 1 25  ? 4.571   -14.104 -4.987  1.00 40.53 ? 25   LEU A O   1 
ATOM   195  C CB  . LEU A 1 25  ? 7.160   -12.838 -3.589  1.00 40.74 ? 25   LEU A CB  1 
ATOM   196  C CG  . LEU A 1 25  ? 8.430   -13.154 -2.791  1.00 40.50 ? 25   LEU A CG  1 
ATOM   197  C CD1 . LEU A 1 25  ? 8.593   -12.185 -1.661  1.00 40.54 ? 25   LEU A CD1 1 
ATOM   198  C CD2 . LEU A 1 25  ? 8.420   -14.576 -2.244  1.00 41.34 ? 25   LEU A CD2 1 
ATOM   199  N N   . LEU A 1 26  ? 5.454   -12.504 -6.295  1.00 39.28 ? 26   LEU A N   1 
ATOM   200  C CA  . LEU A 1 26  ? 4.161   -12.011 -6.723  1.00 41.05 ? 26   LEU A CA  1 
ATOM   201  C C   . LEU A 1 26  ? 3.795   -12.711 -8.015  1.00 42.14 ? 26   LEU A C   1 
ATOM   202  O O   . LEU A 1 26  ? 4.382   -12.419 -9.051  1.00 44.87 ? 26   LEU A O   1 
ATOM   203  C CB  . LEU A 1 26  ? 4.166   -10.481 -6.884  1.00 38.17 ? 26   LEU A CB  1 
ATOM   204  C CG  . LEU A 1 26  ? 4.439   -9.768  -5.552  1.00 37.72 ? 26   LEU A CG  1 
ATOM   205  C CD1 . LEU A 1 26  ? 4.873   -8.320  -5.732  1.00 35.87 ? 26   LEU A CD1 1 
ATOM   206  C CD2 . LEU A 1 26  ? 3.291   -9.884  -4.545  1.00 35.16 ? 26   LEU A CD2 1 
ATOM   207  N N   . VAL A 1 27  ? 2.836   -13.626 -7.928  1.00 42.60 ? 27   VAL A N   1 
ATOM   208  C CA  . VAL A 1 27  ? 2.398   -14.453 -9.047  1.00 43.03 ? 27   VAL A CA  1 
ATOM   209  C C   . VAL A 1 27  ? 0.884   -14.540 -9.032  1.00 43.77 ? 27   VAL A C   1 
ATOM   210  O O   . VAL A 1 27  ? 0.274   -14.357 -7.977  1.00 43.86 ? 27   VAL A O   1 
ATOM   211  C CB  . VAL A 1 27  ? 3.049   -15.862 -9.029  1.00 42.72 ? 27   VAL A CB  1 
ATOM   212  C CG1 . VAL A 1 27  ? 4.532   -15.731 -9.373  1.00 43.56 ? 27   VAL A CG1 1 
ATOM   213  C CG2 . VAL A 1 27  ? 2.885   -16.549 -7.675  1.00 40.83 ? 27   VAL A CG2 1 
ATOM   214  N N   . PRO A 1 28  ? 0.282   -14.763 -10.195 1.00 44.65 ? 28   PRO A N   1 
ATOM   215  C CA  . PRO A 1 28  ? -1.175  -14.714 -10.306 1.00 45.76 ? 28   PRO A CA  1 
ATOM   216  C C   . PRO A 1 28  ? -1.804  -15.860 -9.528  1.00 47.80 ? 28   PRO A C   1 
ATOM   217  O O   . PRO A 1 28  ? -1.128  -16.832 -9.200  1.00 48.45 ? 28   PRO A O   1 
ATOM   218  C CB  . PRO A 1 28  ? -1.424  -14.887 -11.807 1.00 45.13 ? 28   PRO A CB  1 
ATOM   219  C CG  . PRO A 1 28  ? -0.099  -14.596 -12.470 1.00 44.70 ? 28   PRO A CG  1 
ATOM   220  C CD  . PRO A 1 28  ? 0.929   -15.064 -11.483 1.00 45.11 ? 28   PRO A CD  1 
ATOM   221  N N   . GLY A 1 29  ? -3.090  -15.732 -9.226  1.00 48.94 ? 29   GLY A N   1 
ATOM   222  C CA  . GLY A 1 29  ? -3.867  -16.869 -8.767  1.00 49.66 ? 29   GLY A CA  1 
ATOM   223  C C   . GLY A 1 29  ? -3.906  -16.924 -7.258  1.00 49.11 ? 29   GLY A C   1 
ATOM   224  O O   . GLY A 1 29  ? -4.663  -17.690 -6.666  1.00 51.71 ? 29   GLY A O   1 
ATOM   225  N N   . LYS A 1 30  ? -3.093  -16.087 -6.631  1.00 47.64 ? 30   LYS A N   1 
ATOM   226  C CA  . LYS A 1 30  ? -2.979  -16.055 -5.180  1.00 44.84 ? 30   LYS A CA  1 
ATOM   227  C C   . LYS A 1 30  ? -3.870  -14.963 -4.601  1.00 42.74 ? 30   LYS A C   1 
ATOM   228  O O   . LYS A 1 30  ? -4.745  -15.198 -3.755  1.00 42.71 ? 30   LYS A O   1 
ATOM   229  C CB  . LYS A 1 30  ? -1.513  -15.793 -4.811  1.00 45.12 ? 30   LYS A CB  1 
ATOM   230  C CG  . LYS A 1 30  ? -0.626  -17.026 -4.976  1.00 46.26 ? 30   LYS A CG  1 
ATOM   231  C CD  . LYS A 1 30  ? 0.607   -16.988 -4.069  1.00 47.49 ? 30   LYS A CD  1 
ATOM   232  C CE  . LYS A 1 30  ? 1.612   -18.097 -4.400  1.00 47.58 ? 30   LYS A CE  1 
ATOM   233  N NZ  . LYS A 1 30  ? 2.454   -18.485 -3.226  1.00 46.56 ? 30   LYS A NZ  1 
ATOM   234  N N   . ILE A 1 31  ? -3.650  -13.758 -5.114  1.00 39.14 ? 31   ILE A N   1 
ATOM   235  C CA  . ILE A 1 31  ? -4.215  -12.547 -4.535  1.00 36.16 ? 31   ILE A CA  1 
ATOM   236  C C   . ILE A 1 31  ? -5.624  -12.304 -5.055  1.00 34.80 ? 31   ILE A C   1 
ATOM   237  O O   . ILE A 1 31  ? -5.876  -12.461 -6.241  1.00 32.49 ? 31   ILE A O   1 
ATOM   238  C CB  . ILE A 1 31  ? -3.260  -11.368 -4.843  1.00 34.49 ? 31   ILE A CB  1 
ATOM   239  C CG1 . ILE A 1 31  ? -1.945  -11.606 -4.084  1.00 33.68 ? 31   ILE A CG1 1 
ATOM   240  C CG2 . ILE A 1 31  ? -3.902  -10.024 -4.528  1.00 33.42 ? 31   ILE A CG2 1 
ATOM   241  C CD1 . ILE A 1 31  ? -0.722  -11.129 -4.813  1.00 31.16 ? 31   ILE A CD1 1 
ATOM   242  N N   . GLN A 1 32  ? -6.525  -11.911 -4.156  1.00 35.52 ? 32   GLN A N   1 
ATOM   243  C CA  . GLN A 1 32  ? -7.915  -11.603 -4.505  1.00 35.88 ? 32   GLN A CA  1 
ATOM   244  C C   . GLN A 1 32  ? -8.161  -10.130 -4.808  1.00 34.18 ? 32   GLN A C   1 
ATOM   245  O O   . GLN A 1 32  ? -9.036  -9.811  -5.612  1.00 33.07 ? 32   GLN A O   1 
ATOM   246  C CB  . GLN A 1 32  ? -8.851  -11.989 -3.360  1.00 38.29 ? 32   GLN A CB  1 
ATOM   247  C CG  . GLN A 1 32  ? -9.402  -13.416 -3.387  1.00 45.03 ? 32   GLN A CG  1 
ATOM   248  C CD  . GLN A 1 32  ? -8.815  -14.307 -4.470  1.00 48.37 ? 32   GLN A CD  1 
ATOM   249  O OE1 . GLN A 1 32  ? -9.467  -14.558 -5.496  1.00 50.67 ? 32   GLN A OE1 1 
ATOM   250  N NE2 . GLN A 1 32  ? -7.585  -14.788 -4.248  1.00 49.65 ? 32   GLN A NE2 1 
ATOM   251  N N   . HIS A 1 33  ? -7.466  -9.241  -4.093  1.00 31.09 ? 33   HIS A N   1 
ATOM   252  C CA  . HIS A 1 33  ? -7.690  -7.806  -4.220  1.00 29.97 ? 33   HIS A CA  1 
ATOM   253  C C   . HIS A 1 33  ? -6.332  -7.099  -4.139  1.00 28.24 ? 33   HIS A C   1 
ATOM   254  O O   . HIS A 1 33  ? -5.454  -7.546  -3.420  1.00 27.31 ? 33   HIS A O   1 
ATOM   255  C CB  . HIS A 1 33  ? -8.576  -7.249  -3.096  1.00 31.33 ? 33   HIS A CB  1 
ATOM   256  C CG  . HIS A 1 33  ? -9.888  -7.947  -2.904  1.00 32.59 ? 33   HIS A CG  1 
ATOM   257  N ND1 . HIS A 1 33  ? -10.967 -7.759  -3.743  1.00 33.42 ? 33   HIS A ND1 1 
ATOM   258  C CD2 . HIS A 1 33  ? -10.314 -8.790  -1.930  1.00 33.54 ? 33   HIS A CD2 1 
ATOM   259  C CE1 . HIS A 1 33  ? -11.992 -8.476  -3.314  1.00 33.84 ? 33   HIS A CE1 1 
ATOM   260  N NE2 . HIS A 1 33  ? -11.622 -9.112  -2.215  1.00 35.04 ? 33   HIS A NE2 1 
ATOM   261  N N   . ILE A 1 34  ? -6.151  -6.006  -4.867  1.00 26.08 ? 34   ILE A N   1 
ATOM   262  C CA  . ILE A 1 34  ? -4.928  -5.227  -4.765  1.00 25.56 ? 34   ILE A CA  1 
ATOM   263  C C   . ILE A 1 34  ? -5.397  -3.822  -4.443  1.00 25.51 ? 34   ILE A C   1 
ATOM   264  O O   . ILE A 1 34  ? -6.259  -3.290  -5.140  1.00 23.40 ? 34   ILE A O   1 
ATOM   265  C CB  . ILE A 1 34  ? -4.175  -5.193  -6.099  1.00 26.06 ? 34   ILE A CB  1 
ATOM   266  C CG1 . ILE A 1 34  ? -3.640  -6.586  -6.431  1.00 26.07 ? 34   ILE A CG1 1 
ATOM   267  C CG2 . ILE A 1 34  ? -3.016  -4.189  -6.047  1.00 26.63 ? 34   ILE A CG2 1 
ATOM   268  C CD1 . ILE A 1 34  ? -2.983  -6.631  -7.761  1.00 29.20 ? 34   ILE A CD1 1 
ATOM   269  N N   . LEU A 1 35  ? -4.864  -3.247  -3.372  1.00 23.81 ? 35   LEU A N   1 
ATOM   270  C CA  . LEU A 1 35  ? -5.141  -1.854  -3.037  1.00 24.64 ? 35   LEU A CA  1 
ATOM   271  C C   . LEU A 1 35  ? -3.855  -1.067  -3.256  1.00 25.18 ? 35   LEU A C   1 
ATOM   272  O O   . LEU A 1 35  ? -2.845  -1.353  -2.615  1.00 25.50 ? 35   LEU A O   1 
ATOM   273  C CB  . LEU A 1 35  ? -5.627  -1.728  -1.591  1.00 23.72 ? 35   LEU A CB  1 
ATOM   274  C CG  . LEU A 1 35  ? -6.782  -2.675  -1.232  1.00 23.72 ? 35   LEU A CG  1 
ATOM   275  C CD1 . LEU A 1 35  ? -7.065  -2.526  0.249   1.00 22.92 ? 35   LEU A CD1 1 
ATOM   276  C CD2 . LEU A 1 35  ? -8.040  -2.377  -2.041  1.00 22.69 ? 35   LEU A CD2 1 
ATOM   277  N N   . CYS A 1 36  ? -3.892  -0.102  -4.174  1.00 23.04 ? 36   CYS A N   1 
ATOM   278  C CA  . CYS A 1 36  ? -2.668  0.568   -4.604  1.00 23.04 ? 36   CYS A CA  1 
ATOM   279  C C   . CYS A 1 36  ? -2.716  2.055   -4.263  1.00 22.54 ? 36   CYS A C   1 
ATOM   280  O O   . CYS A 1 36  ? -3.666  2.736   -4.658  1.00 20.97 ? 36   CYS A O   1 
ATOM   281  C CB  . CYS A 1 36  ? -2.413  0.367   -6.105  1.00 22.90 ? 36   CYS A CB  1 
ATOM   282  S SG  . CYS A 1 36  ? -0.867  1.161   -6.605  1.00 26.06 ? 36   CYS A SG  1 
ATOM   283  N N   . THR A 1 37  ? -1.723  2.522   -3.502  1.00 21.96 ? 37   THR A N   1 
ATOM   284  C CA  . THR A 1 37  ? -1.678  3.906   -3.007  1.00 24.18 ? 37   THR A CA  1 
ATOM   285  C C   . THR A 1 37  ? -1.408  4.936   -4.092  1.00 24.61 ? 37   THR A C   1 
ATOM   286  O O   . THR A 1 37  ? -1.550  6.150   -3.846  1.00 26.05 ? 37   THR A O   1 
ATOM   287  C CB  . THR A 1 37  ? -0.670  4.139   -1.850  1.00 24.40 ? 37   THR A CB  1 
ATOM   288  O OG1 . THR A 1 37  ? 0.650   3.704   -2.214  1.00 27.69 ? 37   THR A OG1 1 
ATOM   289  C CG2 . THR A 1 37  ? -1.020  3.288   -0.621  1.00 25.18 ? 37   THR A CG2 1 
ATOM   290  N N   . GLY A 1 38  ? -1.017  4.444   -5.263  1.00 23.16 ? 38   GLY A N   1 
ATOM   291  C CA  . GLY A 1 38  ? -0.718  5.295   -6.401  1.00 25.50 ? 38   GLY A CA  1 
ATOM   292  C C   . GLY A 1 38  ? 0.754   5.551   -6.684  1.00 26.15 ? 38   GLY A C   1 
ATOM   293  O O   . GLY A 1 38  ? 1.629   4.887   -6.132  1.00 25.65 ? 38   GLY A O   1 
ATOM   294  N N   . ASN A 1 39  ? 1.019   6.553   -7.522  1.00 27.06 ? 39   ASN A N   1 
ATOM   295  C CA  . ASN A 1 39  ? 2.362   6.851   -8.035  1.00 26.41 ? 39   ASN A CA  1 
ATOM   296  C C   . ASN A 1 39  ? 2.972   5.598   -8.648  1.00 27.63 ? 39   ASN A C   1 
ATOM   297  O O   . ASN A 1 39  ? 4.041   5.129   -8.236  1.00 29.60 ? 39   ASN A O   1 
ATOM   298  C CB  . ASN A 1 39  ? 3.283   7.509   -6.989  1.00 24.02 ? 39   ASN A CB  1 
ATOM   299  C CG  . ASN A 1 39  ? 3.013   8.997   -6.837  1.00 24.34 ? 39   ASN A CG  1 
ATOM   300  O OD1 . ASN A 1 39  ? 2.341   9.583   -7.675  1.00 25.89 ? 39   ASN A OD1 1 
ATOM   301  N ND2 . ASN A 1 39  ? 3.516   9.610   -5.769  1.00 23.76 ? 39   ASN A ND2 1 
ATOM   302  N N   . LEU A 1 40  ? 2.268   5.099   -9.658  1.00 29.60 ? 40   LEU A N   1 
ATOM   303  C CA  . LEU A 1 40  ? 2.697   3.986   -10.504 1.00 31.67 ? 40   LEU A CA  1 
ATOM   304  C C   . LEU A 1 40  ? 3.962   4.202   -11.335 1.00 32.17 ? 40   LEU A C   1 
ATOM   305  O O   . LEU A 1 40  ? 4.902   3.436   -11.170 1.00 32.78 ? 40   LEU A O   1 
ATOM   306  C CB  . LEU A 1 40  ? 1.542   3.558   -11.412 1.00 32.01 ? 40   LEU A CB  1 
ATOM   307  C CG  . LEU A 1 40  ? 0.473   2.805   -10.609 1.00 33.68 ? 40   LEU A CG  1 
ATOM   308  C CD1 . LEU A 1 40  ? -0.692  2.383   -11.528 1.00 34.65 ? 40   LEU A CD1 1 
ATOM   309  C CD2 . LEU A 1 40  ? 1.118   1.583   -9.962  1.00 32.12 ? 40   LEU A CD2 1 
ATOM   310  N N   . CYS A 1 41  ? 4.067   5.206   -12.202 1.00 33.87 ? 41   CYS A N   1 
ATOM   311  C CA  . CYS A 1 41  ? 3.101   6.269   -12.416 1.00 36.15 ? 41   CYS A CA  1 
ATOM   312  C C   . CYS A 1 41  ? 2.444   6.139   -13.792 1.00 38.67 ? 41   CYS A C   1 
ATOM   313  O O   . CYS A 1 41  ? 1.837   7.107   -14.260 1.00 37.44 ? 41   CYS A O   1 
ATOM   314  C CB  . CYS A 1 41  ? 3.801   7.626   -12.320 1.00 35.99 ? 41   CYS A CB  1 
ATOM   315  S SG  . CYS A 1 41  ? 4.558   7.985   -10.710 1.00 36.08 ? 41   CYS A SG  1 
ATOM   316  N N   . THR A 1 42  ? 2.558   4.961   -14.409 1.00 41.00 ? 42   THR A N   1 
ATOM   317  C CA  . THR A 1 42  ? 1.969   4.692   -15.727 1.00 45.74 ? 42   THR A CA  1 
ATOM   318  C C   . THR A 1 42  ? 1.214   3.364   -15.890 1.00 48.22 ? 42   THR A C   1 
ATOM   319  O O   . THR A 1 42  ? 1.172   2.508   -14.995 1.00 47.89 ? 42   THR A O   1 
ATOM   320  C CB  . THR A 1 42  ? 3.044   4.664   -16.832 1.00 45.47 ? 42   THR A CB  1 
ATOM   321  O OG1 . THR A 1 42  ? 3.700   3.390   -16.773 1.00 45.29 ? 42   THR A OG1 1 
ATOM   322  C CG2 . THR A 1 42  ? 4.169   5.672   -16.579 1.00 45.61 ? 42   THR A CG2 1 
ATOM   323  N N   . LYS A 1 43  ? 0.698   3.200   -17.107 1.00 49.87 ? 43   LYS A N   1 
ATOM   324  C CA  . LYS A 1 43  ? -0.131  2.081   -17.533 1.00 51.22 ? 43   LYS A CA  1 
ATOM   325  C C   . LYS A 1 43  ? 0.637   0.767   -17.461 1.00 51.28 ? 43   LYS A C   1 
ATOM   326  O O   . LYS A 1 43  ? 0.075   -0.274  -17.107 1.00 51.39 ? 43   LYS A O   1 
ATOM   327  C CB  . LYS A 1 43  ? -0.629  2.355   -18.956 1.00 52.64 ? 43   LYS A CB  1 
ATOM   328  C CG  . LYS A 1 43  ? -1.468  1.251   -19.597 1.00 55.14 ? 43   LYS A CG  1 
ATOM   329  C CD  . LYS A 1 43  ? -1.294  1.226   -21.122 1.00 56.19 ? 43   LYS A CD  1 
ATOM   330  C CE  . LYS A 1 43  ? -2.132  0.144   -21.787 1.00 56.81 ? 43   LYS A CE  1 
ATOM   331  N NZ  . LYS A 1 43  ? -3.510  0.092   -21.202 1.00 57.38 ? 43   LYS A NZ  1 
ATOM   332  N N   . GLU A 1 44  ? 1.925   0.822   -17.779 1.00 50.58 ? 44   GLU A N   1 
ATOM   333  C CA  . GLU A 1 44  ? 2.779   -0.357  -17.768 1.00 52.09 ? 44   GLU A CA  1 
ATOM   334  C C   . GLU A 1 44  ? 2.773   -1.067  -16.409 1.00 51.69 ? 44   GLU A C   1 
ATOM   335  O O   . GLU A 1 44  ? 2.898   -2.302  -16.334 1.00 52.38 ? 44   GLU A O   1 
ATOM   336  C CB  . GLU A 1 44  ? 4.204   0.034   -18.162 1.00 53.96 ? 44   GLU A CB  1 
ATOM   337  C CG  . GLU A 1 44  ? 5.238   -1.069  -18.007 1.00 56.24 ? 44   GLU A CG  1 
ATOM   338  C CD  . GLU A 1 44  ? 6.640   -0.541  -17.729 1.00 57.37 ? 44   GLU A CD  1 
ATOM   339  O OE1 . GLU A 1 44  ? 6.945   0.642   -17.993 1.00 57.84 ? 44   GLU A OE1 1 
ATOM   340  O OE2 . GLU A 1 44  ? 7.472   -1.328  -17.235 1.00 58.55 ? 44   GLU A OE2 1 
ATOM   341  N N   . SER A 1 45  ? 2.642   -0.284  -15.340 1.00 49.22 ? 45   SER A N   1 
ATOM   342  C CA  . SER A 1 45  ? 2.641   -0.826  -13.982 1.00 46.26 ? 45   SER A CA  1 
ATOM   343  C C   . SER A 1 45  ? 1.214   -1.227  -13.648 1.00 45.32 ? 45   SER A C   1 
ATOM   344  O O   . SER A 1 45  ? 0.959   -2.251  -13.008 1.00 45.07 ? 45   SER A O   1 
ATOM   345  C CB  . SER A 1 45  ? 3.141   0.211   -12.976 1.00 43.09 ? 45   SER A CB  1 
ATOM   346  O OG  . SER A 1 45  ? 4.559   0.225   -12.964 1.00 40.62 ? 45   SER A OG  1 
ATOM   347  N N   . TYR A 1 46  ? 0.274   -0.421  -14.118 1.00 42.68 ? 46   TYR A N   1 
ATOM   348  C CA  . TYR A 1 46  ? -1.106  -0.778  -13.886 1.00 43.95 ? 46   TYR A CA  1 
ATOM   349  C C   . TYR A 1 46  ? -1.462  -2.154  -14.484 1.00 44.93 ? 46   TYR A C   1 
ATOM   350  O O   . TYR A 1 46  ? -2.192  -2.949  -13.883 1.00 44.67 ? 46   TYR A O   1 
ATOM   351  C CB  . TYR A 1 46  ? -2.007  0.335   -14.399 1.00 43.43 ? 46   TYR A CB  1 
ATOM   352  C CG  . TYR A 1 46  ? -3.439  -0.025  -14.231 1.00 43.93 ? 46   TYR A CG  1 
ATOM   353  C CD1 . TYR A 1 46  ? -4.109  0.287   -13.065 1.00 44.11 ? 46   TYR A CD1 1 
ATOM   354  C CD2 . TYR A 1 46  ? -4.117  -0.717  -15.228 1.00 44.93 ? 46   TYR A CD2 1 
ATOM   355  C CE1 . TYR A 1 46  ? -5.427  -0.067  -12.904 1.00 45.27 ? 46   TYR A CE1 1 
ATOM   356  C CE2 . TYR A 1 46  ? -5.437  -1.069  -15.075 1.00 44.95 ? 46   TYR A CE2 1 
ATOM   357  C CZ  . TYR A 1 46  ? -6.070  -0.753  -13.907 1.00 44.76 ? 46   TYR A CZ  1 
ATOM   358  O OH  . TYR A 1 46  ? -7.376  -1.091  -13.730 1.00 46.65 ? 46   TYR A OH  1 
ATOM   359  N N   . ASP A 1 47  ? -0.919  -2.449  -15.661 1.00 45.39 ? 47   ASP A N   1 
ATOM   360  C CA  . ASP A 1 47  ? -1.159  -3.718  -16.331 1.00 45.87 ? 47   ASP A CA  1 
ATOM   361  C C   . ASP A 1 47  ? -0.476  -4.842  -15.577 1.00 45.08 ? 47   ASP A C   1 
ATOM   362  O O   . ASP A 1 47  ? -0.983  -5.961  -15.530 1.00 45.75 ? 47   ASP A O   1 
ATOM   363  C CB  . ASP A 1 47  ? -0.597  -3.710  -17.755 1.00 47.69 ? 47   ASP A CB  1 
ATOM   364  C CG  . ASP A 1 47  ? -1.416  -2.870  -18.713 1.00 47.86 ? 47   ASP A CG  1 
ATOM   365  O OD1 . ASP A 1 47  ? -2.579  -2.531  -18.409 1.00 48.59 ? 47   ASP A OD1 1 
ATOM   366  O OD2 . ASP A 1 47  ? -0.958  -2.535  -19.820 1.00 48.78 ? 47   ASP A OD2 1 
ATOM   367  N N   . TYR A 1 48  ? 0.702   -4.563  -15.034 1.00 42.57 ? 48   TYR A N   1 
ATOM   368  C CA  . TYR A 1 48  ? 1.369   -5.555  -14.200 1.00 41.15 ? 48   TYR A CA  1 
ATOM   369  C C   . TYR A 1 48  ? 0.472   -5.948  -13.031 1.00 39.57 ? 48   TYR A C   1 
ATOM   370  O O   . TYR A 1 48  ? 0.381   -7.117  -12.690 1.00 40.46 ? 48   TYR A O   1 
ATOM   371  C CB  . TYR A 1 48  ? 2.710   -5.029  -13.681 1.00 40.74 ? 48   TYR A CB  1 
ATOM   372  C CG  . TYR A 1 48  ? 3.346   -5.895  -12.621 1.00 40.60 ? 48   TYR A CG  1 
ATOM   373  C CD1 . TYR A 1 48  ? 3.441   -5.452  -11.310 1.00 40.35 ? 48   TYR A CD1 1 
ATOM   374  C CD2 . TYR A 1 48  ? 3.853   -7.157  -12.931 1.00 40.59 ? 48   TYR A CD2 1 
ATOM   375  C CE1 . TYR A 1 48  ? 4.019   -6.238  -10.334 1.00 41.29 ? 48   TYR A CE1 1 
ATOM   376  C CE2 . TYR A 1 48  ? 4.422   -7.957  -11.962 1.00 40.19 ? 48   TYR A CE2 1 
ATOM   377  C CZ  . TYR A 1 48  ? 4.506   -7.488  -10.670 1.00 41.14 ? 48   TYR A CZ  1 
ATOM   378  O OH  . TYR A 1 48  ? 5.066   -8.272  -9.693  1.00 42.90 ? 48   TYR A OH  1 
ATOM   379  N N   . LEU A 1 49  ? -0.171  -4.972  -12.403 1.00 36.92 ? 49   LEU A N   1 
ATOM   380  C CA  . LEU A 1 49  ? -1.018  -5.254  -11.256 1.00 35.07 ? 49   LEU A CA  1 
ATOM   381  C C   . LEU A 1 49  ? -2.125  -6.203  -11.696 1.00 36.59 ? 49   LEU A C   1 
ATOM   382  O O   . LEU A 1 49  ? -2.390  -7.205  -11.004 1.00 35.26 ? 49   LEU A O   1 
ATOM   383  C CB  . LEU A 1 49  ? -1.624  -3.964  -10.703 1.00 31.52 ? 49   LEU A CB  1 
ATOM   384  C CG  . LEU A 1 49  ? -0.612  -3.000  -10.068 1.00 29.14 ? 49   LEU A CG  1 
ATOM   385  C CD1 . LEU A 1 49  ? -1.374  -1.851  -9.424  1.00 27.11 ? 49   LEU A CD1 1 
ATOM   386  C CD2 . LEU A 1 49  ? 0.259   -3.718  -9.060  1.00 28.65 ? 49   LEU A CD2 1 
ATOM   387  N N   . LYS A 1 50  ? -2.740  -5.870  -12.835 1.00 37.22 ? 50   LYS A N   1 
ATOM   388  C CA  . LYS A 1 50  ? -3.916  -6.561  -13.350 1.00 38.80 ? 50   LYS A CA  1 
ATOM   389  C C   . LYS A 1 50  ? -3.551  -7.988  -13.741 1.00 39.62 ? 50   LYS A C   1 
ATOM   390  O O   . LYS A 1 50  ? -4.446  -8.829  -13.864 1.00 40.91 ? 50   LYS A O   1 
ATOM   391  C CB  . LYS A 1 50  ? -4.545  -5.842  -14.556 1.00 39.51 ? 50   LYS A CB  1 
ATOM   392  C CG  . LYS A 1 50  ? -5.503  -4.689  -14.282 1.00 39.73 ? 50   LYS A CG  1 
ATOM   393  C CD  . LYS A 1 50  ? -6.772  -5.064  -13.525 1.00 40.64 ? 50   LYS A CD  1 
ATOM   394  C CE  . LYS A 1 50  ? -7.918  -5.519  -14.437 1.00 42.23 ? 50   LYS A CE  1 
ATOM   395  N NZ  . LYS A 1 50  ? -9.247  -5.370  -13.768 1.00 40.04 ? 50   LYS A NZ  1 
ATOM   396  N N   . THR A 1 51  ? -2.261  -8.273  -13.922 1.00 39.58 ? 51   THR A N   1 
ATOM   397  C CA  . THR A 1 51  ? -1.862  -9.669  -14.105 1.00 40.77 ? 51   THR A CA  1 
ATOM   398  C C   . THR A 1 51  ? -1.887  -10.455 -12.794 1.00 40.40 ? 51   THR A C   1 
ATOM   399  O O   . THR A 1 51  ? -2.019  -11.682 -12.802 1.00 40.40 ? 51   THR A O   1 
ATOM   400  C CB  . THR A 1 51  ? -0.501  -9.857  -14.836 1.00 40.89 ? 51   THR A CB  1 
ATOM   401  O OG1 . THR A 1 51  ? 0.591   -9.827  -13.916 1.00 41.15 ? 51   THR A OG1 1 
ATOM   402  C CG2 . THR A 1 51  ? -0.173  -8.714  -15.792 1.00 42.70 ? 51   THR A CG2 1 
ATOM   403  N N   . LEU A 1 52  ? -1.775  -9.750  -11.670 1.00 38.71 ? 52   LEU A N   1 
ATOM   404  C CA  . LEU A 1 52  ? -1.651  -10.412 -10.378 1.00 37.34 ? 52   LEU A CA  1 
ATOM   405  C C   . LEU A 1 52  ? -3.037  -10.734 -9.818  1.00 37.08 ? 52   LEU A C   1 
ATOM   406  O O   . LEU A 1 52  ? -3.209  -11.697 -9.065  1.00 38.91 ? 52   LEU A O   1 
ATOM   407  C CB  . LEU A 1 52  ? -0.824  -9.576  -9.386  1.00 35.18 ? 52   LEU A CB  1 
ATOM   408  C CG  . LEU A 1 52  ? 0.624   -9.195  -9.719  1.00 34.39 ? 52   LEU A CG  1 
ATOM   409  C CD1 . LEU A 1 52  ? 1.285   -8.399  -8.589  1.00 33.53 ? 52   LEU A CD1 1 
ATOM   410  C CD2 . LEU A 1 52  ? 1.470   -10.415 -10.105 1.00 34.77 ? 52   LEU A CD2 1 
ATOM   411  N N   . ALA A 1 53  ? -4.022  -9.931  -10.204 1.00 34.74 ? 53   ALA A N   1 
ATOM   412  C CA  . ALA A 1 53  ? -5.346  -9.999  -9.609  1.00 34.40 ? 53   ALA A CA  1 
ATOM   413  C C   . ALA A 1 53  ? -6.290  -9.189  -10.476 1.00 34.74 ? 53   ALA A C   1 
ATOM   414  O O   . ALA A 1 53  ? -5.935  -8.104  -10.903 1.00 34.91 ? 53   ALA A O   1 
ATOM   415  C CB  . ALA A 1 53  ? -5.319  -9.399  -8.219  1.00 32.56 ? 53   ALA A CB  1 
ATOM   416  N N   . GLY A 1 54  ? -7.506  -9.667  -10.697 1.00 34.28 ? 54   GLY A N   1 
ATOM   417  C CA  . GLY A 1 54  ? -8.448  -8.850  -11.437 1.00 34.70 ? 54   GLY A CA  1 
ATOM   418  C C   . GLY A 1 54  ? -8.934  -7.621  -10.678 1.00 34.91 ? 54   GLY A C   1 
ATOM   419  O O   . GLY A 1 54  ? -9.167  -6.577  -11.273 1.00 36.75 ? 54   GLY A O   1 
ATOM   420  N N   . ASP A 1 55  ? -9.104  -7.720  -9.364  1.00 32.48 ? 55   ASP A N   1 
ATOM   421  C CA  . ASP A 1 55  ? -9.723  -6.632  -8.629  1.00 30.78 ? 55   ASP A CA  1 
ATOM   422  C C   . ASP A 1 55  ? -8.677  -5.627  -8.135  1.00 30.02 ? 55   ASP A C   1 
ATOM   423  O O   . ASP A 1 55  ? -8.133  -5.748  -7.031  1.00 28.26 ? 55   ASP A O   1 
ATOM   424  C CB  . ASP A 1 55  ? -10.553 -7.197  -7.488  1.00 29.66 ? 55   ASP A CB  1 
ATOM   425  C CG  . ASP A 1 55  ? -11.408 -6.146  -6.842  1.00 30.60 ? 55   ASP A CG  1 
ATOM   426  O OD1 . ASP A 1 55  ? -12.030 -5.368  -7.586  1.00 30.39 ? 55   ASP A OD1 1 
ATOM   427  O OD2 . ASP A 1 55  ? -11.522 -6.008  -5.613  1.00 29.77 ? 55   ASP A OD2 1 
ATOM   428  N N   . VAL A 1 56  ? -8.367  -4.653  -8.984  1.00 29.42 ? 56   VAL A N   1 
ATOM   429  C CA  . VAL A 1 56  ? -7.326  -3.671  -8.669  1.00 28.86 ? 56   VAL A CA  1 
ATOM   430  C C   . VAL A 1 56  ? -7.994  -2.356  -8.282  1.00 29.89 ? 56   VAL A C   1 
ATOM   431  O O   . VAL A 1 56  ? -8.911  -1.909  -8.977  1.00 30.36 ? 56   VAL A O   1 
ATOM   432  C CB  . VAL A 1 56  ? -6.405  -3.457  -9.882  1.00 29.14 ? 56   VAL A CB  1 
ATOM   433  C CG1 . VAL A 1 56  ? -5.397  -2.314  -9.641  1.00 29.20 ? 56   VAL A CG1 1 
ATOM   434  C CG2 . VAL A 1 56  ? -5.682  -4.762  -10.245 1.00 26.60 ? 56   VAL A CG2 1 
ATOM   435  N N   . HIS A 1 57  ? -7.606  -1.774  -7.147  1.00 28.72 ? 57   HIS A N   1 
ATOM   436  C CA  . HIS A 1 57  ? -8.080  -0.441  -6.773  1.00 28.75 ? 57   HIS A CA  1 
ATOM   437  C C   . HIS A 1 57  ? -6.901  0.518   -6.600  1.00 28.40 ? 57   HIS A C   1 
ATOM   438  O O   . HIS A 1 57  ? -6.035  0.289   -5.763  1.00 27.01 ? 57   HIS A O   1 
ATOM   439  C CB  . HIS A 1 57  ? -8.873  -0.458  -5.458  1.00 28.70 ? 57   HIS A CB  1 
ATOM   440  C CG  . HIS A 1 57  ? -10.037 -1.392  -5.468  1.00 29.92 ? 57   HIS A CG  1 
ATOM   441  N ND1 . HIS A 1 57  ? -11.325 -0.969  -5.698  1.00 29.40 ? 57   HIS A ND1 1 
ATOM   442  C CD2 . HIS A 1 57  ? -10.101 -2.735  -5.313  1.00 30.47 ? 57   HIS A CD2 1 
ATOM   443  C CE1 . HIS A 1 57  ? -12.139 -2.007  -5.648  1.00 29.56 ? 57   HIS A CE1 1 
ATOM   444  N NE2 . HIS A 1 57  ? -11.420 -3.092  -5.427  1.00 28.85 ? 57   HIS A NE2 1 
ATOM   445  N N   . ILE A 1 58  ? -6.896  1.618   -7.342  1.00 28.61 ? 58   ILE A N   1 
ATOM   446  C CA  . ILE A 1 58  ? -5.813  2.586   -7.236  1.00 29.74 ? 58   ILE A CA  1 
ATOM   447  C C   . ILE A 1 58  ? -6.377  3.952   -6.850  1.00 27.41 ? 58   ILE A C   1 
ATOM   448  O O   . ILE A 1 58  ? -7.481  4.304   -7.249  1.00 25.45 ? 58   ILE A O   1 
ATOM   449  C CB  . ILE A 1 58  ? -5.081  2.676   -8.576  1.00 32.51 ? 58   ILE A CB  1 
ATOM   450  C CG1 . ILE A 1 58  ? -5.093  1.308   -9.243  1.00 36.18 ? 58   ILE A CG1 1 
ATOM   451  C CG2 . ILE A 1 58  ? -3.641  3.142   -8.383  1.00 32.39 ? 58   ILE A CG2 1 
ATOM   452  C CD1 . ILE A 1 58  ? -4.799  1.369   -10.736 1.00 39.98 ? 58   ILE A CD1 1 
ATOM   453  N N   . VAL A 1 59  ? -5.609  4.727   -6.091  1.00 24.12 ? 59   VAL A N   1 
ATOM   454  C CA  . VAL A 1 59  ? -5.936  6.126   -5.909  1.00 24.27 ? 59   VAL A CA  1 
ATOM   455  C C   . VAL A 1 59  ? -4.830  6.986   -6.554  1.00 25.16 ? 59   VAL A C   1 
ATOM   456  O O   . VAL A 1 59  ? -3.751  6.490   -6.888  1.00 25.50 ? 59   VAL A O   1 
ATOM   457  C CB  . VAL A 1 59  ? -6.145  6.458   -4.440  1.00 24.11 ? 59   VAL A CB  1 
ATOM   458  C CG1 . VAL A 1 59  ? -7.456  5.872   -3.974  1.00 24.25 ? 59   VAL A CG1 1 
ATOM   459  C CG2 . VAL A 1 59  ? -4.977  5.903   -3.609  1.00 24.72 ? 59   VAL A CG2 1 
ATOM   460  N N   . ARG A 1 60  ? -5.117  8.266   -6.758  1.00 25.15 ? 60   ARG A N   1 
ATOM   461  C CA  . ARG A 1 60  ? -4.220  9.134   -7.505  1.00 26.91 ? 60   ARG A CA  1 
ATOM   462  C C   . ARG A 1 60  ? -3.088  9.661   -6.641  1.00 25.78 ? 60   ARG A C   1 
ATOM   463  O O   . ARG A 1 60  ? -3.324  10.377  -5.659  1.00 27.18 ? 60   ARG A O   1 
ATOM   464  C CB  . ARG A 1 60  ? -4.996  10.308  -8.099  1.00 28.64 ? 60   ARG A CB  1 
ATOM   465  C CG  . ARG A 1 60  ? -4.163  11.113  -9.091  1.00 31.58 ? 60   ARG A CG  1 
ATOM   466  C CD  . ARG A 1 60  ? -4.948  12.187  -9.857  1.00 35.60 ? 60   ARG A CD  1 
ATOM   467  N NE  . ARG A 1 60  ? -5.712  13.143  -9.043  1.00 40.34 ? 60   ARG A NE  1 
ATOM   468  C CZ  . ARG A 1 60  ? -5.456  14.456  -8.949  1.00 42.91 ? 60   ARG A CZ  1 
ATOM   469  N NH1 . ARG A 1 60  ? -4.406  14.971  -9.576  1.00 43.96 ? 60   ARG A NH1 1 
ATOM   470  N NH2 . ARG A 1 60  ? -6.235  15.266  -8.225  1.00 42.25 ? 60   ARG A NH2 1 
ATOM   471  N N   . GLY A 1 61  ? -1.863  9.308   -7.011  1.00 24.83 ? 61   GLY A N   1 
ATOM   472  C CA  . GLY A 1 61  ? -0.698  9.910   -6.383  1.00 26.17 ? 61   GLY A CA  1 
ATOM   473  C C   . GLY A 1 61  ? -0.364  11.259  -7.016  1.00 28.84 ? 61   GLY A C   1 
ATOM   474  O O   . GLY A 1 61  ? -0.945  11.604  -8.044  1.00 24.54 ? 61   GLY A O   1 
ATOM   475  N N   . ASP A 1 62  ? 0.515   12.047  -6.396  1.00 29.09 ? 62   ASP A N   1 
ATOM   476  C CA  . ASP A 1 62  ? 0.810   13.380  -6.920  1.00 31.56 ? 62   ASP A CA  1 
ATOM   477  C C   . ASP A 1 62  ? 1.588   13.375  -8.249  1.00 32.68 ? 62   ASP A C   1 
ATOM   478  O O   . ASP A 1 62  ? 1.581   14.377  -8.952  1.00 33.48 ? 62   ASP A O   1 
ATOM   479  C CB  . ASP A 1 62  ? 1.463   14.295  -5.869  1.00 30.48 ? 62   ASP A CB  1 
ATOM   480  C CG  . ASP A 1 62  ? 2.624   13.644  -5.148  1.00 31.10 ? 62   ASP A CG  1 
ATOM   481  O OD1 . ASP A 1 62  ? 2.762   12.407  -5.252  1.00 30.00 ? 62   ASP A OD1 1 
ATOM   482  O OD2 . ASP A 1 62  ? 3.459   14.294  -4.467  1.00 32.39 ? 62   ASP A OD2 1 
ATOM   483  N N   . PHE A 1 63  ? 2.203   12.252  -8.617  1.00 33.48 ? 63   PHE A N   1 
ATOM   484  C CA  . PHE A 1 63  ? 2.926   12.128  -9.888  1.00 35.78 ? 63   PHE A CA  1 
ATOM   485  C C   . PHE A 1 63  ? 2.295   11.151  -10.892 1.00 37.28 ? 63   PHE A C   1 
ATOM   486  O O   . PHE A 1 63  ? 2.893   10.827  -11.922 1.00 39.98 ? 63   PHE A O   1 
ATOM   487  C CB  . PHE A 1 63  ? 4.398   11.756  -9.646  1.00 35.37 ? 63   PHE A CB  1 
ATOM   488  C CG  . PHE A 1 63  ? 5.207   12.859  -9.010  1.00 35.03 ? 63   PHE A CG  1 
ATOM   489  C CD1 . PHE A 1 63  ? 5.778   13.870  -9.784  1.00 35.92 ? 63   PHE A CD1 1 
ATOM   490  C CD2 . PHE A 1 63  ? 5.388   12.904  -7.639  1.00 35.07 ? 63   PHE A CD2 1 
ATOM   491  C CE1 . PHE A 1 63  ? 6.506   14.903  -9.190  1.00 35.77 ? 63   PHE A CE1 1 
ATOM   492  C CE2 . PHE A 1 63  ? 6.116   13.932  -7.034  1.00 34.36 ? 63   PHE A CE2 1 
ATOM   493  C CZ  . PHE A 1 63  ? 6.678   14.932  -7.810  1.00 34.38 ? 63   PHE A CZ  1 
ATOM   494  N N   . ASP A 1 64  ? 1.090   10.666  -10.627 1.00 38.26 ? 64   ASP A N   1 
ATOM   495  C CA  . ASP A 1 64  ? 0.447   9.770   -11.594 1.00 39.50 ? 64   ASP A CA  1 
ATOM   496  C C   . ASP A 1 64  ? 0.041   10.480  -12.900 1.00 42.55 ? 64   ASP A C   1 
ATOM   497  O O   . ASP A 1 64  ? -0.465  11.614  -12.888 1.00 40.79 ? 64   ASP A O   1 
ATOM   498  C CB  . ASP A 1 64  ? -0.762  9.032   -11.000 1.00 34.48 ? 64   ASP A CB  1 
ATOM   499  C CG  . ASP A 1 64  ? -0.369  7.811   -10.183 1.00 34.62 ? 64   ASP A CG  1 
ATOM   500  O OD1 . ASP A 1 64  ? 0.420   6.941   -10.643 1.00 31.88 ? 64   ASP A OD1 1 
ATOM   501  O OD2 . ASP A 1 64  ? -0.832  7.667   -9.026  1.00 32.66 ? 64   ASP A OD2 1 
ATOM   502  N N   . GLU A 1 65  ? 0.251   9.782   -14.017 1.00 47.30 ? 65   GLU A N   1 
ATOM   503  C CA  . GLU A 1 65  ? -0.098  10.283  -15.352 1.00 52.49 ? 65   GLU A CA  1 
ATOM   504  C C   . GLU A 1 65  ? -1.585  10.104  -15.653 1.00 53.71 ? 65   GLU A C   1 
ATOM   505  O O   . GLU A 1 65  ? -2.212  10.995  -16.224 1.00 53.58 ? 65   GLU A O   1 
ATOM   506  C CB  . GLU A 1 65  ? 0.736   9.573   -16.431 1.00 54.63 ? 65   GLU A CB  1 
ATOM   507  C CG  . GLU A 1 65  ? 2.238   9.838   -16.370 1.00 58.71 ? 65   GLU A CG  1 
ATOM   508  C CD  . GLU A 1 65  ? 3.041   9.100   -17.443 1.00 61.14 ? 65   GLU A CD  1 
ATOM   509  O OE1 . GLU A 1 65  ? 2.452   8.278   -18.185 1.00 61.54 ? 65   GLU A OE1 1 
ATOM   510  O OE2 . GLU A 1 65  ? 4.269   9.341   -17.550 1.00 61.13 ? 65   GLU A OE2 1 
ATOM   511  N N   . ASN A 1 66  ? -2.145  8.958   -15.256 1.00 55.98 ? 66   ASN A N   1 
ATOM   512  C CA  . ASN A 1 66  ? -3.560  8.652   -15.469 1.00 57.99 ? 66   ASN A CA  1 
ATOM   513  C C   . ASN A 1 66  ? -4.443  9.381   -14.466 1.00 59.29 ? 66   ASN A C   1 
ATOM   514  O O   . ASN A 1 66  ? -4.563  8.967   -13.309 1.00 60.46 ? 66   ASN A O   1 
ATOM   515  C CB  . ASN A 1 66  ? -3.829  7.145   -15.397 1.00 58.55 ? 66   ASN A CB  1 
ATOM   516  C CG  . ASN A 1 66  ? -5.305  6.797   -15.592 1.00 60.15 ? 66   ASN A CG  1 
ATOM   517  O OD1 . ASN A 1 66  ? -6.184  7.666   -15.538 1.00 59.72 ? 66   ASN A OD1 1 
ATOM   518  N ND2 . ASN A 1 66  ? -5.585  5.513   -15.822 1.00 60.00 ? 66   ASN A ND2 1 
ATOM   519  N N   . LEU A 1 67  ? -5.074  10.460  -14.916 1.00 59.67 ? 67   LEU A N   1 
ATOM   520  C CA  . LEU A 1 67  ? -5.760  11.351  -13.993 1.00 60.58 ? 67   LEU A CA  1 
ATOM   521  C C   . LEU A 1 67  ? -7.231  11.017  -13.759 1.00 59.77 ? 67   LEU A C   1 
ATOM   522  O O   . LEU A 1 67  ? -7.964  11.855  -13.229 1.00 60.76 ? 67   LEU A O   1 
ATOM   523  C CB  . LEU A 1 67  ? -5.613  12.813  -14.439 1.00 62.57 ? 67   LEU A CB  1 
ATOM   524  C CG  . LEU A 1 67  ? -4.181  13.358  -14.508 1.00 64.35 ? 67   LEU A CG  1 
ATOM   525  C CD1 . LEU A 1 67  ? -4.121  14.648  -15.326 1.00 64.63 ? 67   LEU A CD1 1 
ATOM   526  C CD2 . LEU A 1 67  ? -3.597  13.574  -13.106 1.00 64.74 ? 67   LEU A CD2 1 
ATOM   527  N N   . ASN A 1 68  ? -7.681  9.821   -14.120 1.00 57.87 ? 68   ASN A N   1 
ATOM   528  C CA  . ASN A 1 68  ? -9.065  9.445   -13.828 1.00 56.79 ? 68   ASN A CA  1 
ATOM   529  C C   . ASN A 1 68  ? -9.239  8.868   -12.422 1.00 54.57 ? 68   ASN A C   1 
ATOM   530  O O   . ASN A 1 68  ? -10.356 8.603   -11.973 1.00 55.76 ? 68   ASN A O   1 
ATOM   531  C CB  . ASN A 1 68  ? -9.593  8.430   -14.846 1.00 58.88 ? 68   ASN A CB  1 
ATOM   532  C CG  . ASN A 1 68  ? -9.718  9.003   -16.244 1.00 60.91 ? 68   ASN A CG  1 
ATOM   533  O OD1 . ASN A 1 68  ? -9.894  10.212  -16.426 1.00 61.40 ? 68   ASN A OD1 1 
ATOM   534  N ND2 . ASN A 1 68  ? -9.624  8.127   -17.247 1.00 62.08 ? 68   ASN A ND2 1 
ATOM   535  N N   . TYR A 1 69  ? -8.132  8.629   -11.730 1.00 50.26 ? 69   TYR A N   1 
ATOM   536  C CA  . TYR A 1 69  ? -8.198  8.032   -10.408 1.00 45.93 ? 69   TYR A CA  1 
ATOM   537  C C   . TYR A 1 69  ? -8.722  9.018   -9.388  1.00 43.62 ? 69   TYR A C   1 
ATOM   538  O O   . TYR A 1 69  ? -8.365  10.205  -9.355  1.00 43.69 ? 69   TYR A O   1 
ATOM   539  C CB  . TYR A 1 69  ? -6.823  7.580   -9.954  1.00 45.34 ? 69   TYR A CB  1 
ATOM   540  C CG  . TYR A 1 69  ? -6.223  6.521   -10.833 1.00 43.87 ? 69   TYR A CG  1 
ATOM   541  C CD1 . TYR A 1 69  ? -7.017  5.776   -11.696 1.00 44.34 ? 69   TYR A CD1 1 
ATOM   542  C CD2 . TYR A 1 69  ? -4.864  6.278   -10.801 1.00 43.74 ? 69   TYR A CD2 1 
ATOM   543  C CE1 . TYR A 1 69  ? -6.458  4.811   -12.508 1.00 43.34 ? 69   TYR A CE1 1 
ATOM   544  C CE2 . TYR A 1 69  ? -4.296  5.333   -11.605 1.00 44.41 ? 69   TYR A CE2 1 
ATOM   545  C CZ  . TYR A 1 69  ? -5.097  4.596   -12.452 1.00 44.26 ? 69   TYR A CZ  1 
ATOM   546  O OH  . TYR A 1 69  ? -4.493  3.636   -13.234 1.00 44.87 ? 69   TYR A OH  1 
ATOM   547  N N   . PRO A 1 70  ? -9.540  8.474   -8.500  1.00 41.08 ? 70   PRO A N   1 
ATOM   548  C CA  . PRO A 1 70  ? -10.158 9.279   -7.448  1.00 38.29 ? 70   PRO A CA  1 
ATOM   549  C C   . PRO A 1 70  ? -9.004  9.538   -6.491  1.00 34.56 ? 70   PRO A C   1 
ATOM   550  O O   . PRO A 1 70  ? -8.107  8.678   -6.442  1.00 31.30 ? 70   PRO A O   1 
ATOM   551  C CB  . PRO A 1 70  ? -11.141 8.286   -6.816  1.00 38.88 ? 70   PRO A CB  1 
ATOM   552  C CG  . PRO A 1 70  ? -10.465 6.955   -7.007  1.00 37.50 ? 70   PRO A CG  1 
ATOM   553  C CD  . PRO A 1 70  ? -9.814  7.030   -8.363  1.00 39.95 ? 70   PRO A CD  1 
ATOM   554  N N   . GLU A 1 71  ? -8.993  10.662  -5.785  1.00 32.67 ? 71   GLU A N   1 
ATOM   555  C CA  . GLU A 1 71  ? -7.939  10.847  -4.814  1.00 32.23 ? 71   GLU A CA  1 
ATOM   556  C C   . GLU A 1 71  ? -8.089  9.954   -3.583  1.00 31.58 ? 71   GLU A C   1 
ATOM   557  O O   . GLU A 1 71  ? -7.098  9.664   -2.932  1.00 31.30 ? 71   GLU A O   1 
ATOM   558  C CB  . GLU A 1 71  ? -7.781  12.318  -4.418  1.00 34.41 ? 71   GLU A CB  1 
ATOM   559  C CG  . GLU A 1 71  ? -6.505  12.903  -5.018  1.00 34.87 ? 71   GLU A CG  1 
ATOM   560  C CD  . GLU A 1 71  ? -6.267  14.347  -4.654  1.00 37.26 ? 71   GLU A CD  1 
ATOM   561  O OE1 . GLU A 1 71  ? -6.281  14.700  -3.453  1.00 36.38 ? 71   GLU A OE1 1 
ATOM   562  O OE2 . GLU A 1 71  ? -6.055  15.146  -5.593  1.00 40.24 ? 71   GLU A OE2 1 
ATOM   563  N N   . GLN A 1 72  ? -9.308  9.544   -3.247  1.00 30.39 ? 72   GLN A N   1 
ATOM   564  C CA  . GLN A 1 72  ? -9.598  8.827   -2.006  1.00 32.02 ? 72   GLN A CA  1 
ATOM   565  C C   . GLN A 1 72  ? -10.677 7.828   -2.392  1.00 31.73 ? 72   GLN A C   1 
ATOM   566  O O   . GLN A 1 72  ? -11.577 8.191   -3.155  1.00 30.50 ? 72   GLN A O   1 
ATOM   567  C CB  . GLN A 1 72  ? -10.215 9.741   -0.921  1.00 35.66 ? 72   GLN A CB  1 
ATOM   568  C CG  . GLN A 1 72  ? -9.576  11.144  -0.770  1.00 40.71 ? 72   GLN A CG  1 
ATOM   569  C CD  . GLN A 1 72  ? -10.220 11.964  0.345   1.00 43.06 ? 72   GLN A CD  1 
ATOM   570  O OE1 . GLN A 1 72  ? -11.330 11.644  0.778   1.00 45.18 ? 72   GLN A OE1 1 
ATOM   571  N NE2 . GLN A 1 72  ? -9.534  13.014  0.806   1.00 42.58 ? 72   GLN A NE2 1 
ATOM   572  N N   . LYS A 1 73  ? -10.651 6.658   -1.756  1.00 30.50 ? 73   LYS A N   1 
ATOM   573  C CA  . LYS A 1 73  ? -11.627 5.582   -1.937  1.00 31.23 ? 73   LYS A CA  1 
ATOM   574  C C   . LYS A 1 73  ? -11.831 4.822   -0.623  1.00 30.76 ? 73   LYS A C   1 
ATOM   575  O O   . LYS A 1 73  ? -10.925 4.775   0.213   1.00 29.53 ? 73   LYS A O   1 
ATOM   576  C CB  . LYS A 1 73  ? -11.033 4.594   -2.940  1.00 31.52 ? 73   LYS A CB  1 
ATOM   577  C CG  . LYS A 1 73  ? -11.967 4.129   -4.031  1.00 33.88 ? 73   LYS A CG  1 
ATOM   578  C CD  . LYS A 1 73  ? -11.383 2.881   -4.686  1.00 34.47 ? 73   LYS A CD  1 
ATOM   579  C CE  . LYS A 1 73  ? -12.418 2.255   -5.602  1.00 34.19 ? 73   LYS A CE  1 
ATOM   580  N NZ  . LYS A 1 73  ? -11.872 1.734   -6.878  1.00 32.54 ? 73   LYS A NZ  1 
ATOM   581  N N   . VAL A 1 74  ? -13.000 4.211   -0.451  1.00 29.93 ? 74   VAL A N   1 
ATOM   582  C CA  . VAL A 1 74  ? -13.265 3.294   0.657   1.00 29.57 ? 74   VAL A CA  1 
ATOM   583  C C   . VAL A 1 74  ? -13.626 1.986   -0.032  1.00 30.81 ? 74   VAL A C   1 
ATOM   584  O O   . VAL A 1 74  ? -14.321 2.002   -1.052  1.00 32.73 ? 74   VAL A O   1 
ATOM   585  C CB  . VAL A 1 74  ? -14.427 3.761   1.564   1.00 30.43 ? 74   VAL A CB  1 
ATOM   586  C CG1 . VAL A 1 74  ? -14.673 2.763   2.699   1.00 29.55 ? 74   VAL A CG1 1 
ATOM   587  C CG2 . VAL A 1 74  ? -14.134 5.140   2.156   1.00 28.65 ? 74   VAL A CG2 1 
ATOM   588  N N   . VAL A 1 75  ? -13.027 0.888   0.425   1.00 30.53 ? 75   VAL A N   1 
ATOM   589  C CA  . VAL A 1 75  ? -13.236 -0.431  -0.166  1.00 31.68 ? 75   VAL A CA  1 
ATOM   590  C C   . VAL A 1 75  ? -13.639 -1.314  1.007   1.00 31.78 ? 75   VAL A C   1 
ATOM   591  O O   . VAL A 1 75  ? -13.152 -1.130  2.126   1.00 32.16 ? 75   VAL A O   1 
ATOM   592  C CB  . VAL A 1 75  ? -11.957 -0.901  -0.882  1.00 33.96 ? 75   VAL A CB  1 
ATOM   593  C CG1 . VAL A 1 75  ? -11.999 -2.366  -1.275  1.00 35.48 ? 75   VAL A CG1 1 
ATOM   594  C CG2 . VAL A 1 75  ? -11.751 -0.063  -2.130  1.00 34.17 ? 75   VAL A CG2 1 
ATOM   595  N N   . THR A 1 76  ? -14.571 -2.231  0.801   1.00 29.54 ? 76   THR A N   1 
ATOM   596  C CA  . THR A 1 76  ? -14.944 -3.115  1.889   1.00 29.16 ? 76   THR A CA  1 
ATOM   597  C C   . THR A 1 76  ? -14.442 -4.504  1.560   1.00 29.62 ? 76   THR A C   1 
ATOM   598  O O   . THR A 1 76  ? -14.770 -5.003  0.504   1.00 27.89 ? 76   THR A O   1 
ATOM   599  C CB  . THR A 1 76  ? -16.466 -3.131  2.049   1.00 29.67 ? 76   THR A CB  1 
ATOM   600  O OG1 . THR A 1 76  ? -16.862 -1.901  2.653   1.00 30.98 ? 76   THR A OG1 1 
ATOM   601  C CG2 . THR A 1 76  ? -16.898 -4.178  3.060   1.00 27.26 ? 76   THR A CG2 1 
ATOM   602  N N   . VAL A 1 77  ? -13.645 -5.111  2.439   1.00 29.46 ? 77   VAL A N   1 
ATOM   603  C CA  . VAL A 1 77  ? -13.245 -6.507  2.288   1.00 29.42 ? 77   VAL A CA  1 
ATOM   604  C C   . VAL A 1 77  ? -13.692 -7.221  3.568   1.00 31.07 ? 77   VAL A C   1 
ATOM   605  O O   . VAL A 1 77  ? -13.268 -6.860  4.662   1.00 29.16 ? 77   VAL A O   1 
ATOM   606  C CB  . VAL A 1 77  ? -11.719 -6.643  2.132   1.00 29.28 ? 77   VAL A CB  1 
ATOM   607  C CG1 . VAL A 1 77  ? -11.292 -8.118  1.975   1.00 27.87 ? 77   VAL A CG1 1 
ATOM   608  C CG2 . VAL A 1 77  ? -11.181 -5.781  0.978   1.00 28.10 ? 77   VAL A CG2 1 
ATOM   609  N N   . GLY A 1 78  ? -14.556 -8.222  3.453   1.00 32.38 ? 78   GLY A N   1 
ATOM   610  C CA  . GLY A 1 78  ? -15.022 -8.941  4.629   1.00 33.57 ? 78   GLY A CA  1 
ATOM   611  C C   . GLY A 1 78  ? -15.784 -8.013  5.562   1.00 35.11 ? 78   GLY A C   1 
ATOM   612  O O   . GLY A 1 78  ? -16.652 -7.271  5.121   1.00 35.47 ? 78   GLY A O   1 
ATOM   613  N N   . GLN A 1 79  ? -15.450 -8.022  6.850   1.00 34.96 ? 79   GLN A N   1 
ATOM   614  C CA  . GLN A 1 79  ? -16.023 -7.076  7.801   1.00 35.09 ? 79   GLN A CA  1 
ATOM   615  C C   . GLN A 1 79  ? -15.238 -5.756  7.904   1.00 32.83 ? 79   GLN A C   1 
ATOM   616  O O   . GLN A 1 79  ? -15.487 -4.947  8.803   1.00 31.87 ? 79   GLN A O   1 
ATOM   617  C CB  . GLN A 1 79  ? -16.106 -7.718  9.192   1.00 39.14 ? 79   GLN A CB  1 
ATOM   618  C CG  . GLN A 1 79  ? -17.034 -8.938  9.307   1.00 44.13 ? 79   GLN A CG  1 
ATOM   619  C CD  . GLN A 1 79  ? -18.512 -8.571  9.245   1.00 49.03 ? 79   GLN A CD  1 
ATOM   620  O OE1 . GLN A 1 79  ? -18.880 -7.462  8.836   1.00 52.99 ? 79   GLN A OE1 1 
ATOM   621  N NE2 . GLN A 1 79  ? -19.371 -9.501  9.652   1.00 51.50 ? 79   GLN A NE2 1 
ATOM   622  N N   . PHE A 1 80  ? -14.280 -5.507  7.022   1.00 29.35 ? 80   PHE A N   1 
ATOM   623  C CA  . PHE A 1 80  ? -13.474 -4.287  7.153   1.00 29.02 ? 80   PHE A CA  1 
ATOM   624  C C   . PHE A 1 80  ? -13.789 -3.203  6.115   1.00 28.17 ? 80   PHE A C   1 
ATOM   625  O O   . PHE A 1 80  ? -13.673 -3.450  4.913   1.00 27.18 ? 80   PHE A O   1 
ATOM   626  C CB  . PHE A 1 80  ? -11.982 -4.649  7.074   1.00 27.50 ? 80   PHE A CB  1 
ATOM   627  C CG  . PHE A 1 80  ? -11.483 -5.434  8.271   1.00 28.49 ? 80   PHE A CG  1 
ATOM   628  C CD1 . PHE A 1 80  ? -10.925 -4.781  9.364   1.00 27.94 ? 80   PHE A CD1 1 
ATOM   629  C CD2 . PHE A 1 80  ? -11.609 -6.821  8.311   1.00 27.64 ? 80   PHE A CD2 1 
ATOM   630  C CE1 . PHE A 1 80  ? -10.473 -5.491  10.466  1.00 29.49 ? 80   PHE A CE1 1 
ATOM   631  C CE2 . PHE A 1 80  ? -11.190 -7.544  9.420   1.00 29.49 ? 80   PHE A CE2 1 
ATOM   632  C CZ  . PHE A 1 80  ? -10.601 -6.885  10.499  1.00 29.59 ? 80   PHE A CZ  1 
ATOM   633  N N   . LYS A 1 81  ? -14.096 -1.980  6.545   1.00 28.42 ? 81   LYS A N   1 
ATOM   634  C CA  . LYS A 1 81  ? -14.063 -0.847  5.603   1.00 28.05 ? 81   LYS A CA  1 
ATOM   635  C C   . LYS A 1 81  ? -12.645 -0.306  5.536   1.00 25.36 ? 81   LYS A C   1 
ATOM   636  O O   . LYS A 1 81  ? -12.063 0.024   6.563   1.00 25.60 ? 81   LYS A O   1 
ATOM   637  C CB  . LYS A 1 81  ? -14.950 0.318   6.056   1.00 30.83 ? 81   LYS A CB  1 
ATOM   638  C CG  . LYS A 1 81  ? -16.418 0.019   6.229   1.00 35.45 ? 81   LYS A CG  1 
ATOM   639  C CD  . LYS A 1 81  ? -17.233 1.253   5.804   1.00 39.29 ? 81   LYS A CD  1 
ATOM   640  C CE  . LYS A 1 81  ? -17.054 2.428   6.775   1.00 40.61 ? 81   LYS A CE  1 
ATOM   641  N NZ  . LYS A 1 81  ? -16.906 3.781   6.117   1.00 40.54 ? 81   LYS A NZ  1 
ATOM   642  N N   . ILE A 1 82  ? -12.099 -0.163  4.344   1.00 22.63 ? 82   ILE A N   1 
ATOM   643  C CA  . ILE A 1 82  ? -10.695 0.197   4.218   1.00 21.47 ? 82   ILE A CA  1 
ATOM   644  C C   . ILE A 1 82  ? -10.647 1.531   3.504   1.00 23.24 ? 82   ILE A C   1 
ATOM   645  O O   . ILE A 1 82  ? -11.226 1.676   2.420   1.00 23.80 ? 82   ILE A O   1 
ATOM   646  C CB  . ILE A 1 82  ? -9.927  -0.895  3.457   1.00 20.17 ? 82   ILE A CB  1 
ATOM   647  C CG1 . ILE A 1 82  ? -10.128 -2.231  4.210   1.00 20.79 ? 82   ILE A CG1 1 
ATOM   648  C CG2 . ILE A 1 82  ? -8.420  -0.510  3.295   1.00 17.42 ? 82   ILE A CG2 1 
ATOM   649  C CD1 . ILE A 1 82  ? -9.576  -3.493  3.499   1.00 19.75 ? 82   ILE A CD1 1 
ATOM   650  N N   . GLY A 1 83  ? -10.023 2.521   4.132   1.00 22.35 ? 83   GLY A N   1 
ATOM   651  C CA  . GLY A 1 83  ? -9.711  3.748   3.423   1.00 23.36 ? 83   GLY A CA  1 
ATOM   652  C C   . GLY A 1 83  ? -8.392  3.687   2.669   1.00 25.57 ? 83   GLY A C   1 
ATOM   653  O O   . GLY A 1 83  ? -7.433  3.060   3.123   1.00 25.14 ? 83   GLY A O   1 
ATOM   654  N N   . LEU A 1 84  ? -8.324  4.388   1.537   1.00 25.53 ? 84   LEU A N   1 
ATOM   655  C CA  . LEU A 1 84  ? -7.150  4.388   0.678   1.00 25.93 ? 84   LEU A CA  1 
ATOM   656  C C   . LEU A 1 84  ? -6.928  5.797   0.141   1.00 25.66 ? 84   LEU A C   1 
ATOM   657  O O   . LEU A 1 84  ? -7.804  6.330   -0.514  1.00 21.95 ? 84   LEU A O   1 
ATOM   658  C CB  . LEU A 1 84  ? -7.422  3.513   -0.545  1.00 26.94 ? 84   LEU A CB  1 
ATOM   659  C CG  . LEU A 1 84  ? -6.406  2.562   -1.181  1.00 27.78 ? 84   LEU A CG  1 
ATOM   660  C CD1 . LEU A 1 84  ? -6.675  2.364   -2.685  1.00 26.22 ? 84   LEU A CD1 1 
ATOM   661  C CD2 . LEU A 1 84  ? -4.921  2.729   -0.789  1.00 25.67 ? 84   LEU A CD2 1 
ATOM   662  N N   . ILE A 1 85  ? -5.751  6.370   0.362   1.00 24.69 ? 85   ILE A N   1 
ATOM   663  C CA  . ILE A 1 85  ? -5.455  7.709   -0.136  1.00 24.90 ? 85   ILE A CA  1 
ATOM   664  C C   . ILE A 1 85  ? -3.937  7.714   -0.367  1.00 24.93 ? 85   ILE A C   1 
ATOM   665  O O   . ILE A 1 85  ? -3.220  7.013   0.343   1.00 24.27 ? 85   ILE A O   1 
ATOM   666  C CB  . ILE A 1 85  ? -5.883  8.734   0.916   1.00 24.74 ? 85   ILE A CB  1 
ATOM   667  C CG1 . ILE A 1 85  ? -5.790  10.162  0.365   1.00 24.81 ? 85   ILE A CG1 1 
ATOM   668  C CG2 . ILE A 1 85  ? -5.028  8.571   2.188   1.00 23.64 ? 85   ILE A CG2 1 
ATOM   669  C CD1 . ILE A 1 85  ? -6.560  11.142  1.217   1.00 26.61 ? 85   ILE A CD1 1 
ATOM   670  N N   . HIS A 1 86  ? -3.416  8.421   -1.364  1.00 22.25 ? 86   HIS A N   1 
ATOM   671  C CA  . HIS A 1 86  ? -1.958  8.388   -1.536  1.00 22.40 ? 86   HIS A CA  1 
ATOM   672  C C   . HIS A 1 86  ? -1.213  9.003   -0.354  1.00 21.51 ? 86   HIS A C   1 
ATOM   673  O O   . HIS A 1 86  ? -0.162  8.488   0.034   1.00 20.43 ? 86   HIS A O   1 
ATOM   674  C CB  . HIS A 1 86  ? -1.475  9.031   -2.846  1.00 23.19 ? 86   HIS A CB  1 
ATOM   675  C CG  . HIS A 1 86  ? 0.019   9.090   -2.964  1.00 23.80 ? 86   HIS A CG  1 
ATOM   676  N ND1 . HIS A 1 86  ? 0.720   10.277  -2.950  1.00 23.86 ? 86   HIS A ND1 1 
ATOM   677  C CD2 . HIS A 1 86  ? 0.943   8.107   -3.091  1.00 22.23 ? 86   HIS A CD2 1 
ATOM   678  C CE1 . HIS A 1 86  ? 2.011   10.023  -3.052  1.00 23.27 ? 86   HIS A CE1 1 
ATOM   679  N NE2 . HIS A 1 86  ? 2.171   8.714   -3.138  1.00 23.79 ? 86   HIS A NE2 1 
ATOM   680  N N   . GLY A 1 87  ? -1.746  10.083  0.208   1.00 21.83 ? 87   GLY A N   1 
ATOM   681  C CA  . GLY A 1 87  ? -1.227  10.646  1.450   1.00 24.54 ? 87   GLY A CA  1 
ATOM   682  C C   . GLY A 1 87  ? -0.390  11.908  1.351   1.00 25.92 ? 87   GLY A C   1 
ATOM   683  O O   . GLY A 1 87  ? -0.023  12.500  2.383   1.00 25.53 ? 87   GLY A O   1 
ATOM   684  N N   . HIS A 1 88  ? -0.098  12.348  0.126   1.00 25.49 ? 88   HIS A N   1 
ATOM   685  C CA  . HIS A 1 88  ? 0.629   13.605  -0.037  1.00 28.39 ? 88   HIS A CA  1 
ATOM   686  C C   . HIS A 1 88  ? -0.210  14.776  0.506   1.00 31.90 ? 88   HIS A C   1 
ATOM   687  O O   . HIS A 1 88  ? 0.290   15.899  0.659   1.00 31.51 ? 88   HIS A O   1 
ATOM   688  C CB  . HIS A 1 88  ? 1.040   13.816  -1.503  1.00 26.66 ? 88   HIS A CB  1 
ATOM   689  C CG  . HIS A 1 88  ? -0.115  13.814  -2.448  1.00 27.16 ? 88   HIS A CG  1 
ATOM   690  N ND1 . HIS A 1 88  ? -0.540  12.679  -3.109  1.00 25.65 ? 88   HIS A ND1 1 
ATOM   691  C CD2 . HIS A 1 88  ? -0.953  14.815  -2.821  1.00 25.57 ? 88   HIS A CD2 1 
ATOM   692  C CE1 . HIS A 1 88  ? -1.587  12.988  -3.855  1.00 25.83 ? 88   HIS A CE1 1 
ATOM   693  N NE2 . HIS A 1 88  ? -1.869  14.269  -3.681  1.00 25.39 ? 88   HIS A NE2 1 
ATOM   694  N N   . GLN A 1 89  ? -1.470  14.485  0.828   1.00 34.21 ? 89   GLN A N   1 
ATOM   695  C CA  . GLN A 1 89  ? -2.450  15.466  1.297   1.00 39.04 ? 89   GLN A CA  1 
ATOM   696  C C   . GLN A 1 89  ? -2.279  15.764  2.788   1.00 42.85 ? 89   GLN A C   1 
ATOM   697  O O   . GLN A 1 89  ? -2.809  16.750  3.301   1.00 43.78 ? 89   GLN A O   1 
ATOM   698  C CB  . GLN A 1 89  ? -3.891  14.947  1.099   1.00 37.91 ? 89   GLN A CB  1 
ATOM   699  C CG  . GLN A 1 89  ? -4.365  14.636  -0.336  1.00 35.88 ? 89   GLN A CG  1 
ATOM   700  C CD  . GLN A 1 89  ? -4.026  13.236  -0.797  1.00 33.55 ? 89   GLN A CD  1 
ATOM   701  O OE1 . GLN A 1 89  ? -3.316  12.523  -0.097  1.00 31.87 ? 89   GLN A OE1 1 
ATOM   702  N NE2 . GLN A 1 89  ? -4.524  12.837  -1.969  1.00 32.66 ? 89   GLN A NE2 1 
ATOM   703  N N   . VAL A 1 90  ? -1.593  14.879  3.498   1.00 46.73 ? 90   VAL A N   1 
ATOM   704  C CA  . VAL A 1 90  ? -1.437  15.008  4.945   1.00 51.73 ? 90   VAL A CA  1 
ATOM   705  C C   . VAL A 1 90  ? -0.335  16.004  5.297   1.00 54.34 ? 90   VAL A C   1 
ATOM   706  O O   . VAL A 1 90  ? 0.841   15.730  5.050   1.00 54.02 ? 90   VAL A O   1 
ATOM   707  C CB  . VAL A 1 90  ? -1.102  13.644  5.580   1.00 52.72 ? 90   VAL A CB  1 
ATOM   708  C CG1 . VAL A 1 90  ? -0.877  13.778  7.090   1.00 53.89 ? 90   VAL A CG1 1 
ATOM   709  C CG2 . VAL A 1 90  ? -2.197  12.623  5.255   1.00 53.56 ? 90   VAL A CG2 1 
ATOM   710  N N   . ILE A 1 91  ? -0.726  17.140  5.871   1.00 57.46 ? 91   ILE A N   1 
ATOM   711  C CA  . ILE A 1 91  ? 0.183   18.249  6.166   1.00 60.85 ? 91   ILE A CA  1 
ATOM   712  C C   . ILE A 1 91  ? 1.157   17.927  7.303   1.00 62.17 ? 91   ILE A C   1 
ATOM   713  O O   . ILE A 1 91  ? 1.133   18.571  8.352   1.00 61.80 ? 91   ILE A O   1 
ATOM   714  C CB  . ILE A 1 91  ? -0.627  19.546  6.455   1.00 62.05 ? 91   ILE A CB  1 
ATOM   715  C CG1 . ILE A 1 91  ? -0.740  20.423  5.197   1.00 62.63 ? 91   ILE A CG1 1 
ATOM   716  C CG2 . ILE A 1 91  ? -0.058  20.320  7.649   1.00 62.81 ? 91   ILE A CG2 1 
ATOM   717  C CD1 . ILE A 1 91  ? -1.663  21.622  5.348   1.00 62.51 ? 91   ILE A CD1 1 
ATOM   718  N N   . PRO A 1 92  ? 2.009   16.928  7.069   1.00 63.42 ? 92   PRO A N   1 
ATOM   719  C CA  . PRO A 1 92  ? 2.949   16.415  8.049   1.00 64.66 ? 92   PRO A CA  1 
ATOM   720  C C   . PRO A 1 92  ? 3.955   15.440  7.452   1.00 65.09 ? 92   PRO A C   1 
ATOM   721  O O   . PRO A 1 92  ? 4.942   15.850  6.830   1.00 64.97 ? 92   PRO A O   1 
ATOM   722  N N   . ASP A 1 95  ? 2.855   12.391  10.099  1.00 55.09 ? 95   ASP A N   1 
ATOM   723  C CA  . ASP A 1 95  ? 2.274   12.917  11.326  1.00 53.66 ? 95   ASP A CA  1 
ATOM   724  C C   . ASP A 1 95  ? 1.057   12.092  11.713  1.00 51.94 ? 95   ASP A C   1 
ATOM   725  O O   . ASP A 1 95  ? 0.115   11.956  10.929  1.00 51.04 ? 95   ASP A O   1 
ATOM   726  C CB  . ASP A 1 95  ? 1.873   14.378  11.147  1.00 55.47 ? 95   ASP A CB  1 
ATOM   727  C CG  . ASP A 1 95  ? 1.610   15.089  12.447  1.00 56.42 ? 95   ASP A CG  1 
ATOM   728  O OD1 . ASP A 1 95  ? 2.282   14.752  13.441  1.00 57.08 ? 95   ASP A OD1 1 
ATOM   729  O OD2 . ASP A 1 95  ? 0.753   15.992  12.558  1.00 57.96 ? 95   ASP A OD2 1 
ATOM   730  N N   . MET A 1 96  ? 1.093   11.556  12.928  1.00 50.02 ? 96   MET A N   1 
ATOM   731  C CA  . MET A 1 96  ? 0.062   10.638  13.415  1.00 48.02 ? 96   MET A CA  1 
ATOM   732  C C   . MET A 1 96  ? -1.279  11.329  13.647  1.00 46.00 ? 96   MET A C   1 
ATOM   733  O O   . MET A 1 96  ? -2.358  10.761  13.420  1.00 45.49 ? 96   MET A O   1 
ATOM   734  C CB  . MET A 1 96  ? 0.523   10.016  14.729  1.00 48.00 ? 96   MET A CB  1 
ATOM   735  C CG  . MET A 1 96  ? -0.504  9.091   15.333  1.00 47.77 ? 96   MET A CG  1 
ATOM   736  S SD  . MET A 1 96  ? -0.634  7.667   14.250  1.00 49.34 ? 96   MET A SD  1 
ATOM   737  C CE  . MET A 1 96  ? -2.397  7.875   13.615  1.00 46.90 ? 96   MET A CE  1 
ATOM   738  N N   . ALA A 1 97  ? -1.204  12.565  14.124  1.00 43.96 ? 97   ALA A N   1 
ATOM   739  C CA  . ALA A 1 97  ? -2.417  13.351  14.317  1.00 41.47 ? 97   ALA A CA  1 
ATOM   740  C C   . ALA A 1 97  ? -3.151  13.516  12.977  1.00 39.54 ? 97   ALA A C   1 
ATOM   741  O O   . ALA A 1 97  ? -4.358  13.274  12.890  1.00 39.59 ? 97   ALA A O   1 
ATOM   742  C CB  . ALA A 1 97  ? -2.079  14.698  14.966  1.00 41.15 ? 97   ALA A CB  1 
ATOM   743  N N   . SER A 1 98  ? -2.436  13.873  11.914  1.00 37.18 ? 98   SER A N   1 
ATOM   744  C CA  . SER A 1 98  ? -3.095  14.047  10.616  1.00 36.85 ? 98   SER A CA  1 
ATOM   745  C C   . SER A 1 98  ? -3.780  12.790  10.071  1.00 35.20 ? 98   SER A C   1 
ATOM   746  O O   . SER A 1 98  ? -4.862  12.862  9.472   1.00 34.63 ? 98   SER A O   1 
ATOM   747  C CB  . SER A 1 98  ? -2.093  14.551  9.576   1.00 39.11 ? 98   SER A CB  1 
ATOM   748  O OG  . SER A 1 98  ? -1.810  15.924  9.777   1.00 41.83 ? 98   SER A OG  1 
ATOM   749  N N   . LEU A 1 99  ? -3.103  11.655  10.232  1.00 33.56 ? 99   LEU A N   1 
ATOM   750  C CA  . LEU A 1 99  ? -3.596  10.381  9.747   1.00 32.88 ? 99   LEU A CA  1 
ATOM   751  C C   . LEU A 1 99  ? -4.852  10.042  10.516  1.00 32.42 ? 99   LEU A C   1 
ATOM   752  O O   . LEU A 1 99  ? -5.815  9.569   9.933   1.00 34.58 ? 99   LEU A O   1 
ATOM   753  C CB  . LEU A 1 99  ? -2.550  9.297   9.989   1.00 33.05 ? 99   LEU A CB  1 
ATOM   754  C CG  . LEU A 1 99  ? -1.403  9.245   8.997   1.00 34.38 ? 99   LEU A CG  1 
ATOM   755  C CD1 . LEU A 1 99  ? -0.525  8.050   9.329   1.00 34.69 ? 99   LEU A CD1 1 
ATOM   756  C CD2 . LEU A 1 99  ? -1.944  9.211   7.558   1.00 33.70 ? 99   LEU A CD2 1 
ATOM   757  N N   . ALA A 1 100 ? -4.856  10.300  11.818  1.00 30.95 ? 100  ALA A N   1 
ATOM   758  C CA  . ALA A 1 100 ? -6.061  10.048  12.609  1.00 33.78 ? 100  ALA A CA  1 
ATOM   759  C C   . ALA A 1 100 ? -7.247  10.920  12.168  1.00 34.75 ? 100  ALA A C   1 
ATOM   760  O O   . ALA A 1 100 ? -8.406  10.492  12.230  1.00 33.44 ? 100  ALA A O   1 
ATOM   761  C CB  . ALA A 1 100 ? -5.773  10.240  14.109  1.00 34.25 ? 100  ALA A CB  1 
ATOM   762  N N   . LEU A 1 101 ? -6.960  12.138  11.704  1.00 35.45 ? 101  LEU A N   1 
ATOM   763  C CA  . LEU A 1 101 ? -8.017  12.998  11.192  1.00 35.72 ? 101  LEU A CA  1 
ATOM   764  C C   . LEU A 1 101 ? -8.617  12.421  9.910   1.00 35.36 ? 101  LEU A C   1 
ATOM   765  O O   . LEU A 1 101 ? -9.824  12.497  9.718   1.00 34.08 ? 101  LEU A O   1 
ATOM   766  C CB  . LEU A 1 101 ? -7.530  14.432  10.967  1.00 36.22 ? 101  LEU A CB  1 
ATOM   767  C CG  . LEU A 1 101 ? -7.119  15.092  12.281  1.00 38.47 ? 101  LEU A CG  1 
ATOM   768  C CD1 . LEU A 1 101 ? -6.422  16.408  11.975  1.00 39.95 ? 101  LEU A CD1 1 
ATOM   769  C CD2 . LEU A 1 101 ? -8.296  15.233  13.243  1.00 38.40 ? 101  LEU A CD2 1 
ATOM   770  N N   . LEU A 1 102 ? -7.789  11.820  9.057   1.00 34.17 ? 102  LEU A N   1 
ATOM   771  C CA  . LEU A 1 102 ? -8.304  11.167  7.853   1.00 33.64 ? 102  LEU A CA  1 
ATOM   772  C C   . LEU A 1 102 ? -9.091  9.931   8.196   1.00 31.65 ? 102  LEU A C   1 
ATOM   773  O O   . LEU A 1 102 ? -10.140 9.678   7.596   1.00 30.56 ? 102  LEU A O   1 
ATOM   774  C CB  . LEU A 1 102 ? -7.184  10.683  6.933   1.00 33.81 ? 102  LEU A CB  1 
ATOM   775  C CG  . LEU A 1 102 ? -6.322  11.727  6.244   1.00 35.54 ? 102  LEU A CG  1 
ATOM   776  C CD1 . LEU A 1 102 ? -5.175  11.017  5.546   1.00 35.85 ? 102  LEU A CD1 1 
ATOM   777  C CD2 . LEU A 1 102 ? -7.187  12.518  5.267   1.00 36.78 ? 102  LEU A CD2 1 
ATOM   778  N N   . GLN A 1 103 ? -8.549  9.118   9.102   1.00 31.27 ? 103  GLN A N   1 
ATOM   779  C CA  . GLN A 1 103 ? -9.287  7.918   9.490   1.00 30.82 ? 103  GLN A CA  1 
ATOM   780  C C   . GLN A 1 103 ? -10.710 8.293   9.923   1.00 32.32 ? 103  GLN A C   1 
ATOM   781  O O   . GLN A 1 103 ? -11.686 7.642   9.537   1.00 31.61 ? 103  GLN A O   1 
ATOM   782  C CB  . GLN A 1 103 ? -8.616  7.167   10.643  1.00 29.00 ? 103  GLN A CB  1 
ATOM   783  C CG  . GLN A 1 103 ? -9.419  5.926   11.074  1.00 28.56 ? 103  GLN A CG  1 
ATOM   784  C CD  . GLN A 1 103 ? -10.601 6.224   11.992  1.00 28.68 ? 103  GLN A CD  1 
ATOM   785  O OE1 . GLN A 1 103 ? -10.534 7.112   12.840  1.00 30.03 ? 103  GLN A OE1 1 
ATOM   786  N NE2 . GLN A 1 103 ? -11.679 5.461   11.846  1.00 29.77 ? 103  GLN A NE2 1 
ATOM   787  N N   . ARG A 1 104 ? -10.809 9.315   10.772  1.00 33.50 ? 104  ARG A N   1 
ATOM   788  C CA  . ARG A 1 104 ? -12.100 9.827   11.225  1.00 35.73 ? 104  ARG A CA  1 
ATOM   789  C C   . ARG A 1 104 ? -12.956 10.349  10.081  1.00 36.49 ? 104  ARG A C   1 
ATOM   790  O O   . ARG A 1 104 ? -14.171 10.116  10.059  1.00 34.50 ? 104  ARG A O   1 
ATOM   791  C CB  . ARG A 1 104 ? -11.894 10.972  12.216  1.00 38.45 ? 104  ARG A CB  1 
ATOM   792  C CG  . ARG A 1 104 ? -11.371 10.523  13.571  1.00 42.38 ? 104  ARG A CG  1 
ATOM   793  C CD  . ARG A 1 104 ? -12.104 11.202  14.716  1.00 46.78 ? 104  ARG A CD  1 
ATOM   794  N NE  . ARG A 1 104 ? -11.535 12.519  14.984  1.00 49.99 ? 104  ARG A NE  1 
ATOM   795  C CZ  . ARG A 1 104 ? -12.002 13.370  15.891  1.00 52.22 ? 104  ARG A CZ  1 
ATOM   796  N NH1 . ARG A 1 104 ? -13.067 13.062  16.625  1.00 53.25 ? 104  ARG A NH1 1 
ATOM   797  N NH2 . ARG A 1 104 ? -11.399 14.538  16.061  1.00 52.35 ? 104  ARG A NH2 1 
ATOM   798  N N   . GLN A 1 105 ? -12.316 11.082  9.164   1.00 36.82 ? 105  GLN A N   1 
ATOM   799  C CA  . GLN A 1 105 ? -13.002 11.645  8.004   1.00 40.05 ? 105  GLN A CA  1 
ATOM   800  C C   . GLN A 1 105 ? -13.685 10.520  7.245   1.00 40.44 ? 105  GLN A C   1 
ATOM   801  O O   . GLN A 1 105 ? -14.888 10.553  7.012   1.00 39.08 ? 105  GLN A O   1 
ATOM   802  C CB  . GLN A 1 105 ? -12.026 12.404  7.089   1.00 42.87 ? 105  GLN A CB  1 
ATOM   803  C CG  . GLN A 1 105 ? -12.725 13.001  5.871   1.00 48.81 ? 105  GLN A CG  1 
ATOM   804  C CD  . GLN A 1 105 ? -11.790 13.733  4.907   1.00 52.03 ? 105  GLN A CD  1 
ATOM   805  O OE1 . GLN A 1 105 ? -10.691 14.154  5.293   1.00 53.26 ? 105  GLN A OE1 1 
ATOM   806  N NE2 . GLN A 1 105 ? -12.227 13.887  3.652   1.00 53.17 ? 105  GLN A NE2 1 
ATOM   807  N N   . PHE A 1 106 ? -12.883 9.502   6.931   1.00 42.31 ? 106  PHE A N   1 
ATOM   808  C CA  . PHE A 1 106 ? -13.286 8.322   6.175   1.00 42.58 ? 106  PHE A CA  1 
ATOM   809  C C   . PHE A 1 106 ? -14.294 7.448   6.934   1.00 41.79 ? 106  PHE A C   1 
ATOM   810  O O   . PHE A 1 106 ? -15.120 6.791   6.298   1.00 41.42 ? 106  PHE A O   1 
ATOM   811  C CB  . PHE A 1 106 ? -12.046 7.456   5.880   1.00 43.38 ? 106  PHE A CB  1 
ATOM   812  C CG  . PHE A 1 106 ? -11.301 7.784   4.592   1.00 44.25 ? 106  PHE A CG  1 
ATOM   813  C CD1 . PHE A 1 106 ? -11.724 7.280   3.373   1.00 45.92 ? 106  PHE A CD1 1 
ATOM   814  C CD2 . PHE A 1 106 ? -10.098 8.482   4.623   1.00 45.06 ? 106  PHE A CD2 1 
ATOM   815  C CE1 . PHE A 1 106 ? -10.999 7.532   2.194   1.00 46.04 ? 106  PHE A CE1 1 
ATOM   816  C CE2 . PHE A 1 106 ? -9.364  8.743   3.462   1.00 45.08 ? 106  PHE A CE2 1 
ATOM   817  C CZ  . PHE A 1 106 ? -9.807  8.261   2.246   1.00 45.69 ? 106  PHE A CZ  1 
ATOM   818  N N   . ASP A 1 107 ? -14.182 7.401   8.265   1.00 40.22 ? 107  ASP A N   1 
ATOM   819  C CA  . ASP A 1 107 ? -14.806 6.356   9.091   1.00 39.82 ? 107  ASP A CA  1 
ATOM   820  C C   . ASP A 1 107 ? -14.501 4.893   8.716   1.00 36.89 ? 107  ASP A C   1 
ATOM   821  O O   . ASP A 1 107 ? -15.414 4.120   8.424   1.00 35.89 ? 107  ASP A O   1 
ATOM   822  C CB  . ASP A 1 107 ? -16.331 6.512   9.098   1.00 42.63 ? 107  ASP A CB  1 
ATOM   823  C CG  . ASP A 1 107 ? -16.978 5.795   10.275  1.00 44.72 ? 107  ASP A CG  1 
ATOM   824  O OD1 . ASP A 1 107 ? -16.298 5.591   11.312  1.00 44.76 ? 107  ASP A OD1 1 
ATOM   825  O OD2 . ASP A 1 107 ? -18.157 5.384   10.225  1.00 45.88 ? 107  ASP A OD2 1 
ATOM   826  N N   . VAL A 1 108 ? -13.230 4.501   8.703   1.00 32.46 ? 108  VAL A N   1 
ATOM   827  C CA  . VAL A 1 108 ? -12.852 3.169   8.253   1.00 27.21 ? 108  VAL A CA  1 
ATOM   828  C C   . VAL A 1 108 ? -12.146 2.456   9.402   1.00 27.69 ? 108  VAL A C   1 
ATOM   829  O O   . VAL A 1 108 ? -11.636 3.098   10.338  1.00 25.99 ? 108  VAL A O   1 
ATOM   830  C CB  . VAL A 1 108 ? -11.907 3.267   7.037   1.00 26.48 ? 108  VAL A CB  1 
ATOM   831  C CG1 . VAL A 1 108 ? -12.658 3.753   5.795   1.00 23.15 ? 108  VAL A CG1 1 
ATOM   832  C CG2 . VAL A 1 108 ? -10.711 4.193   7.363   1.00 24.24 ? 108  VAL A CG2 1 
ATOM   833  N N   . ASP A 1 109 ? -12.062 1.132   9.294   1.00 26.03 ? 109  ASP A N   1 
ATOM   834  C CA  . ASP A 1 109 ? -11.360 0.301   10.279  1.00 25.11 ? 109  ASP A CA  1 
ATOM   835  C C   . ASP A 1 109 ? -9.854  0.290   10.061  1.00 24.23 ? 109  ASP A C   1 
ATOM   836  O O   . ASP A 1 109 ? -9.081  0.112   10.995  1.00 24.66 ? 109  ASP A O   1 
ATOM   837  C CB  . ASP A 1 109 ? -11.868 -1.135  10.181  1.00 24.72 ? 109  ASP A CB  1 
ATOM   838  C CG  . ASP A 1 109 ? -13.372 -1.209  10.290  1.00 27.40 ? 109  ASP A CG  1 
ATOM   839  O OD1 . ASP A 1 109 ? -13.900 -0.798  11.338  1.00 29.74 ? 109  ASP A OD1 1 
ATOM   840  O OD2 . ASP A 1 109 ? -14.118 -1.645  9.397   1.00 27.46 ? 109  ASP A OD2 1 
ATOM   841  N N   . ILE A 1 110 ? -9.473  0.402   8.792   1.00 24.46 ? 110  ILE A N   1 
ATOM   842  C CA  . ILE A 1 110 ? -8.092  0.415   8.351   1.00 23.53 ? 110  ILE A CA  1 
ATOM   843  C C   . ILE A 1 110 ? -7.893  1.591   7.395   1.00 24.64 ? 110  ILE A C   1 
ATOM   844  O O   . ILE A 1 110 ? -8.649  1.709   6.424   1.00 24.53 ? 110  ILE A O   1 
ATOM   845  C CB  . ILE A 1 110 ? -7.808  -0.887  7.567   1.00 19.38 ? 110  ILE A CB  1 
ATOM   846  C CG1 . ILE A 1 110 ? -8.146  -2.133  8.391   1.00 18.84 ? 110  ILE A CG1 1 
ATOM   847  C CG2 . ILE A 1 110 ? -6.379  -0.883  7.109   1.00 19.53 ? 110  ILE A CG2 1 
ATOM   848  C CD1 . ILE A 1 110 ? -7.862  -3.423  7.647   1.00 17.04 ? 110  ILE A CD1 1 
ATOM   849  N N   . LEU A 1 111 ? -6.876  2.421   7.641   1.00 23.66 ? 111  LEU A N   1 
ATOM   850  C CA  . LEU A 1 111 ? -6.457  3.470   6.705   1.00 21.52 ? 111  LEU A CA  1 
ATOM   851  C C   . LEU A 1 111 ? -5.157  3.085   6.020   1.00 21.24 ? 111  LEU A C   1 
ATOM   852  O O   . LEU A 1 111 ? -4.144  2.867   6.684   1.00 21.49 ? 111  LEU A O   1 
ATOM   853  C CB  . LEU A 1 111 ? -6.271  4.820   7.414   1.00 21.40 ? 111  LEU A CB  1 
ATOM   854  C CG  . LEU A 1 111 ? -5.866  6.036   6.571   1.00 22.53 ? 111  LEU A CG  1 
ATOM   855  C CD1 . LEU A 1 111 ? -6.877  6.197   5.442   1.00 24.38 ? 111  LEU A CD1 1 
ATOM   856  C CD2 . LEU A 1 111 ? -5.840  7.356   7.401   1.00 22.17 ? 111  LEU A CD2 1 
ATOM   857  N N   . ILE A 1 112 ? -5.200  2.998   4.690   1.00 21.09 ? 112  ILE A N   1 
ATOM   858  C CA  . ILE A 1 112 ? -4.000  2.806   3.894   1.00 20.41 ? 112  ILE A CA  1 
ATOM   859  C C   . ILE A 1 112 ? -3.570  4.088   3.177   1.00 22.17 ? 112  ILE A C   1 
ATOM   860  O O   . ILE A 1 112 ? -4.358  4.707   2.441   1.00 21.17 ? 112  ILE A O   1 
ATOM   861  C CB  . ILE A 1 112 ? -4.175  1.650   2.881   1.00 20.80 ? 112  ILE A CB  1 
ATOM   862  C CG1 . ILE A 1 112 ? -4.668  0.378   3.575   1.00 21.43 ? 112  ILE A CG1 1 
ATOM   863  C CG2 . ILE A 1 112 ? -2.858  1.385   2.156   1.00 19.73 ? 112  ILE A CG2 1 
ATOM   864  C CD1 . ILE A 1 112 ? -4.936  -0.803  2.640   1.00 19.52 ? 112  ILE A CD1 1 
ATOM   865  N N   . SER A 1 113 ? -2.319  4.498   3.402   1.00 23.66 ? 113  SER A N   1 
ATOM   866  C CA  . SER A 1 113 ? -1.742  5.651   2.701   1.00 23.66 ? 113  SER A CA  1 
ATOM   867  C C   . SER A 1 113 ? -0.274  5.431   2.334   1.00 25.09 ? 113  SER A C   1 
ATOM   868  O O   . SER A 1 113 ? 0.372   4.475   2.789   1.00 26.03 ? 113  SER A O   1 
ATOM   869  C CB  . SER A 1 113 ? -1.844  6.913   3.560   1.00 23.57 ? 113  SER A CB  1 
ATOM   870  O OG  . SER A 1 113 ? -1.196  6.659   4.795   1.00 24.65 ? 113  SER A OG  1 
ATOM   871  N N   . GLY A 1 114 ? 0.261   6.309   1.491   1.00 23.24 ? 114  GLY A N   1 
ATOM   872  C CA  . GLY A 1 114 ? 1.591   6.088   0.970   1.00 23.68 ? 114  GLY A CA  1 
ATOM   873  C C   . GLY A 1 114 ? 2.448   7.325   1.221   1.00 24.48 ? 114  GLY A C   1 
ATOM   874  O O   . GLY A 1 114 ? 2.430   7.861   2.329   1.00 24.35 ? 114  GLY A O   1 
ATOM   875  N N   . HIS A 1 115 ? 3.189   7.745   0.196   1.00 24.04 ? 115  HIS A N   1 
ATOM   876  C CA  . HIS A 1 115 ? 3.824   9.062   0.114   1.00 24.89 ? 115  HIS A CA  1 
ATOM   877  C C   . HIS A 1 115 ? 5.159   9.208   0.854   1.00 25.22 ? 115  HIS A C   1 
ATOM   878  O O   . HIS A 1 115 ? 6.057   9.865   0.351   1.00 25.53 ? 115  HIS A O   1 
ATOM   879  C CB  . HIS A 1 115 ? 2.842   10.154  0.533   1.00 25.43 ? 115  HIS A CB  1 
ATOM   880  C CG  . HIS A 1 115 ? 3.465   11.511  0.674   1.00 28.38 ? 115  HIS A CG  1 
ATOM   881  N ND1 . HIS A 1 115 ? 3.982   12.213  -0.396  1.00 30.00 ? 115  HIS A ND1 1 
ATOM   882  C CD2 . HIS A 1 115 ? 3.639   12.299  1.762   1.00 29.45 ? 115  HIS A CD2 1 
ATOM   883  C CE1 . HIS A 1 115 ? 4.447   13.374  0.027   1.00 31.49 ? 115  HIS A CE1 1 
ATOM   884  N NE2 . HIS A 1 115 ? 4.260   13.446  1.336   1.00 31.48 ? 115  HIS A NE2 1 
ATOM   885  N N   . THR A 1 116 ? 5.290   8.596   2.035   1.00 26.25 ? 116  THR A N   1 
ATOM   886  C CA  . THR A 1 116 ? 6.526   8.667   2.818   1.00 27.11 ? 116  THR A CA  1 
ATOM   887  C C   . THR A 1 116 ? 7.648   7.760   2.273   1.00 28.57 ? 116  THR A C   1 
ATOM   888  O O   . THR A 1 116 ? 8.830   8.053   2.483   1.00 30.57 ? 116  THR A O   1 
ATOM   889  C CB  . THR A 1 116 ? 6.257   8.337   4.316   1.00 27.32 ? 116  THR A CB  1 
ATOM   890  O OG1 . THR A 1 116 ? 5.854   6.960   4.454   1.00 27.88 ? 116  THR A OG1 1 
ATOM   891  C CG2 . THR A 1 116 ? 5.037   9.119   4.842   1.00 27.76 ? 116  THR A CG2 1 
ATOM   892  N N   . HIS A 1 117 ? 7.292   6.712   1.530   1.00 26.61 ? 117  HIS A N   1 
ATOM   893  C CA  . HIS A 1 117 ? 8.227   5.703   1.043   1.00 29.92 ? 117  HIS A CA  1 
ATOM   894  C C   . HIS A 1 117 ? 8.849   4.896   2.181   1.00 31.45 ? 117  HIS A C   1 
ATOM   895  O O   . HIS A 1 117 ? 9.929   4.310   2.033   1.00 29.91 ? 117  HIS A O   1 
ATOM   896  C CB  . HIS A 1 117 ? 9.311   6.288   0.120   1.00 30.17 ? 117  HIS A CB  1 
ATOM   897  C CG  . HIS A 1 117 ? 8.783   6.811   -1.184  1.00 32.04 ? 117  HIS A CG  1 
ATOM   898  N ND1 . HIS A 1 117 ? 9.575   6.963   -2.303  1.00 33.33 ? 117  HIS A ND1 1 
ATOM   899  C CD2 . HIS A 1 117 ? 7.564   7.293   -1.522  1.00 32.08 ? 117  HIS A CD2 1 
ATOM   900  C CE1 . HIS A 1 117 ? 8.859   7.478   -3.285  1.00 32.51 ? 117  HIS A CE1 1 
ATOM   901  N NE2 . HIS A 1 117 ? 7.635   7.691   -2.835  1.00 33.19 ? 117  HIS A NE2 1 
ATOM   902  N N   . LYS A 1 118 ? 8.157   4.883   3.317   1.00 33.31 ? 118  LYS A N   1 
ATOM   903  C CA  . LYS A 1 118 ? 8.540   4.034   4.436   1.00 36.23 ? 118  LYS A CA  1 
ATOM   904  C C   . LYS A 1 118 ? 7.320   3.366   5.103   1.00 34.66 ? 118  LYS A C   1 
ATOM   905  O O   . LYS A 1 118 ? 6.339   4.021   5.494   1.00 32.07 ? 118  LYS A O   1 
ATOM   906  C CB  . LYS A 1 118 ? 9.444   4.802   5.411   1.00 41.28 ? 118  LYS A CB  1 
ATOM   907  C CG  . LYS A 1 118 ? 8.826   5.163   6.746   1.00 46.04 ? 118  LYS A CG  1 
ATOM   908  C CD  . LYS A 1 118 ? 9.806   4.990   7.919   1.00 50.57 ? 118  LYS A CD  1 
ATOM   909  C CE  . LYS A 1 118 ? 10.429  3.584   7.951   1.00 53.67 ? 118  LYS A CE  1 
ATOM   910  N NZ  . LYS A 1 118 ? 9.534   2.527   8.528   1.00 54.02 ? 118  LYS A NZ  1 
ATOM   911  N N   . PHE A 1 119 ? 7.377   2.039   5.169   1.00 33.45 ? 119  PHE A N   1 
ATOM   912  C CA  . PHE A 1 119 ? 6.243   1.221   5.584   1.00 32.27 ? 119  PHE A CA  1 
ATOM   913  C C   . PHE A 1 119 ? 5.884   1.487   7.042   1.00 30.72 ? 119  PHE A C   1 
ATOM   914  O O   . PHE A 1 119 ? 6.725   1.881   7.835   1.00 29.40 ? 119  PHE A O   1 
ATOM   915  C CB  . PHE A 1 119 ? 6.543   -0.262  5.359   1.00 34.99 ? 119  PHE A CB  1 
ATOM   916  C CG  . PHE A 1 119 ? 7.175   -0.924  6.544   1.00 37.81 ? 119  PHE A CG  1 
ATOM   917  C CD1 . PHE A 1 119 ? 8.548   -1.124  6.590   1.00 38.99 ? 119  PHE A CD1 1 
ATOM   918  C CD2 . PHE A 1 119 ? 6.396   -1.303  7.632   1.00 38.42 ? 119  PHE A CD2 1 
ATOM   919  C CE1 . PHE A 1 119 ? 9.141   -1.716  7.709   1.00 41.20 ? 119  PHE A CE1 1 
ATOM   920  C CE2 . PHE A 1 119 ? 6.962   -1.884  8.753   1.00 39.98 ? 119  PHE A CE2 1 
ATOM   921  C CZ  . PHE A 1 119 ? 8.346   -2.091  8.801   1.00 41.65 ? 119  PHE A CZ  1 
ATOM   922  N N   . GLU A 1 120 ? 4.612   1.324   7.373   1.00 29.64 ? 120  GLU A N   1 
ATOM   923  C CA  . GLU A 1 120 ? 4.118   1.442   8.733   1.00 31.97 ? 120  GLU A CA  1 
ATOM   924  C C   . GLU A 1 120 ? 3.024   0.403   8.831   1.00 29.74 ? 120  GLU A C   1 
ATOM   925  O O   . GLU A 1 120 ? 2.367   0.123   7.835   1.00 29.00 ? 120  GLU A O   1 
ATOM   926  C CB  . GLU A 1 120 ? 3.445   2.794   8.984   1.00 35.28 ? 120  GLU A CB  1 
ATOM   927  C CG  . GLU A 1 120 ? 4.215   4.010   8.494   1.00 42.08 ? 120  GLU A CG  1 
ATOM   928  C CD  . GLU A 1 120 ? 5.310   4.455   9.449   1.00 46.84 ? 120  GLU A CD  1 
ATOM   929  O OE1 . GLU A 1 120 ? 6.466   4.648   8.987   1.00 48.51 ? 120  GLU A OE1 1 
ATOM   930  O OE2 . GLU A 1 120 ? 5.017   4.617   10.660  1.00 50.14 ? 120  GLU A OE2 1 
ATOM   931  N N   . ALA A 1 121 ? 2.808   -0.139  10.021  1.00 27.41 ? 121  ALA A N   1 
ATOM   932  C CA  . ALA A 1 121 ? 1.627   -0.954  10.262  1.00 27.75 ? 121  ALA A CA  1 
ATOM   933  C C   . ALA A 1 121 ? 1.412   -0.956  11.759  1.00 27.57 ? 121  ALA A C   1 
ATOM   934  O O   . ALA A 1 121 ? 2.147   -1.609  12.479  1.00 28.96 ? 121  ALA A O   1 
ATOM   935  C CB  . ALA A 1 121 ? 1.830   -2.386  9.747   1.00 26.18 ? 121  ALA A CB  1 
ATOM   936  N N   . PHE A 1 122 ? 0.423   -0.232  12.253  1.00 27.61 ? 122  PHE A N   1 
ATOM   937  C CA  . PHE A 1 122 ? 0.263   -0.167  13.699  1.00 28.05 ? 122  PHE A CA  1 
ATOM   938  C C   . PHE A 1 122 ? -1.173  0.192   14.024  1.00 27.68 ? 122  PHE A C   1 
ATOM   939  O O   . PHE A 1 122 ? -1.926  0.724   13.208  1.00 27.24 ? 122  PHE A O   1 
ATOM   940  C CB  . PHE A 1 122 ? 1.164   0.920   14.294  1.00 30.06 ? 122  PHE A CB  1 
ATOM   941  C CG  . PHE A 1 122 ? 0.888   2.282   13.714  1.00 31.37 ? 122  PHE A CG  1 
ATOM   942  C CD1 . PHE A 1 122 ? 1.591   2.722   12.604  1.00 32.32 ? 122  PHE A CD1 1 
ATOM   943  C CD2 . PHE A 1 122 ? -0.084  3.100   14.257  1.00 32.05 ? 122  PHE A CD2 1 
ATOM   944  C CE1 . PHE A 1 122 ? 1.331   3.973   12.043  1.00 34.33 ? 122  PHE A CE1 1 
ATOM   945  C CE2 . PHE A 1 122 ? -0.369  4.352   13.699  1.00 33.82 ? 122  PHE A CE2 1 
ATOM   946  C CZ  . PHE A 1 122 ? 0.348   4.785   12.586  1.00 33.78 ? 122  PHE A CZ  1 
ATOM   947  N N   . GLU A 1 123 ? -1.529  -0.046  15.273  1.00 28.33 ? 123  GLU A N   1 
ATOM   948  C CA  . GLU A 1 123 ? -2.851  0.272   15.748  1.00 28.30 ? 123  GLU A CA  1 
ATOM   949  C C   . GLU A 1 123 ? -2.827  1.592   16.528  1.00 28.60 ? 123  GLU A C   1 
ATOM   950  O O   . GLU A 1 123 ? -1.959  1.813   17.359  1.00 24.89 ? 123  GLU A O   1 
ATOM   951  C CB  . GLU A 1 123 ? -3.308  -0.896  16.625  1.00 27.06 ? 123  GLU A CB  1 
ATOM   952  C CG  . GLU A 1 123 ? -4.732  -0.760  17.121  1.00 27.56 ? 123  GLU A CG  1 
ATOM   953  C CD  . GLU A 1 123 ? -5.221  -2.012  17.823  1.00 28.01 ? 123  GLU A CD  1 
ATOM   954  O OE1 . GLU A 1 123 ? -6.321  -1.913  18.374  1.00 29.76 ? 123  GLU A OE1 1 
ATOM   955  O OE2 . GLU A 1 123 ? -4.559  -3.081  17.806  1.00 29.00 ? 123  GLU A OE2 1 
ATOM   956  N N   . HIS A 1 124 ? -3.805  2.464   16.297  1.00 28.25 ? 124  HIS A N   1 
ATOM   957  C CA  . HIS A 1 124 ? -3.829  3.705   17.048  1.00 28.15 ? 124  HIS A CA  1 
ATOM   958  C C   . HIS A 1 124 ? -5.276  4.085   17.349  1.00 29.58 ? 124  HIS A C   1 
ATOM   959  O O   . HIS A 1 124 ? -6.084  4.251   16.438  1.00 28.01 ? 124  HIS A O   1 
ATOM   960  C CB  . HIS A 1 124 ? -3.051  4.798   16.319  1.00 29.53 ? 124  HIS A CB  1 
ATOM   961  C CG  . HIS A 1 124 ? -3.174  6.141   16.967  1.00 33.13 ? 124  HIS A CG  1 
ATOM   962  N ND1 . HIS A 1 124 ? -2.287  6.594   17.924  1.00 34.50 ? 124  HIS A ND1 1 
ATOM   963  C CD2 . HIS A 1 124 ? -4.094  7.123   16.806  1.00 32.31 ? 124  HIS A CD2 1 
ATOM   964  C CE1 . HIS A 1 124 ? -2.665  7.790   18.338  1.00 34.07 ? 124  HIS A CE1 1 
ATOM   965  N NE2 . HIS A 1 124 ? -3.761  8.129   17.682  1.00 34.13 ? 124  HIS A NE2 1 
ATOM   966  N N   . GLU A 1 125 ? -5.620  4.196   18.629  1.00 29.65 ? 125  GLU A N   1 
ATOM   967  C CA  . GLU A 1 125 ? -7.017  4.303   19.040  1.00 33.16 ? 125  GLU A CA  1 
ATOM   968  C C   . GLU A 1 125 ? -7.885  3.178   18.462  1.00 32.11 ? 125  GLU A C   1 
ATOM   969  O O   . GLU A 1 125 ? -9.022  3.408   18.037  1.00 29.25 ? 125  GLU A O   1 
ATOM   970  C CB  . GLU A 1 125 ? -7.620  5.663   18.662  1.00 35.28 ? 125  GLU A CB  1 
ATOM   971  C CG  . GLU A 1 125 ? -6.856  6.860   19.189  1.00 38.60 ? 125  GLU A CG  1 
ATOM   972  C CD  . GLU A 1 125 ? -7.683  8.136   19.190  1.00 42.22 ? 125  GLU A CD  1 
ATOM   973  O OE1 . GLU A 1 125 ? -8.930  8.092   19.067  1.00 43.64 ? 125  GLU A OE1 1 
ATOM   974  O OE2 . GLU A 1 125 ? -7.074  9.214   19.353  1.00 44.88 ? 125  GLU A OE2 1 
ATOM   975  N N   . ASN A 1 126 ? -7.356  1.960   18.430  1.00 32.62 ? 126  ASN A N   1 
ATOM   976  C CA  . ASN A 1 126 ? -8.177  0.825   18.032  1.00 33.28 ? 126  ASN A CA  1 
ATOM   977  C C   . ASN A 1 126 ? -8.576  0.892   16.562  1.00 31.10 ? 126  ASN A C   1 
ATOM   978  O O   . ASN A 1 126 ? -9.505  0.245   16.111  1.00 29.67 ? 126  ASN A O   1 
ATOM   979  C CB  . ASN A 1 126 ? -9.333  0.681   19.028  1.00 37.01 ? 126  ASN A CB  1 
ATOM   980  C CG  . ASN A 1 126 ? -8.811  0.631   20.464  1.00 40.51 ? 126  ASN A CG  1 
ATOM   981  O OD1 . ASN A 1 126 ? -8.243  -0.378  20.884  1.00 43.63 ? 126  ASN A OD1 1 
ATOM   982  N ND2 . ASN A 1 126 ? -8.888  1.746   21.180  1.00 40.82 ? 126  ASN A ND2 1 
ATOM   983  N N   . LYS A 1 127 ? -7.805  1.655   15.798  1.00 29.30 ? 127  LYS A N   1 
ATOM   984  C CA  . LYS A 1 127 ? -7.979  1.673   14.361  1.00 29.31 ? 127  LYS A CA  1 
ATOM   985  C C   . LYS A 1 127 ? -6.633  1.259   13.763  1.00 27.55 ? 127  LYS A C   1 
ATOM   986  O O   . LYS A 1 127 ? -5.594  1.390   14.409  1.00 26.54 ? 127  LYS A O   1 
ATOM   987  C CB  . LYS A 1 127 ? -8.556  3.020   13.896  1.00 29.94 ? 127  LYS A CB  1 
ATOM   988  C CG  . LYS A 1 127 ? -10.095 2.979   13.720  1.00 32.89 ? 127  LYS A CG  1 
ATOM   989  C CD  . LYS A 1 127 ? -10.898 3.115   14.989  1.00 36.76 ? 127  LYS A CD  1 
ATOM   990  C CE  . LYS A 1 127 ? -12.340 3.565   14.722  1.00 38.24 ? 127  LYS A CE  1 
ATOM   991  N NZ  . LYS A 1 127 ? -13.267 2.410   14.670  1.00 39.39 ? 127  LYS A NZ  1 
ATOM   992  N N   . PHE A 1 128 ? -6.639  0.722   12.552  1.00 25.97 ? 128  PHE A N   1 
ATOM   993  C CA  . PHE A 1 128 ? -5.401  0.200   11.986  1.00 24.53 ? 128  PHE A CA  1 
ATOM   994  C C   . PHE A 1 128 ? -4.911  1.042   10.808  1.00 24.18 ? 128  PHE A C   1 
ATOM   995  O O   . PHE A 1 128 ? -5.711  1.473   9.969   1.00 24.14 ? 128  PHE A O   1 
ATOM   996  C CB  . PHE A 1 128 ? -5.565  -1.271  11.590  1.00 23.16 ? 128  PHE A CB  1 
ATOM   997  C CG  . PHE A 1 128 ? -4.257  -2.033  11.558  1.00 25.15 ? 128  PHE A CG  1 
ATOM   998  C CD1 . PHE A 1 128 ? -3.802  -2.626  10.398  1.00 24.52 ? 128  PHE A CD1 1 
ATOM   999  C CD2 . PHE A 1 128 ? -3.495  -2.175  12.717  1.00 24.57 ? 128  PHE A CD2 1 
ATOM   1000 C CE1 . PHE A 1 128 ? -2.599  -3.326  10.399  1.00 25.69 ? 128  PHE A CE1 1 
ATOM   1001 C CE2 . PHE A 1 128 ? -2.296  -2.859  12.714  1.00 23.22 ? 128  PHE A CE2 1 
ATOM   1002 C CZ  . PHE A 1 128 ? -1.853  -3.441  11.564  1.00 23.03 ? 128  PHE A CZ  1 
ATOM   1003 N N   . TYR A 1 129 ? -3.593  1.223   10.727  1.00 22.12 ? 129  TYR A N   1 
ATOM   1004 C CA  . TYR A 1 129 ? -2.969  2.180   9.831   1.00 22.91 ? 129  TYR A CA  1 
ATOM   1005 C C   . TYR A 1 129 ? -1.852  1.444   9.122   1.00 25.32 ? 129  TYR A C   1 
ATOM   1006 O O   . TYR A 1 129 ? -1.036  0.810   9.779   1.00 26.65 ? 129  TYR A O   1 
ATOM   1007 C CB  . TYR A 1 129 ? -2.351  3.320   10.628  1.00 22.86 ? 129  TYR A CB  1 
ATOM   1008 C CG  . TYR A 1 129 ? -3.397  4.229   11.190  1.00 23.27 ? 129  TYR A CG  1 
ATOM   1009 C CD1 . TYR A 1 129 ? -3.797  5.372   10.503  1.00 24.87 ? 129  TYR A CD1 1 
ATOM   1010 C CD2 . TYR A 1 129 ? -4.007  3.929   12.402  1.00 23.46 ? 129  TYR A CD2 1 
ATOM   1011 C CE1 . TYR A 1 129 ? -4.783  6.215   11.035  1.00 25.87 ? 129  TYR A CE1 1 
ATOM   1012 C CE2 . TYR A 1 129 ? -4.970  4.730   12.930  1.00 24.32 ? 129  TYR A CE2 1 
ATOM   1013 C CZ  . TYR A 1 129 ? -5.361  5.879   12.255  1.00 25.85 ? 129  TYR A CZ  1 
ATOM   1014 O OH  . TYR A 1 129 ? -6.361  6.654   12.812  1.00 25.57 ? 129  TYR A OH  1 
ATOM   1015 N N   . ILE A 1 130 ? -1.857  1.465   7.794   1.00 24.61 ? 130  ILE A N   1 
ATOM   1016 C CA  . ILE A 1 130 ? -0.858  0.740   7.013   1.00 23.17 ? 130  ILE A CA  1 
ATOM   1017 C C   . ILE A 1 130 ? -0.295  1.664   5.954   1.00 23.39 ? 130  ILE A C   1 
ATOM   1018 O O   . ILE A 1 130 ? -1.038  2.379   5.293   1.00 22.74 ? 130  ILE A O   1 
ATOM   1019 C CB  . ILE A 1 130 ? -1.511  -0.435  6.278   1.00 23.60 ? 130  ILE A CB  1 
ATOM   1020 C CG1 . ILE A 1 130 ? -1.967  -1.519  7.258   1.00 22.24 ? 130  ILE A CG1 1 
ATOM   1021 C CG2 . ILE A 1 130 ? -0.600  -0.977  5.202   1.00 24.15 ? 130  ILE A CG2 1 
ATOM   1022 C CD1 . ILE A 1 130 ? -2.800  -2.582  6.558   1.00 21.25 ? 130  ILE A CD1 1 
ATOM   1023 N N   . ASN A 1 131 ? 1.019   1.622   5.771   1.00 22.82 ? 131  ASN A N   1 
ATOM   1024 C CA  . ASN A 1 131 ? 1.649   2.296   4.664   1.00 23.05 ? 131  ASN A CA  1 
ATOM   1025 C C   . ASN A 1 131 ? 2.584   1.216   4.138   1.00 23.48 ? 131  ASN A C   1 
ATOM   1026 O O   . ASN A 1 131 ? 3.459   0.740   4.851   1.00 25.75 ? 131  ASN A O   1 
ATOM   1027 C CB  . ASN A 1 131 ? 2.403   3.524   5.212   1.00 23.75 ? 131  ASN A CB  1 
ATOM   1028 C CG  . ASN A 1 131 ? 3.166   4.282   4.139   1.00 23.61 ? 131  ASN A CG  1 
ATOM   1029 O OD1 . ASN A 1 131 ? 3.597   3.724   3.141   1.00 22.79 ? 131  ASN A OD1 1 
ATOM   1030 N ND2 . ASN A 1 131 ? 3.348   5.575   4.357   1.00 24.79 ? 131  ASN A ND2 1 
ATOM   1031 N N   . PRO A 1 132 ? 2.398   0.765   2.907   1.00 24.01 ? 132  PRO A N   1 
ATOM   1032 C CA  . PRO A 1 132 ? 3.230   -0.326  2.393   1.00 22.58 ? 132  PRO A CA  1 
ATOM   1033 C C   . PRO A 1 132 ? 4.631   0.143   2.001   1.00 22.85 ? 132  PRO A C   1 
ATOM   1034 O O   . PRO A 1 132 ? 5.475   -0.690  1.644   1.00 23.61 ? 132  PRO A O   1 
ATOM   1035 C CB  . PRO A 1 132 ? 2.479   -0.775  1.140   1.00 22.20 ? 132  PRO A CB  1 
ATOM   1036 C CG  . PRO A 1 132 ? 1.843   0.515   0.615   1.00 22.18 ? 132  PRO A CG  1 
ATOM   1037 C CD  . PRO A 1 132 ? 1.456   1.291   1.899   1.00 22.96 ? 132  PRO A CD  1 
ATOM   1038 N N   . GLY A 1 133 ? 4.898   1.443   2.100   1.00 21.25 ? 133  GLY A N   1 
ATOM   1039 C CA  . GLY A 1 133 ? 6.183   1.973   1.661   1.00 22.77 ? 133  GLY A CA  1 
ATOM   1040 C C   . GLY A 1 133 ? 6.193   1.941   0.151   1.00 22.73 ? 133  GLY A C   1 
ATOM   1041 O O   . GLY A 1 133 ? 5.134   1.912   -0.454  1.00 22.80 ? 133  GLY A O   1 
ATOM   1042 N N   . SER A 1 134 ? 7.368   1.884   -0.464  1.00 24.64 ? 134  SER A N   1 
ATOM   1043 C CA  . SER A 1 134 ? 7.488   1.937   -1.903  1.00 24.99 ? 134  SER A CA  1 
ATOM   1044 C C   . SER A 1 134 ? 7.960   0.577   -2.364  1.00 27.41 ? 134  SER A C   1 
ATOM   1045 O O   . SER A 1 134 ? 9.027   0.144   -1.933  1.00 28.30 ? 134  SER A O   1 
ATOM   1046 C CB  . SER A 1 134 ? 8.554   2.955   -2.274  1.00 26.42 ? 134  SER A CB  1 
ATOM   1047 O OG  . SER A 1 134 ? 8.845   2.909   -3.655  1.00 26.80 ? 134  SER A OG  1 
ATOM   1048 N N   . ALA A 1 135 ? 7.184   -0.075  -3.230  1.00 28.75 ? 135  ALA A N   1 
ATOM   1049 C CA  . ALA A 1 135 ? 7.521   -1.417  -3.703  1.00 29.30 ? 135  ALA A CA  1 
ATOM   1050 C C   . ALA A 1 135 ? 8.889   -1.484  -4.393  1.00 30.83 ? 135  ALA A C   1 
ATOM   1051 O O   . ALA A 1 135 ? 9.559   -2.525  -4.324  1.00 30.54 ? 135  ALA A O   1 
ATOM   1052 C CB  . ALA A 1 135 ? 6.417   -2.007  -4.595  1.00 27.87 ? 135  ALA A CB  1 
ATOM   1053 N N   . THR A 1 136 ? 9.305   -0.388  -5.038  1.00 32.25 ? 136  THR A N   1 
ATOM   1054 C CA  . THR A 1 136 ? 10.588  -0.310  -5.748  1.00 32.54 ? 136  THR A CA  1 
ATOM   1055 C C   . THR A 1 136 ? 11.675  0.324   -4.888  1.00 32.56 ? 136  THR A C   1 
ATOM   1056 O O   . THR A 1 136 ? 12.805  0.439   -5.337  1.00 33.91 ? 136  THR A O   1 
ATOM   1057 C CB  . THR A 1 136 ? 10.495  0.582   -7.008  1.00 32.94 ? 136  THR A CB  1 
ATOM   1058 O OG1 . THR A 1 136 ? 9.868   1.828   -6.659  1.00 32.63 ? 136  THR A OG1 1 
ATOM   1059 C CG2 . THR A 1 136 ? 9.584   -0.010  -8.087  1.00 33.15 ? 136  THR A CG2 1 
ATOM   1060 N N   . GLY A 1 137 ? 11.349  0.819   -3.701  1.00 31.49 ? 137  GLY A N   1 
ATOM   1061 C CA  . GLY A 1 137 ? 12.318  1.580   -2.931  1.00 30.75 ? 137  GLY A CA  1 
ATOM   1062 C C   . GLY A 1 137 ? 12.744  2.893   -3.590  1.00 31.64 ? 137  GLY A C   1 
ATOM   1063 O O   . GLY A 1 137 ? 13.839  3.393   -3.342  1.00 30.44 ? 137  GLY A O   1 
ATOM   1064 N N   . ALA A 1 138 ? 11.875  3.463   -4.418  1.00 30.47 ? 138  ALA A N   1 
ATOM   1065 C CA  . ALA A 1 138 ? 12.094  4.779   -5.032  1.00 29.54 ? 138  ALA A CA  1 
ATOM   1066 C C   . ALA A 1 138 ? 12.588  5.885   -4.074  1.00 28.58 ? 138  ALA A C   1 
ATOM   1067 O O   . ALA A 1 138 ? 12.117  5.974   -2.940  1.00 27.12 ? 138  ALA A O   1 
ATOM   1068 C CB  . ALA A 1 138 ? 10.792  5.205   -5.715  1.00 28.20 ? 138  ALA A CB  1 
ATOM   1069 N N   . TYR A 1 139 ? 13.523  6.728   -4.514  1.00 27.87 ? 139  TYR A N   1 
ATOM   1070 C CA  . TYR A 1 139 ? 13.937  7.896   -3.734  1.00 28.41 ? 139  TYR A CA  1 
ATOM   1071 C C   . TYR A 1 139 ? 12.733  8.773   -3.410  1.00 28.79 ? 139  TYR A C   1 
ATOM   1072 O O   . TYR A 1 139 ? 11.674  8.696   -4.049  1.00 26.31 ? 139  TYR A O   1 
ATOM   1073 C CB  . TYR A 1 139 ? 15.079  8.721   -4.395  1.00 29.12 ? 139  TYR A CB  1 
ATOM   1074 C CG  . TYR A 1 139 ? 14.629  9.594   -5.555  1.00 29.61 ? 139  TYR A CG  1 
ATOM   1075 C CD1 . TYR A 1 139 ? 14.819  9.202   -6.883  1.00 28.90 ? 139  TYR A CD1 1 
ATOM   1076 C CD2 . TYR A 1 139 ? 13.966  10.796  -5.318  1.00 28.88 ? 139  TYR A CD2 1 
ATOM   1077 C CE1 . TYR A 1 139 ? 14.351  9.988   -7.956  1.00 28.56 ? 139  TYR A CE1 1 
ATOM   1078 C CE2 . TYR A 1 139 ? 13.507  11.575  -6.363  1.00 29.41 ? 139  TYR A CE2 1 
ATOM   1079 C CZ  . TYR A 1 139 ? 13.696  11.177  -7.667  1.00 29.55 ? 139  TYR A CZ  1 
ATOM   1080 O OH  . TYR A 1 139 ? 13.192  12.005  -8.649  1.00 31.98 ? 139  TYR A OH  1 
ATOM   1081 N N   . ASN A 1 140 ? 12.883  9.611   -2.393  1.00 30.34 ? 140  ASN A N   1 
ATOM   1082 C CA  . ASN A 1 140 ? 11.826  10.548  -2.078  1.00 31.44 ? 140  ASN A CA  1 
ATOM   1083 C C   . ASN A 1 140 ? 12.416  11.810  -1.467  1.00 32.16 ? 140  ASN A C   1 
ATOM   1084 O O   . ASN A 1 140 ? 12.877  11.802  -0.325  1.00 29.13 ? 140  ASN A O   1 
ATOM   1085 C CB  . ASN A 1 140 ? 10.790  9.906   -1.148  1.00 34.09 ? 140  ASN A CB  1 
ATOM   1086 C CG  . ASN A 1 140 ? 9.639   10.840  -0.833  1.00 36.82 ? 140  ASN A CG  1 
ATOM   1087 O OD1 . ASN A 1 140 ? 9.139   11.532  -1.718  1.00 39.60 ? 140  ASN A OD1 1 
ATOM   1088 N ND2 . ASN A 1 140 ? 9.224   10.881  0.426   1.00 38.49 ? 140  ASN A ND2 1 
ATOM   1089 N N   . ALA A 1 141 ? 12.371  12.902  -2.233  1.00 32.85 ? 141  ALA A N   1 
ATOM   1090 C CA  . ALA A 1 141 ? 12.932  14.168  -1.787  1.00 32.74 ? 141  ALA A CA  1 
ATOM   1091 C C   . ALA A 1 141 ? 14.350  13.894  -1.338  1.00 33.97 ? 141  ALA A C   1 
ATOM   1092 O O   . ALA A 1 141 ? 15.137  13.366  -2.108  1.00 34.58 ? 141  ALA A O   1 
ATOM   1093 C CB  . ALA A 1 141 ? 12.106  14.788  -0.668  1.00 32.66 ? 141  ALA A CB  1 
ATOM   1094 N N   . LEU A 1 142 ? 14.690  14.250  -0.106  1.00 35.69 ? 142  LEU A N   1 
ATOM   1095 C CA  . LEU A 1 142 ? 16.013  13.948  0.424   1.00 36.92 ? 142  LEU A CA  1 
ATOM   1096 C C   . LEU A 1 142 ? 15.901  12.891  1.514   1.00 40.20 ? 142  LEU A C   1 
ATOM   1097 O O   . LEU A 1 142 ? 16.761  12.804  2.393   1.00 42.50 ? 142  LEU A O   1 
ATOM   1098 C CB  . LEU A 1 142 ? 16.658  15.207  1.009   1.00 35.10 ? 142  LEU A CB  1 
ATOM   1099 C CG  . LEU A 1 142 ? 16.941  16.339  0.023   1.00 33.99 ? 142  LEU A CG  1 
ATOM   1100 C CD1 . LEU A 1 142 ? 17.333  17.593  0.783   1.00 33.49 ? 142  LEU A CD1 1 
ATOM   1101 C CD2 . LEU A 1 142 ? 18.048  15.861  -0.882  1.00 33.04 ? 142  LEU A CD2 1 
ATOM   1102 N N   . GLU A 1 143 ? 14.835  12.100  1.484   1.00 42.74 ? 143  GLU A N   1 
ATOM   1103 C CA  . GLU A 1 143 ? 14.635  11.092  2.523   1.00 44.49 ? 143  GLU A CA  1 
ATOM   1104 C C   . GLU A 1 143 ? 15.735  10.053  2.423   1.00 44.12 ? 143  GLU A C   1 
ATOM   1105 O O   . GLU A 1 143 ? 16.303  9.815   1.351   1.00 42.71 ? 143  GLU A O   1 
ATOM   1106 C CB  . GLU A 1 143 ? 13.253  10.445  2.415   1.00 47.92 ? 143  GLU A CB  1 
ATOM   1107 C CG  . GLU A 1 143 ? 12.135  11.347  2.922   1.00 51.92 ? 143  GLU A CG  1 
ATOM   1108 C CD  . GLU A 1 143 ? 12.215  11.582  4.421   1.00 54.51 ? 143  GLU A CD  1 
ATOM   1109 O OE1 . GLU A 1 143 ? 12.180  12.764  4.848   1.00 55.53 ? 143  GLU A OE1 1 
ATOM   1110 O OE2 . GLU A 1 143 ? 12.321  10.577  5.165   1.00 55.69 ? 143  GLU A OE2 1 
ATOM   1111 N N   . THR A 1 144 ? 16.052  9.437   3.549   1.00 45.72 ? 144  THR A N   1 
ATOM   1112 C CA  . THR A 1 144 ? 17.309  8.708   3.603   1.00 47.86 ? 144  THR A CA  1 
ATOM   1113 C C   . THR A 1 144 ? 17.323  7.173   3.422   1.00 49.12 ? 144  THR A C   1 
ATOM   1114 O O   . THR A 1 144 ? 17.782  6.655   2.387   1.00 50.91 ? 144  THR A O   1 
ATOM   1115 C CB  . THR A 1 144 ? 18.169  9.237   4.788   1.00 48.82 ? 144  THR A CB  1 
ATOM   1116 O OG1 . THR A 1 144 ? 19.423  8.549   4.831   1.00 49.92 ? 144  THR A OG1 1 
ATOM   1117 C CG2 . THR A 1 144 ? 17.517  8.979   6.145   1.00 47.91 ? 144  THR A CG2 1 
ATOM   1118 N N   . ASN A 1 145 ? 16.850  6.409   4.397   1.00 47.53 ? 145  ASN A N   1 
ATOM   1119 C CA  . ASN A 1 145 ? 17.242  5.001   4.354   1.00 47.06 ? 145  ASN A CA  1 
ATOM   1120 C C   . ASN A 1 145 ? 16.129  4.177   3.703   1.00 45.64 ? 145  ASN A C   1 
ATOM   1121 O O   . ASN A 1 145 ? 15.377  3.510   4.418   1.00 45.40 ? 145  ASN A O   1 
ATOM   1122 C CB  . ASN A 1 145 ? 17.577  4.469   5.758   1.00 48.40 ? 145  ASN A CB  1 
ATOM   1123 C CG  . ASN A 1 145 ? 18.597  5.338   6.520   1.00 50.44 ? 145  ASN A CG  1 
ATOM   1124 O OD1 . ASN A 1 145 ? 19.811  5.277   6.275   1.00 50.80 ? 145  ASN A OD1 1 
ATOM   1125 N ND2 . ASN A 1 145 ? 18.105  6.121   7.478   1.00 50.18 ? 145  ASN A ND2 1 
ATOM   1126 N N   . ILE A 1 146 ? 15.998  4.232   2.375   1.00 43.07 ? 146  ILE A N   1 
ATOM   1127 C CA  . ILE A 1 146 ? 14.783  3.723   1.728   1.00 39.09 ? 146  ILE A CA  1 
ATOM   1128 C C   . ILE A 1 146 ? 14.848  2.304   1.180   1.00 38.37 ? 146  ILE A C   1 
ATOM   1129 O O   . ILE A 1 146 ? 15.579  1.987   0.245   1.00 38.36 ? 146  ILE A O   1 
ATOM   1130 C CB  . ILE A 1 146 ? 14.182  4.702   0.694   1.00 37.71 ? 146  ILE A CB  1 
ATOM   1131 C CG1 . ILE A 1 146 ? 13.536  5.902   1.389   1.00 37.16 ? 146  ILE A CG1 1 
ATOM   1132 C CG2 . ILE A 1 146 ? 13.060  4.047   -0.073  1.00 35.48 ? 146  ILE A CG2 1 
ATOM   1133 C CD1 . ILE A 1 146 ? 13.442  7.081   0.447   1.00 36.18 ? 146  ILE A CD1 1 
ATOM   1134 N N   . ILE A 1 147 ? 14.006  1.464   1.757   1.00 37.68 ? 147  ILE A N   1 
ATOM   1135 C CA  . ILE A 1 147 ? 13.985  0.037   1.474   1.00 38.22 ? 147  ILE A CA  1 
ATOM   1136 C C   . ILE A 1 147 ? 12.749  -0.309  0.649   1.00 36.14 ? 147  ILE A C   1 
ATOM   1137 O O   . ILE A 1 147 ? 11.642  0.110   1.023   1.00 36.67 ? 147  ILE A O   1 
ATOM   1138 C CB  . ILE A 1 147 ? 13.922  -0.686  2.843   1.00 39.63 ? 147  ILE A CB  1 
ATOM   1139 C CG1 . ILE A 1 147 ? 15.284  -0.590  3.538   1.00 42.01 ? 147  ILE A CG1 1 
ATOM   1140 C CG2 . ILE A 1 147 ? 13.522  -2.155  2.702   1.00 38.96 ? 147  ILE A CG2 1 
ATOM   1141 C CD1 . ILE A 1 147 ? 15.209  -0.092  4.983   1.00 42.84 ? 147  ILE A CD1 1 
ATOM   1142 N N   . PRO A 1 148 ? 12.898  -1.095  -0.416  1.00 33.34 ? 148  PRO A N   1 
ATOM   1143 C CA  . PRO A 1 148 ? 11.716  -1.596  -1.130  1.00 32.61 ? 148  PRO A CA  1 
ATOM   1144 C C   . PRO A 1 148 ? 10.856  -2.391  -0.142  1.00 31.90 ? 148  PRO A C   1 
ATOM   1145 O O   . PRO A 1 148 ? 11.429  -3.191  0.613   1.00 30.99 ? 148  PRO A O   1 
ATOM   1146 C CB  . PRO A 1 148 ? 12.301  -2.531  -2.192  1.00 32.72 ? 148  PRO A CB  1 
ATOM   1147 C CG  . PRO A 1 148 ? 13.734  -2.080  -2.364  1.00 34.27 ? 148  PRO A CG  1 
ATOM   1148 C CD  . PRO A 1 148 ? 14.159  -1.591  -0.999  1.00 34.20 ? 148  PRO A CD  1 
ATOM   1149 N N   . SER A 1 149 ? 9.544   -2.137  -0.111  1.00 30.18 ? 149  SER A N   1 
ATOM   1150 C CA  . SER A 1 149 ? 8.596   -2.921  0.695   1.00 27.45 ? 149  SER A CA  1 
ATOM   1151 C C   . SER A 1 149 ? 7.213   -3.025  0.061   1.00 26.20 ? 149  SER A C   1 
ATOM   1152 O O   . SER A 1 149 ? 6.865   -2.218  -0.802  1.00 23.25 ? 149  SER A O   1 
ATOM   1153 C CB  . SER A 1 149 ? 8.476   -2.380  2.126   1.00 28.43 ? 149  SER A CB  1 
ATOM   1154 O OG  . SER A 1 149 ? 8.185   -0.993  2.163   1.00 31.60 ? 149  SER A OG  1 
ATOM   1155 N N   . PHE A 1 150 ? 6.447   -4.051  0.443   1.00 26.45 ? 150  PHE A N   1 
ATOM   1156 C CA  . PHE A 1 150 ? 5.020   -4.152  0.125   1.00 25.06 ? 150  PHE A CA  1 
ATOM   1157 C C   . PHE A 1 150 ? 4.316   -4.823  1.303   1.00 27.26 ? 150  PHE A C   1 
ATOM   1158 O O   . PHE A 1 150 ? 4.981   -5.293  2.242   1.00 25.32 ? 150  PHE A O   1 
ATOM   1159 C CB  . PHE A 1 150 ? 4.722   -4.776  -1.250  1.00 25.85 ? 150  PHE A CB  1 
ATOM   1160 C CG  . PHE A 1 150 ? 5.008   -6.265  -1.355  1.00 28.24 ? 150  PHE A CG  1 
ATOM   1161 C CD1 . PHE A 1 150 ? 4.038   -7.218  -1.021  1.00 28.49 ? 150  PHE A CD1 1 
ATOM   1162 C CD2 . PHE A 1 150 ? 6.232   -6.720  -1.844  1.00 28.22 ? 150  PHE A CD2 1 
ATOM   1163 C CE1 . PHE A 1 150 ? 4.311   -8.599  -1.130  1.00 29.55 ? 150  PHE A CE1 1 
ATOM   1164 C CE2 . PHE A 1 150 ? 6.523   -8.104  -1.937  1.00 28.68 ? 150  PHE A CE2 1 
ATOM   1165 C CZ  . PHE A 1 150 ? 5.567   -9.042  -1.589  1.00 27.61 ? 150  PHE A CZ  1 
ATOM   1166 N N   . VAL A 1 151 ? 2.979   -4.816  1.279   1.00 26.87 ? 151  VAL A N   1 
ATOM   1167 C CA  . VAL A 1 151 ? 2.188   -5.394  2.359   1.00 24.85 ? 151  VAL A CA  1 
ATOM   1168 C C   . VAL A 1 151 ? 1.239   -6.439  1.767   1.00 26.74 ? 151  VAL A C   1 
ATOM   1169 O O   . VAL A 1 151 ? 0.729   -6.300  0.658   1.00 24.44 ? 151  VAL A O   1 
ATOM   1170 C CB  . VAL A 1 151 ? 1.436   -4.320  3.184   1.00 23.86 ? 151  VAL A CB  1 
ATOM   1171 C CG1 . VAL A 1 151 ? 0.263   -4.926  3.943   1.00 22.46 ? 151  VAL A CG1 1 
ATOM   1172 C CG2 . VAL A 1 151 ? 2.379   -3.618  4.196   1.00 21.49 ? 151  VAL A CG2 1 
ATOM   1173 N N   . LEU A 1 152 ? 1.059   -7.533  2.495   1.00 28.57 ? 152  LEU A N   1 
ATOM   1174 C CA  . LEU A 1 152 ? 0.018   -8.498  2.171   1.00 29.12 ? 152  LEU A CA  1 
ATOM   1175 C C   . LEU A 1 152 ? -0.859  -8.551  3.406   1.00 28.83 ? 152  LEU A C   1 
ATOM   1176 O O   . LEU A 1 152 ? -0.325  -8.650  4.514   1.00 29.51 ? 152  LEU A O   1 
ATOM   1177 C CB  . LEU A 1 152 ? 0.665   -9.860  1.951   1.00 31.36 ? 152  LEU A CB  1 
ATOM   1178 C CG  . LEU A 1 152 ? -0.265  -10.936 1.411   1.00 31.14 ? 152  LEU A CG  1 
ATOM   1179 C CD1 . LEU A 1 152 ? -0.687  -10.549 0.001   1.00 31.30 ? 152  LEU A CD1 1 
ATOM   1180 C CD2 . LEU A 1 152 ? 0.477   -12.267 1.437   1.00 32.55 ? 152  LEU A CD2 1 
ATOM   1181 N N   . MET A 1 153 ? -2.175  -8.457  3.239   1.00 26.07 ? 153  MET A N   1 
ATOM   1182 C CA  . MET A 1 153 ? -3.072  -8.634  4.370   1.00 24.78 ? 153  MET A CA  1 
ATOM   1183 C C   . MET A 1 153 ? -3.856  -9.903  4.092   1.00 25.14 ? 153  MET A C   1 
ATOM   1184 O O   . MET A 1 153 ? -4.276  -10.146 2.958   1.00 24.74 ? 153  MET A O   1 
ATOM   1185 C CB  . MET A 1 153 ? -4.075  -7.478  4.545   1.00 24.61 ? 153  MET A CB  1 
ATOM   1186 C CG  . MET A 1 153 ? -3.525  -6.035  4.572   1.00 26.36 ? 153  MET A CG  1 
ATOM   1187 S SD  . MET A 1 153 ? -4.863  -4.764  4.854   1.00 28.83 ? 153  MET A SD  1 
ATOM   1188 C CE  . MET A 1 153 ? -5.465  -4.790  3.256   1.00 26.63 ? 153  MET A CE  1 
ATOM   1189 N N   . ASP A 1 154 ? -4.119  -10.665 5.144   1.00 23.91 ? 154  ASP A N   1 
ATOM   1190 C CA  . ASP A 1 154 ? -5.087  -11.746 5.056   1.00 26.11 ? 154  ASP A CA  1 
ATOM   1191 C C   . ASP A 1 154 ? -6.236  -11.411 5.986   1.00 25.55 ? 154  ASP A C   1 
ATOM   1192 O O   . ASP A 1 154 ? -6.069  -11.366 7.214   1.00 25.87 ? 154  ASP A O   1 
ATOM   1193 C CB  . ASP A 1 154 ? -4.482  -13.109 5.436   1.00 27.90 ? 154  ASP A CB  1 
ATOM   1194 C CG  . ASP A 1 154 ? -5.298  -14.276 4.885   1.00 29.20 ? 154  ASP A CG  1 
ATOM   1195 O OD1 . ASP A 1 154 ? -6.531  -14.308 5.071   1.00 30.41 ? 154  ASP A OD1 1 
ATOM   1196 O OD2 . ASP A 1 154 ? -4.810  -15.231 4.248   1.00 30.82 ? 154  ASP A OD2 1 
ATOM   1197 N N   . ILE A 1 155 ? -7.410  -11.229 5.386   1.00 25.81 ? 155  ILE A N   1 
ATOM   1198 C CA  . ILE A 1 155 ? -8.604  -10.760 6.073   1.00 24.78 ? 155  ILE A CA  1 
ATOM   1199 C C   . ILE A 1 155 ? -9.646  -11.873 6.103   1.00 26.35 ? 155  ILE A C   1 
ATOM   1200 O O   . ILE A 1 155 ? -10.022 -12.463 5.084   1.00 25.78 ? 155  ILE A O   1 
ATOM   1201 C CB  . ILE A 1 155 ? -9.172  -9.521  5.343   1.00 25.09 ? 155  ILE A CB  1 
ATOM   1202 C CG1 . ILE A 1 155 ? -8.211  -8.331  5.471   1.00 26.31 ? 155  ILE A CG1 1 
ATOM   1203 C CG2 . ILE A 1 155 ? -10.511 -9.088  5.959   1.00 25.87 ? 155  ILE A CG2 1 
ATOM   1204 C CD1 . ILE A 1 155 ? -8.654  -7.061  4.725   1.00 24.82 ? 155  ILE A CD1 1 
ATOM   1205 N N   . GLN A 1 156 ? -10.139 -12.155 7.293   1.00 28.46 ? 156  GLN A N   1 
ATOM   1206 C CA  . GLN A 1 156 ? -11.058 -13.272 7.440   1.00 33.74 ? 156  GLN A CA  1 
ATOM   1207 C C   . GLN A 1 156 ? -11.954 -12.950 8.626   1.00 34.98 ? 156  GLN A C   1 
ATOM   1208 O O   . GLN A 1 156 ? -11.504 -12.901 9.758   1.00 36.52 ? 156  GLN A O   1 
ATOM   1209 C CB  . GLN A 1 156 ? -10.279 -14.583 7.636   1.00 33.70 ? 156  GLN A CB  1 
ATOM   1210 C CG  . GLN A 1 156 ? -11.119 -15.857 7.720   1.00 35.87 ? 156  GLN A CG  1 
ATOM   1211 C CD  . GLN A 1 156 ? -10.271 -17.068 8.119   1.00 37.85 ? 156  GLN A CD  1 
ATOM   1212 O OE1 . GLN A 1 156 ? -9.223  -17.317 7.521   1.00 38.80 ? 156  GLN A OE1 1 
ATOM   1213 N NE2 . GLN A 1 156 ? -10.699 -17.795 9.151   1.00 39.49 ? 156  GLN A NE2 1 
ATOM   1214 N N   . ALA A 1 157 ? -13.221 -12.664 8.351   1.00 39.45 ? 157  ALA A N   1 
ATOM   1215 C CA  . ALA A 1 157 ? -14.163 -12.302 9.408   1.00 40.56 ? 157  ALA A CA  1 
ATOM   1216 C C   . ALA A 1 157 ? -13.722 -10.986 10.060  1.00 40.72 ? 157  ALA A C   1 
ATOM   1217 O O   . ALA A 1 157 ? -13.612 -9.966  9.387   1.00 40.80 ? 157  ALA A O   1 
ATOM   1218 C CB  . ALA A 1 157 ? -14.269 -13.435 10.444  1.00 42.12 ? 157  ALA A CB  1 
ATOM   1219 N N   . SER A 1 158 ? -13.477 -10.990 11.364  1.00 41.44 ? 158  SER A N   1 
ATOM   1220 C CA  . SER A 1 158 ? -13.036 -9.776  12.052  1.00 41.32 ? 158  SER A CA  1 
ATOM   1221 C C   . SER A 1 158 ? -11.531 -9.745  12.353  1.00 37.77 ? 158  SER A C   1 
ATOM   1222 O O   . SER A 1 158 ? -11.081 -8.951  13.186  1.00 37.77 ? 158  SER A O   1 
ATOM   1223 C CB  . SER A 1 158 ? -13.867 -9.552  13.324  1.00 43.91 ? 158  SER A CB  1 
ATOM   1224 O OG  . SER A 1 158 ? -15.169 -9.111  12.954  1.00 49.21 ? 158  SER A OG  1 
ATOM   1225 N N   . THR A 1 159 ? -10.771 -10.603 11.672  1.00 35.18 ? 159  THR A N   1 
ATOM   1226 C CA  . THR A 1 159 ? -9.315  -10.620 11.776  1.00 34.14 ? 159  THR A CA  1 
ATOM   1227 C C   . THR A 1 159 ? -8.595  -10.187 10.510  1.00 32.15 ? 159  THR A C   1 
ATOM   1228 O O   . THR A 1 159 ? -8.857  -10.692 9.414   1.00 30.46 ? 159  THR A O   1 
ATOM   1229 C CB  . THR A 1 159 ? -8.790  -12.043 12.093  1.00 35.72 ? 159  THR A CB  1 
ATOM   1230 O OG1 . THR A 1 159 ? -9.353  -12.495 13.330  1.00 36.01 ? 159  THR A OG1 1 
ATOM   1231 C CG2 . THR A 1 159 ? -7.270  -11.988 12.377  1.00 33.37 ? 159  THR A CG2 1 
ATOM   1232 N N   . VAL A 1 160 ? -7.633  -9.293  10.672  1.00 29.65 ? 160  VAL A N   1 
ATOM   1233 C CA  . VAL A 1 160 ? -6.649  -9.147  9.609   1.00 28.54 ? 160  VAL A CA  1 
ATOM   1234 C C   . VAL A 1 160 ? -5.254  -9.382  10.157  1.00 27.01 ? 160  VAL A C   1 
ATOM   1235 O O   . VAL A 1 160 ? -4.919  -8.933  11.254  1.00 30.14 ? 160  VAL A O   1 
ATOM   1236 C CB  . VAL A 1 160 ? -6.732  -7.777  8.908   1.00 28.65 ? 160  VAL A CB  1 
ATOM   1237 C CG1 . VAL A 1 160 ? -6.774  -6.662  9.947   1.00 27.91 ? 160  VAL A CG1 1 
ATOM   1238 C CG2 . VAL A 1 160 ? -5.552  -7.609  7.942   1.00 26.65 ? 160  VAL A CG2 1 
ATOM   1239 N N   . VAL A 1 161 ? -4.450  -10.117 9.407   1.00 26.79 ? 161  VAL A N   1 
ATOM   1240 C CA  . VAL A 1 161 ? -3.046  -10.277 9.756   1.00 25.18 ? 161  VAL A CA  1 
ATOM   1241 C C   . VAL A 1 161 ? -2.338  -9.689  8.570   1.00 24.90 ? 161  VAL A C   1 
ATOM   1242 O O   . VAL A 1 161 ? -2.664  -9.997  7.418   1.00 23.78 ? 161  VAL A O   1 
ATOM   1243 C CB  . VAL A 1 161 ? -2.624  -11.756 9.978   1.00 27.33 ? 161  VAL A CB  1 
ATOM   1244 C CG1 . VAL A 1 161 ? -1.117  -11.823 10.215  1.00 26.39 ? 161  VAL A CG1 1 
ATOM   1245 C CG2 . VAL A 1 161 ? -3.346  -12.336 11.206  1.00 25.13 ? 161  VAL A CG2 1 
ATOM   1246 N N   . THR A 1 162 ? -1.404  -8.799  8.881   1.00 25.84 ? 162  THR A N   1 
ATOM   1247 C CA  . THR A 1 162 ? -0.694  -7.984  7.909   1.00 26.30 ? 162  THR A CA  1 
ATOM   1248 C C   . THR A 1 162 ? 0.755   -8.446  7.869   1.00 28.11 ? 162  THR A C   1 
ATOM   1249 O O   . THR A 1 162 ? 1.381   -8.564  8.912   1.00 28.70 ? 162  THR A O   1 
ATOM   1250 C CB  . THR A 1 162 ? -0.754  -6.537  8.401   1.00 27.36 ? 162  THR A CB  1 
ATOM   1251 O OG1 . THR A 1 162 ? -2.121  -6.097  8.421   1.00 28.06 ? 162  THR A OG1 1 
ATOM   1252 C CG2 . THR A 1 162 ? -0.057  -5.580  7.457   1.00 26.78 ? 162  THR A CG2 1 
ATOM   1253 N N   . TYR A 1 163 ? 1.265   -8.693  6.662   1.00 28.62 ? 163  TYR A N   1 
ATOM   1254 C CA  . TYR A 1 163 ? 2.630   -9.140  6.409   1.00 30.46 ? 163  TYR A CA  1 
ATOM   1255 C C   . TYR A 1 163 ? 3.353   -8.053  5.616   1.00 31.80 ? 163  TYR A C   1 
ATOM   1256 O O   . TYR A 1 163 ? 2.927   -7.687  4.510   1.00 31.31 ? 163  TYR A O   1 
ATOM   1257 C CB  . TYR A 1 163 ? 2.673   -10.478 5.645   1.00 30.61 ? 163  TYR A CB  1 
ATOM   1258 C CG  . TYR A 1 163 ? 1.891   -11.573 6.344   1.00 33.90 ? 163  TYR A CG  1 
ATOM   1259 C CD1 . TYR A 1 163 ? 2.419   -12.248 7.442   1.00 36.38 ? 163  TYR A CD1 1 
ATOM   1260 C CD2 . TYR A 1 163 ? 0.613   -11.893 5.940   1.00 34.04 ? 163  TYR A CD2 1 
ATOM   1261 C CE1 . TYR A 1 163 ? 1.696   -13.235 8.112   1.00 37.32 ? 163  TYR A CE1 1 
ATOM   1262 C CE2 . TYR A 1 163 ? -0.111  -12.886 6.582   1.00 37.86 ? 163  TYR A CE2 1 
ATOM   1263 C CZ  . TYR A 1 163 ? 0.430   -13.551 7.675   1.00 39.21 ? 163  TYR A CZ  1 
ATOM   1264 O OH  . TYR A 1 163 ? -0.322  -14.517 8.319   1.00 40.48 ? 163  TYR A OH  1 
ATOM   1265 N N   . VAL A 1 164 ? 4.421   -7.513  6.195   1.00 31.60 ? 164  VAL A N   1 
ATOM   1266 C CA  . VAL A 1 164 ? 5.256   -6.594  5.422   1.00 32.37 ? 164  VAL A CA  1 
ATOM   1267 C C   . VAL A 1 164 ? 6.512   -7.254  4.870   1.00 34.07 ? 164  VAL A C   1 
ATOM   1268 O O   . VAL A 1 164 ? 7.292   -7.863  5.596   1.00 35.24 ? 164  VAL A O   1 
ATOM   1269 C CB  . VAL A 1 164 ? 5.509   -5.200  6.063   1.00 32.19 ? 164  VAL A CB  1 
ATOM   1270 C CG1 . VAL A 1 164 ? 5.083   -5.080  7.514   1.00 31.18 ? 164  VAL A CG1 1 
ATOM   1271 C CG2 . VAL A 1 164 ? 6.901   -4.691  5.771   1.00 31.50 ? 164  VAL A CG2 1 
ATOM   1272 N N   . TYR A 1 165 ? 6.637   -7.204  3.553   1.00 33.69 ? 165  TYR A N   1 
ATOM   1273 C CA  . TYR A 1 165 ? 7.770   -7.785  2.873   1.00 35.30 ? 165  TYR A CA  1 
ATOM   1274 C C   . TYR A 1 165 ? 8.740   -6.647  2.578   1.00 37.56 ? 165  TYR A C   1 
ATOM   1275 O O   . TYR A 1 165 ? 8.345   -5.624  2.005   1.00 34.35 ? 165  TYR A O   1 
ATOM   1276 C CB  . TYR A 1 165 ? 7.291   -8.424  1.584   1.00 35.35 ? 165  TYR A CB  1 
ATOM   1277 C CG  . TYR A 1 165 ? 6.509   -9.691  1.816   1.00 36.62 ? 165  TYR A CG  1 
ATOM   1278 C CD1 . TYR A 1 165 ? 7.077   -10.940 1.547   1.00 37.37 ? 165  TYR A CD1 1 
ATOM   1279 C CD2 . TYR A 1 165 ? 5.192   -9.650  2.264   1.00 35.90 ? 165  TYR A CD2 1 
ATOM   1280 C CE1 . TYR A 1 165 ? 6.350   -12.122 1.737   1.00 37.03 ? 165  TYR A CE1 1 
ATOM   1281 C CE2 . TYR A 1 165 ? 4.467   -10.822 2.464   1.00 36.95 ? 165  TYR A CE2 1 
ATOM   1282 C CZ  . TYR A 1 165 ? 5.049   -12.050 2.204   1.00 37.24 ? 165  TYR A CZ  1 
ATOM   1283 O OH  . TYR A 1 165 ? 4.343   -13.207 2.426   1.00 37.56 ? 165  TYR A OH  1 
ATOM   1284 N N   . GLN A 1 166 ? 9.987   -6.829  3.014   1.00 40.07 ? 166  GLN A N   1 
ATOM   1285 C CA  . GLN A 1 166 ? 11.056  -5.835  2.903   1.00 42.21 ? 166  GLN A CA  1 
ATOM   1286 C C   . GLN A 1 166 ? 12.264  -6.428  2.207   1.00 43.75 ? 166  GLN A C   1 
ATOM   1287 O O   . GLN A 1 166 ? 12.672  -7.537  2.527   1.00 43.39 ? 166  GLN A O   1 
ATOM   1288 C CB  . GLN A 1 166 ? 11.525  -5.407  4.282   1.00 41.99 ? 166  GLN A CB  1 
ATOM   1289 C CG  . GLN A 1 166 ? 10.508  -4.659  5.087   1.00 44.23 ? 166  GLN A CG  1 
ATOM   1290 C CD  . GLN A 1 166 ? 10.757  -4.840  6.569   1.00 46.85 ? 166  GLN A CD  1 
ATOM   1291 O OE1 . GLN A 1 166 ? 11.428  -4.009  7.175   1.00 47.05 ? 166  GLN A OE1 1 
ATOM   1292 N NE2 . GLN A 1 166 ? 10.227  -5.927  7.156   1.00 48.20 ? 166  GLN A NE2 1 
ATOM   1293 N N   . LEU A 1 167 ? 12.840  -5.701  1.258   1.00 45.15 ? 167  LEU A N   1 
ATOM   1294 C CA  . LEU A 1 167 ? 14.105  -6.150  0.699   1.00 46.44 ? 167  LEU A CA  1 
ATOM   1295 C C   . LEU A 1 167 ? 15.230  -5.467  1.478   1.00 47.63 ? 167  LEU A C   1 
ATOM   1296 O O   . LEU A 1 167 ? 15.481  -4.271  1.311   1.00 45.84 ? 167  LEU A O   1 
ATOM   1297 C CB  . LEU A 1 167 ? 14.172  -5.858  -0.799  1.00 46.67 ? 167  LEU A CB  1 
ATOM   1298 C CG  . LEU A 1 167 ? 14.999  -6.798  -1.681  1.00 47.06 ? 167  LEU A CG  1 
ATOM   1299 C CD1 . LEU A 1 167 ? 15.732  -5.988  -2.724  1.00 47.95 ? 167  LEU A CD1 1 
ATOM   1300 C CD2 . LEU A 1 167 ? 15.984  -7.646  -0.906  1.00 47.62 ? 167  LEU A CD2 1 
ATOM   1301 N N   . ILE A 1 168 ? 15.854  -6.227  2.376   1.00 48.77 ? 168  ILE A N   1 
ATOM   1302 C CA  . ILE A 1 168 ? 16.928  -5.724  3.229   1.00 50.04 ? 168  ILE A CA  1 
ATOM   1303 C C   . ILE A 1 168 ? 18.231  -6.417  2.862   1.00 51.46 ? 168  ILE A C   1 
ATOM   1304 O O   . ILE A 1 168 ? 18.369  -7.643  2.974   1.00 50.55 ? 168  ILE A O   1 
ATOM   1305 C CB  . ILE A 1 168 ? 16.606  -5.916  4.721   1.00 50.55 ? 168  ILE A CB  1 
ATOM   1306 C CG1 . ILE A 1 168 ? 15.583  -4.864  5.176   1.00 50.13 ? 168  ILE A CG1 1 
ATOM   1307 C CG2 . ILE A 1 168 ? 17.892  -5.836  5.578   1.00 50.22 ? 168  ILE A CG2 1 
ATOM   1308 C CD1 . ILE A 1 168 ? 14.782  -5.256  6.392   1.00 50.38 ? 168  ILE A CD1 1 
ATOM   1309 N N   . GLY A 1 169 ? 19.187  -5.617  2.404   1.00 53.11 ? 169  GLY A N   1 
ATOM   1310 C CA  . GLY A 1 169 ? 20.373  -6.181  1.796   1.00 55.01 ? 169  GLY A CA  1 
ATOM   1311 C C   . GLY A 1 169 ? 19.896  -6.895  0.549   1.00 56.17 ? 169  GLY A C   1 
ATOM   1312 O O   . GLY A 1 169 ? 19.382  -6.253  -0.370  1.00 57.38 ? 169  GLY A O   1 
ATOM   1313 N N   . ASP A 1 170 ? 20.031  -8.219  0.527   1.00 56.29 ? 170  ASP A N   1 
ATOM   1314 C CA  . ASP A 1 170 ? 19.640  -8.975  -0.653  1.00 57.43 ? 170  ASP A CA  1 
ATOM   1315 C C   . ASP A 1 170 ? 18.535  -10.009 -0.420  1.00 56.30 ? 170  ASP A C   1 
ATOM   1316 O O   . ASP A 1 170 ? 18.125  -10.728 -1.349  1.00 54.19 ? 170  ASP A O   1 
ATOM   1317 C CB  . ASP A 1 170 ? 20.868  -9.641  -1.268  1.00 60.20 ? 170  ASP A CB  1 
ATOM   1318 C CG  . ASP A 1 170 ? 20.957  -9.397  -2.757  1.00 63.25 ? 170  ASP A CG  1 
ATOM   1319 O OD1 . ASP A 1 170 ? 20.358  -10.178 -3.535  1.00 63.50 ? 170  ASP A OD1 1 
ATOM   1320 O OD2 . ASP A 1 170 ? 21.593  -8.416  -3.205  1.00 65.30 ? 170  ASP A OD2 1 
ATOM   1321 N N   . ASP A 1 171 ? 18.066  -10.066 0.824   1.00 54.65 ? 171  ASP A N   1 
ATOM   1322 C CA  . ASP A 1 171 ? 17.053  -11.013 1.265   1.00 53.70 ? 171  ASP A CA  1 
ATOM   1323 C C   . ASP A 1 171 ? 15.711  -10.328 1.528   1.00 52.20 ? 171  ASP A C   1 
ATOM   1324 O O   . ASP A 1 171 ? 15.664  -9.157  1.916   1.00 51.07 ? 171  ASP A O   1 
ATOM   1325 C CB  . ASP A 1 171 ? 17.502  -11.680 2.570   1.00 55.66 ? 171  ASP A CB  1 
ATOM   1326 C CG  . ASP A 1 171 ? 18.770  -12.489 2.399   1.00 57.31 ? 171  ASP A CG  1 
ATOM   1327 O OD1 . ASP A 1 171 ? 18.767  -13.448 1.594   1.00 57.42 ? 171  ASP A OD1 1 
ATOM   1328 O OD2 . ASP A 1 171 ? 19.822  -12.218 3.016   1.00 58.17 ? 171  ASP A OD2 1 
ATOM   1329 N N   . VAL A 1 172 ? 14.624  -11.078 1.364   1.00 50.33 ? 172  VAL A N   1 
ATOM   1330 C CA  . VAL A 1 172 ? 13.318  -10.598 1.804   1.00 48.33 ? 172  VAL A CA  1 
ATOM   1331 C C   . VAL A 1 172 ? 13.108  -10.919 3.281   1.00 47.47 ? 172  VAL A C   1 
ATOM   1332 O O   . VAL A 1 172 ? 13.268  -12.065 3.696   1.00 46.61 ? 172  VAL A O   1 
ATOM   1333 C CB  . VAL A 1 172 ? 12.188  -11.211 0.966   1.00 47.88 ? 172  VAL A CB  1 
ATOM   1334 C CG1 . VAL A 1 172 ? 10.841  -10.588 1.329   1.00 46.48 ? 172  VAL A CG1 1 
ATOM   1335 C CG2 . VAL A 1 172 ? 12.501  -11.059 -0.514  1.00 46.94 ? 172  VAL A CG2 1 
ATOM   1336 N N   . LYS A 1 173 ? 12.786  -9.906  4.078   1.00 46.09 ? 173  LYS A N   1 
ATOM   1337 C CA  . LYS A 1 173 ? 12.349  -10.155 5.446   1.00 46.79 ? 173  LYS A CA  1 
ATOM   1338 C C   . LYS A 1 173 ? 10.862  -9.860  5.543   1.00 45.75 ? 173  LYS A C   1 
ATOM   1339 O O   . LYS A 1 173 ? 10.348  -8.997  4.817   1.00 43.08 ? 173  LYS A O   1 
ATOM   1340 C CB  . LYS A 1 173 ? 13.117  -9.307  6.456   1.00 49.01 ? 173  LYS A CB  1 
ATOM   1341 C CG  . LYS A 1 173 ? 14.469  -9.908  6.810   1.00 53.95 ? 173  LYS A CG  1 
ATOM   1342 C CD  . LYS A 1 173 ? 15.211  -9.060  7.838   1.00 57.12 ? 173  LYS A CD  1 
ATOM   1343 C CE  . LYS A 1 173 ? 16.694  -9.391  7.808   1.00 60.07 ? 173  LYS A CE  1 
ATOM   1344 N NZ  . LYS A 1 173 ? 17.432  -8.662  8.879   1.00 61.72 ? 173  LYS A NZ  1 
ATOM   1345 N N   . VAL A 1 174 ? 10.186  -10.609 6.407   1.00 43.67 ? 174  VAL A N   1 
ATOM   1346 C CA  . VAL A 1 174 ? 8.752   -10.461 6.598   1.00 43.60 ? 174  VAL A CA  1 
ATOM   1347 C C   . VAL A 1 174 ? 8.495   -10.142 8.062   1.00 44.63 ? 174  VAL A C   1 
ATOM   1348 O O   . VAL A 1 174 ? 9.082   -10.783 8.940   1.00 45.72 ? 174  VAL A O   1 
ATOM   1349 C CB  . VAL A 1 174 ? 8.000   -11.759 6.255   1.00 43.31 ? 174  VAL A CB  1 
ATOM   1350 C CG1 . VAL A 1 174 ? 6.502   -11.535 6.380   1.00 43.83 ? 174  VAL A CG1 1 
ATOM   1351 C CG2 . VAL A 1 174 ? 8.355   -12.248 4.872   1.00 41.32 ? 174  VAL A CG2 1 
ATOM   1352 N N   . GLU A 1 175 ? 7.656   -9.150  8.335   1.00 43.17 ? 175  GLU A N   1 
ATOM   1353 C CA  . GLU A 1 175 ? 7.166   -8.954  9.691   1.00 44.27 ? 175  GLU A CA  1 
ATOM   1354 C C   . GLU A 1 175 ? 5.650   -9.167  9.656   1.00 42.99 ? 175  GLU A C   1 
ATOM   1355 O O   . GLU A 1 175 ? 5.017   -9.077  8.598   1.00 41.79 ? 175  GLU A O   1 
ATOM   1356 C CB  . GLU A 1 175 ? 7.492   -7.545  10.196  1.00 47.71 ? 175  GLU A CB  1 
ATOM   1357 C CG  . GLU A 1 175 ? 8.699   -7.404  11.117  1.00 52.19 ? 175  GLU A CG  1 
ATOM   1358 C CD  . GLU A 1 175 ? 9.086   -5.945  11.332  1.00 55.09 ? 175  GLU A CD  1 
ATOM   1359 O OE1 . GLU A 1 175 ? 8.267   -5.151  11.866  1.00 56.50 ? 175  GLU A OE1 1 
ATOM   1360 O OE2 . GLU A 1 175 ? 10.225  -5.577  10.967  1.00 57.09 ? 175  GLU A OE2 1 
ATOM   1361 N N   . ARG A 1 176 ? 5.061   -9.445  10.812  1.00 40.75 ? 176  ARG A N   1 
ATOM   1362 C CA  . ARG A 1 176 ? 3.644   -9.764  10.870  1.00 38.27 ? 176  ARG A CA  1 
ATOM   1363 C C   . ARG A 1 176 ? 3.024   -8.950  11.988  1.00 37.28 ? 176  ARG A C   1 
ATOM   1364 O O   . ARG A 1 176 ? 3.579   -8.849  13.077  1.00 35.76 ? 176  ARG A O   1 
ATOM   1365 C CB  . ARG A 1 176 ? 3.469   -11.266 11.105  1.00 38.02 ? 176  ARG A CB  1 
ATOM   1366 C CG  . ARG A 1 176 ? 2.286   -11.652 11.968  1.00 37.80 ? 176  ARG A CG  1 
ATOM   1367 C CD  . ARG A 1 176 ? 2.227   -13.157 12.311  1.00 36.91 ? 176  ARG A CD  1 
ATOM   1368 N NE  . ARG A 1 176 ? 0.842   -13.564 12.516  1.00 34.04 ? 176  ARG A NE  1 
ATOM   1369 C CZ  . ARG A 1 176 ? 0.142   -13.147 13.551  1.00 32.84 ? 176  ARG A CZ  1 
ATOM   1370 N NH1 . ARG A 1 176 ? 0.734   -12.366 14.433  1.00 33.47 ? 176  ARG A NH1 1 
ATOM   1371 N NH2 . ARG A 1 176 ? -1.120  -13.508 13.727  1.00 32.22 ? 176  ARG A NH2 1 
ATOM   1372 N N   . ILE A 1 177 ? 1.881   -8.336  11.714  1.00 35.98 ? 177  ILE A N   1 
ATOM   1373 C CA  . ILE A 1 177 ? 1.188   -7.546  12.727  1.00 35.58 ? 177  ILE A CA  1 
ATOM   1374 C C   . ILE A 1 177 ? -0.247  -8.060  12.755  1.00 35.01 ? 177  ILE A C   1 
ATOM   1375 O O   . ILE A 1 177 ? -0.864  -8.245  11.708  1.00 32.35 ? 177  ILE A O   1 
ATOM   1376 C CB  . ILE A 1 177 ? 1.153   -6.048  12.323  1.00 36.40 ? 177  ILE A CB  1 
ATOM   1377 C CG1 . ILE A 1 177 ? 2.291   -5.684  11.364  1.00 38.09 ? 177  ILE A CG1 1 
ATOM   1378 C CG2 . ILE A 1 177 ? 1.056   -5.124  13.507  1.00 37.48 ? 177  ILE A CG2 1 
ATOM   1379 C CD1 . ILE A 1 177 ? 3.642   -5.565  11.952  1.00 38.08 ? 177  ILE A CD1 1 
ATOM   1380 N N   . GLU A 1 178 ? -0.821  -8.253  13.933  1.00 34.65 ? 178  GLU A N   1 
ATOM   1381 C CA  . GLU A 1 178 ? -2.195  -8.719  13.927  1.00 36.24 ? 178  GLU A CA  1 
ATOM   1382 C C   . GLU A 1 178 ? -3.086  -7.597  14.441  1.00 33.62 ? 178  GLU A C   1 
ATOM   1383 O O   . GLU A 1 178 ? -2.669  -6.786  15.254  1.00 31.28 ? 178  GLU A O   1 
ATOM   1384 C CB  . GLU A 1 178 ? -2.331  -10.005 14.741  1.00 39.61 ? 178  GLU A CB  1 
ATOM   1385 C CG  . GLU A 1 178 ? -3.746  -10.405 15.136  1.00 43.56 ? 178  GLU A CG  1 
ATOM   1386 C CD  . GLU A 1 178 ? -3.829  -11.872 15.558  1.00 46.21 ? 178  GLU A CD  1 
ATOM   1387 O OE1 . GLU A 1 178 ? -2.782  -12.501 15.853  1.00 46.06 ? 178  GLU A OE1 1 
ATOM   1388 O OE2 . GLU A 1 178 ? -4.955  -12.412 15.582  1.00 47.48 ? 178  GLU A OE2 1 
ATOM   1389 N N   . TYR A 1 179 ? -4.305  -7.526  13.927  1.00 30.78 ? 179  TYR A N   1 
ATOM   1390 C CA  . TYR A 1 179 ? -5.229  -6.516  14.406  1.00 31.34 ? 179  TYR A CA  1 
ATOM   1391 C C   . TYR A 1 179 ? -6.586  -7.182  14.435  1.00 32.59 ? 179  TYR A C   1 
ATOM   1392 O O   . TYR A 1 179 ? -6.934  -7.904  13.501  1.00 30.79 ? 179  TYR A O   1 
ATOM   1393 C CB  . TYR A 1 179 ? -5.260  -5.330  13.436  1.00 28.97 ? 179  TYR A CB  1 
ATOM   1394 C CG  . TYR A 1 179 ? -6.410  -4.373  13.689  1.00 29.55 ? 179  TYR A CG  1 
ATOM   1395 C CD1 . TYR A 1 179 ? -6.348  -3.438  14.721  1.00 28.95 ? 179  TYR A CD1 1 
ATOM   1396 C CD2 . TYR A 1 179 ? -7.533  -4.371  12.870  1.00 29.22 ? 179  TYR A CD2 1 
ATOM   1397 C CE1 . TYR A 1 179 ? -7.377  -2.550  14.953  1.00 30.79 ? 179  TYR A CE1 1 
ATOM   1398 C CE2 . TYR A 1 179 ? -8.585  -3.495  13.105  1.00 30.83 ? 179  TYR A CE2 1 
ATOM   1399 C CZ  . TYR A 1 179 ? -8.502  -2.590  14.149  1.00 31.26 ? 179  TYR A CZ  1 
ATOM   1400 O OH  . TYR A 1 179 ? -9.516  -1.694  14.374  1.00 30.76 ? 179  TYR A OH  1 
ATOM   1401 N N   . LYS A 1 180 ? -7.367  -6.925  15.476  1.00 36.01 ? 180  LYS A N   1 
ATOM   1402 C CA  . LYS A 1 180 ? -8.723  -7.468  15.501  1.00 40.30 ? 180  LYS A CA  1 
ATOM   1403 C C   . LYS A 1 180 ? -9.750  -6.334  15.537  1.00 41.38 ? 180  LYS A C   1 
ATOM   1404 O O   . LYS A 1 180 ? -9.605  -5.384  16.299  1.00 40.37 ? 180  LYS A O   1 
ATOM   1405 C CB  . LYS A 1 180 ? -8.900  -8.438  16.680  1.00 41.71 ? 180  LYS A CB  1 
ATOM   1406 C CG  . LYS A 1 180 ? -9.273  -9.869  16.291  1.00 44.60 ? 180  LYS A CG  1 
ATOM   1407 C CD  . LYS A 1 180 ? -8.797  -10.905 17.317  1.00 46.43 ? 180  LYS A CD  1 
ATOM   1408 C CE  . LYS A 1 180 ? -8.801  -12.334 16.771  1.00 47.53 ? 180  LYS A CE  1 
ATOM   1409 N NZ  . LYS A 1 180 ? -7.440  -12.947 16.602  1.00 46.95 ? 180  LYS A NZ  1 
ATOM   1410 N N   . LYS A 1 181 ? -10.779 -6.421  14.704  1.00 45.54 ? 181  LYS A N   1 
ATOM   1411 C CA  . LYS A 1 181 ? -11.793 -5.373  14.667  1.00 49.91 ? 181  LYS A CA  1 
ATOM   1412 C C   . LYS A 1 181 ? -12.573 -5.417  15.978  1.00 53.66 ? 181  LYS A C   1 
ATOM   1413 O O   . LYS A 1 181 ? -13.306 -6.380  16.218  1.00 55.59 ? 181  LYS A O   1 
ATOM   1414 C CB  . LYS A 1 181 ? -12.721 -5.602  13.482  1.00 50.05 ? 181  LYS A CB  1 
ATOM   1415 C CG  . LYS A 1 181 ? -13.634 -4.448  13.149  1.00 49.70 ? 181  LYS A CG  1 
ATOM   1416 C CD  . LYS A 1 181 ? -14.195 -4.679  11.771  1.00 50.45 ? 181  LYS A CD  1 
ATOM   1417 C CE  . LYS A 1 181 ? -15.704 -4.803  11.817  1.00 50.53 ? 181  LYS A CE  1 
ATOM   1418 N NZ  . LYS A 1 181 ? -16.294 -3.526  11.363  1.00 50.86 ? 181  LYS A NZ  1 
ATOM   1419 N N   . PRO A 1 182 ? -12.458 -4.378  16.805  1.00 55.22 ? 182  PRO A N   1 
ATOM   1420 C CA  . PRO A 1 182 ? -12.725 -4.515  18.242  1.00 56.64 ? 182  PRO A CA  1 
ATOM   1421 C C   . PRO A 1 182 ? -14.202 -4.688  18.597  1.00 56.54 ? 182  PRO A C   1 
ATOM   1422 O O   . PRO A 1 182 ? -14.521 -4.856  19.769  1.00 57.52 ? 182  PRO A O   1 
ATOM   1423 C CB  . PRO A 1 182 ? -12.175 -3.211  18.836  1.00 56.54 ? 182  PRO A CB  1 
ATOM   1424 C CG  . PRO A 1 182 ? -12.298 -2.229  17.732  1.00 56.50 ? 182  PRO A CG  1 
ATOM   1425 C CD  . PRO A 1 182 ? -12.150 -2.987  16.428  1.00 55.81 ? 182  PRO A CD  1 
ATOM   1426 O OXT . PRO A 1 182 ? -15.104 -4.686  17.761  1.00 56.08 ? 182  PRO A OXT 1 
HETATM 1427 O O   . HOH B 2 .   ? 7.483   7.411   -12.985 1.00 36.77 ? 2001 HOH A O   1 
HETATM 1428 O O   . HOH B 2 .   ? 8.524   9.216   -16.588 1.00 51.71 ? 2002 HOH A O   1 
HETATM 1429 O O   . HOH B 2 .   ? 7.347   -4.379  -12.454 1.00 49.16 ? 2003 HOH A O   1 
HETATM 1430 O O   . HOH B 2 .   ? 2.859   3.684   -0.979  1.00 21.21 ? 2004 HOH A O   1 
HETATM 1431 O O   . HOH B 2 .   ? 0.547   4.864   7.985   1.00 35.42 ? 2005 HOH A O   1 
HETATM 1432 O O   . HOH B 2 .   ? 4.437   2.478   -14.290 1.00 36.99 ? 2006 HOH A O   1 
HETATM 1433 O O   . HOH B 2 .   ? -7.919  -12.141 -10.317 1.00 48.38 ? 2007 HOH A O   1 
HETATM 1434 O O   . HOH B 2 .   ? -14.259 -5.804  -4.652  1.00 47.73 ? 2008 HOH A O   1 
HETATM 1435 O O   . HOH B 2 .   ? -3.772  13.125  -6.410  1.00 48.17 ? 2009 HOH A O   1 
HETATM 1436 O O   . HOH B 2 .   ? 1.252   -13.042 18.732  1.00 35.02 ? 2010 HOH A O   1 
HETATM 1437 O O   . HOH B 2 .   ? -4.593  10.079  -3.243  1.00 24.78 ? 2011 HOH A O   1 
HETATM 1438 O O   . HOH B 2 .   ? -14.141 7.033   -5.078  1.00 53.86 ? 2012 HOH A O   1 
HETATM 1439 O O   . HOH B 2 .   ? -15.456 4.802   -2.146  1.00 40.73 ? 2013 HOH A O   1 
HETATM 1440 O O   . HOH B 2 .   ? -15.723 -2.492  -1.965  1.00 36.28 ? 2014 HOH A O   1 
HETATM 1441 O O   . HOH B 2 .   ? -18.900 -1.173  4.381   1.00 42.36 ? 2015 HOH A O   1 
HETATM 1442 O O   . HOH B 2 .   ? -3.474  16.240  -4.761  1.00 40.98 ? 2016 HOH A O   1 
HETATM 1443 O O   . HOH B 2 .   ? -9.354  7.757   15.220  1.00 35.53 ? 2017 HOH A O   1 
HETATM 1444 O O   . HOH B 2 .   ? -9.618  15.136  7.268   0.50 48.91 ? 2018 HOH A O   1 
HETATM 1445 O O   . HOH B 2 .   ? -12.387 -0.669  13.773  1.00 39.29 ? 2019 HOH A O   1 
HETATM 1446 O O   . HOH B 2 .   ? -2.043  5.050   6.879   1.00 26.01 ? 2020 HOH A O   1 
HETATM 1447 O O   . HOH B 2 .   ? 1.121   8.173   4.741   1.00 28.16 ? 2021 HOH A O   1 
HETATM 1448 O O   . HOH B 2 .   ? 4.783   11.841  -3.001  1.00 40.24 ? 2022 HOH A O   1 
HETATM 1449 O O   . HOH B 2 .   ? 6.046   6.510   6.979   1.00 47.55 ? 2023 HOH A O   1 
HETATM 1450 O O   . HOH B 2 .   ? 11.695  2.587   3.554   1.00 33.68 ? 2024 HOH A O   1 
HETATM 1451 O O   . HOH B 2 .   ? 5.823   9.757   -3.634  1.00 33.00 ? 2025 HOH A O   1 
HETATM 1452 O O   . HOH B 2 .   ? 9.870   2.069   0.635   1.00 34.36 ? 2026 HOH A O   1 
HETATM 1453 O O   . HOH B 2 .   ? 10.346  1.401   7.714   1.00 71.76 ? 2027 HOH A O   1 
HETATM 1454 O O   . HOH B 2 .   ? 2.672   -2.578  15.009  1.00 33.45 ? 2028 HOH A O   1 
HETATM 1455 O O   . HOH B 2 .   ? 4.844   0.774   12.040  1.00 37.00 ? 2029 HOH A O   1 
HETATM 1456 O O   . HOH B 2 .   ? -8.585  -2.810  18.271  1.00 43.91 ? 2030 HOH A O   1 
HETATM 1457 O O   . HOH B 2 .   ? -2.701  -4.127  16.631  1.00 35.03 ? 2031 HOH A O   1 
HETATM 1458 O O   . HOH B 2 .   ? -7.064  6.388   15.326  1.00 34.12 ? 2032 HOH A O   1 
HETATM 1459 O O   . HOH B 2 .   ? -5.157  1.589   20.098  1.00 26.15 ? 2033 HOH A O   1 
HETATM 1460 O O   . HOH B 2 .   ? -10.320 -2.384  20.528  1.00 60.40 ? 2034 HOH A O   1 
HETATM 1461 O O   . HOH B 2 .   ? -12.390 0.419   16.764  1.00 53.01 ? 2035 HOH A O   1 
HETATM 1462 O O   . HOH B 2 .   ? 2.177   6.921   6.809   1.00 30.72 ? 2036 HOH A O   1 
HETATM 1463 O O   . HOH B 2 .   ? 4.982   5.026   1.032   1.00 25.33 ? 2037 HOH A O   1 
HETATM 1464 O O   . HOH B 2 .   ? 16.733  11.440  -2.577  1.00 38.71 ? 2038 HOH A O   1 
HETATM 1465 O O   . HOH B 2 .   ? 17.754  5.435   0.355   1.00 41.42 ? 2039 HOH A O   1 
HETATM 1466 O O   . HOH B 2 .   ? 4.695   -0.673  -1.845  1.00 23.55 ? 2040 HOH A O   1 
HETATM 1467 O O   . HOH B 2 .   ? 9.534   0.451   3.698   1.00 42.27 ? 2041 HOH A O   1 
HETATM 1468 O O   . HOH B 2 .   ? -2.179  -15.876 4.697   1.00 29.91 ? 2042 HOH A O   1 
HETATM 1469 O O   . HOH B 2 .   ? -7.286  -16.821 6.072   1.00 28.49 ? 2043 HOH A O   1 
HETATM 1470 O O   . HOH B 2 .   ? -14.013 -10.205 7.077   1.00 49.47 ? 2044 HOH A O   1 
HETATM 1471 O O   . HOH B 2 .   ? -3.040  -6.629  10.971  1.00 34.45 ? 2045 HOH A O   1 
HETATM 1472 O O   . HOH B 2 .   ? -0.131  -15.128 10.590  1.00 40.95 ? 2046 HOH A O   1 
HETATM 1473 O O   . HOH B 2 .   ? -0.913  -11.894 17.101  1.00 47.50 ? 2047 HOH A O   1 
HETATM 1474 O O   . HOH B 2 .   ? 0.857   -8.191  16.145  1.00 40.71 ? 2048 HOH A O   1 
# 
